data_7YH8
# 
_entry.id   7YH8 
# 
_audit_conform.dict_name       mmcif_pdbx.dic 
_audit_conform.dict_version    5.398 
_audit_conform.dict_location   http://mmcif.pdb.org/dictionaries/ascii/mmcif_pdbx.dic 
# 
loop_
_database_2.database_id 
_database_2.database_code 
_database_2.pdbx_database_accession 
_database_2.pdbx_DOI 
PDB   7YH8         pdb_00007yh8 10.2210/pdb7yh8/pdb 
WWPDB D_1300030773 ?            ?                   
# 
loop_
_pdbx_audit_revision_history.ordinal 
_pdbx_audit_revision_history.data_content_type 
_pdbx_audit_revision_history.major_revision 
_pdbx_audit_revision_history.minor_revision 
_pdbx_audit_revision_history.revision_date 
1 'Structure model' 1 0 2023-07-19 
2 'Structure model' 1 1 2024-09-25 
3 'Structure model' 1 2 2024-11-13 
# 
_pdbx_audit_revision_details.ordinal             1 
_pdbx_audit_revision_details.revision_ordinal    1 
_pdbx_audit_revision_details.data_content_type   'Structure model' 
_pdbx_audit_revision_details.provider            repository 
_pdbx_audit_revision_details.type                'Initial release' 
_pdbx_audit_revision_details.description         ? 
_pdbx_audit_revision_details.details             ? 
# 
loop_
_pdbx_audit_revision_group.ordinal 
_pdbx_audit_revision_group.revision_ordinal 
_pdbx_audit_revision_group.data_content_type 
_pdbx_audit_revision_group.group 
1 2 'Structure model' 'Data collection'     
2 2 'Structure model' 'Database references' 
3 3 'Structure model' 'Structure summary'   
# 
loop_
_pdbx_audit_revision_category.ordinal 
_pdbx_audit_revision_category.revision_ordinal 
_pdbx_audit_revision_category.data_content_type 
_pdbx_audit_revision_category.category 
1 2 'Structure model' chem_comp_atom     
2 2 'Structure model' chem_comp_bond     
3 2 'Structure model' citation           
4 2 'Structure model' citation_author    
5 3 'Structure model' pdbx_entry_details 
# 
loop_
_pdbx_audit_revision_item.ordinal 
_pdbx_audit_revision_item.revision_ordinal 
_pdbx_audit_revision_item.data_content_type 
_pdbx_audit_revision_item.item 
1 2 'Structure model' '_citation.country'                            
2 2 'Structure model' '_citation.journal_abbrev'                     
3 2 'Structure model' '_citation.journal_id_CSD'                     
4 2 'Structure model' '_citation.journal_id_ISSN'                    
5 2 'Structure model' '_citation.pdbx_database_id_DOI'               
6 2 'Structure model' '_citation.title'                              
7 2 'Structure model' '_citation.year'                               
8 3 'Structure model' '_pdbx_entry_details.has_protein_modification' 
# 
_pdbx_database_status.status_code                     REL 
_pdbx_database_status.status_code_sf                  REL 
_pdbx_database_status.status_code_mr                  ? 
_pdbx_database_status.entry_id                        7YH8 
_pdbx_database_status.recvd_initial_deposition_date   2022-07-13 
_pdbx_database_status.SG_entry                        N 
_pdbx_database_status.deposit_site                    PDBJ 
_pdbx_database_status.process_site                    PDBJ 
_pdbx_database_status.status_code_cs                  ? 
_pdbx_database_status.status_code_nmr_data            ? 
_pdbx_database_status.methods_development_category    ? 
_pdbx_database_status.pdb_format_compatible           Y 
# 
_pdbx_contact_author.id                 2 
_pdbx_contact_author.email              lupeilong@westlake.edu.cn 
_pdbx_contact_author.name_first         Peilong 
_pdbx_contact_author.name_last          Lu 
_pdbx_contact_author.name_mi            ? 
_pdbx_contact_author.role               'principal investigator/group leader' 
_pdbx_contact_author.identifier_ORCID   0000-0001-5894-9268 
# 
loop_
_audit_author.name 
_audit_author.pdbx_ordinal 
_audit_author.identifier_ORCID 
'Liang, M.' 1 ? 
'Li, S.'    2 ? 
'Wang, T.'  3 ? 
'Liu, L.'   4 ? 
'Lu, P.'    5 ? 
# 
_citation.abstract                  ? 
_citation.abstract_id_CAS           ? 
_citation.book_id_ISBN              ? 
_citation.book_publisher            ? 
_citation.book_publisher_city       ? 
_citation.book_title                ? 
_citation.coordinate_linkage        ? 
_citation.country                   CN 
_citation.database_id_Medline       ? 
_citation.details                   ? 
_citation.id                        primary 
_citation.journal_abbrev            'Cell Res.' 
_citation.journal_id_ASTM           ? 
_citation.journal_id_CSD            ? 
_citation.journal_id_ISSN           1001-0602 
_citation.journal_full              ? 
_citation.journal_issue             ? 
_citation.journal_volume            ? 
_citation.language                  ? 
_citation.page_first                ? 
_citation.page_last                 ? 
_citation.title                     'Accurate de novo design of heterochiral protein-protein interactions' 
_citation.year                      2024 
_citation.database_id_CSD           ? 
_citation.pdbx_database_id_DOI      10.1038/s41422-024-01014-2 
_citation.pdbx_database_id_PubMed   ? 
_citation.pdbx_database_id_patent   ? 
_citation.unpublished_flag          ? 
# 
loop_
_citation_author.citation_id 
_citation_author.name 
_citation_author.ordinal 
_citation_author.identifier_ORCID 
primary 'Sun, K.'      1  ? 
primary 'Li, S.'       2  ? 
primary 'Zheng, B.'    3  ? 
primary 'Zhu, Y.'      4  ? 
primary 'Wang, T.'     5  ? 
primary 'Liang, M.'    6  ? 
primary 'Yao, Y.'      7  ? 
primary 'Zhang, K.'    8  ? 
primary 'Zhang, J.'    9  ? 
primary 'Li, H.'       10 ? 
primary 'Han, D.'      11 ? 
primary 'Zheng, J.'    12 ? 
primary 'Coventry, B.' 13 ? 
primary 'Cao, L.'      14 ? 
primary 'Baker, D.'    15 ? 
primary 'Liu, L.'      16 ? 
primary 'Lu, P.'       17 ? 
# 
loop_
_entity.id 
_entity.type 
_entity.src_method 
_entity.pdbx_description 
_entity.formula_weight 
_entity.pdbx_number_of_molecules 
_entity.pdbx_ec 
_entity.pdbx_mutation 
_entity.pdbx_fragment 
_entity.details 
1 polymer man L-19437 7303.665 2  ? ? ? ?              
2 polymer syn D-Pep-1 2380.633 2  ? ? ? 'D amino acid' 
3 water   nat water   18.015   80 ? ? ? ?              
# 
loop_
_entity_poly.entity_id 
_entity_poly.type 
_entity_poly.nstd_linkage 
_entity_poly.nstd_monomer 
_entity_poly.pdbx_seq_one_letter_code 
_entity_poly.pdbx_seq_one_letter_code_can 
_entity_poly.pdbx_strand_id 
_entity_poly.pdbx_target_identifier 
1 'polypeptide(L)' no no  LPVEKIIREAKKILDELLKRGLIDPELARIAREVLERARKLGNEEAARFVLELIERLRRELS                                     
LPVEKIIREAKKILDELLKRGLIDPELARIAREVLERARKLGNEEAARFVLELIERLRRELS A,C ? 
2 'polypeptide(D)' no yes 
;(DAS)(DGL)(DHI)(DGL)(DLE)(DLE)(DGL)(DTH)(DAL)(DAL)(DAR)(DTR)(DPN)(DTY)(DGL)(DIL)
(DAL)(DLY)(DAR)
;
DEHELLETAARWFYEIAKR                                            B,D ? 
# 
_pdbx_entity_nonpoly.entity_id   3 
_pdbx_entity_nonpoly.name        water 
_pdbx_entity_nonpoly.comp_id     HOH 
# 
loop_
_entity_poly_seq.entity_id 
_entity_poly_seq.num 
_entity_poly_seq.mon_id 
_entity_poly_seq.hetero 
1 1  LEU n 
1 2  PRO n 
1 3  VAL n 
1 4  GLU n 
1 5  LYS n 
1 6  ILE n 
1 7  ILE n 
1 8  ARG n 
1 9  GLU n 
1 10 ALA n 
1 11 LYS n 
1 12 LYS n 
1 13 ILE n 
1 14 LEU n 
1 15 ASP n 
1 16 GLU n 
1 17 LEU n 
1 18 LEU n 
1 19 LYS n 
1 20 ARG n 
1 21 GLY n 
1 22 LEU n 
1 23 ILE n 
1 24 ASP n 
1 25 PRO n 
1 26 GLU n 
1 27 LEU n 
1 28 ALA n 
1 29 ARG n 
1 30 ILE n 
1 31 ALA n 
1 32 ARG n 
1 33 GLU n 
1 34 VAL n 
1 35 LEU n 
1 36 GLU n 
1 37 ARG n 
1 38 ALA n 
1 39 ARG n 
1 40 LYS n 
1 41 LEU n 
1 42 GLY n 
1 43 ASN n 
1 44 GLU n 
1 45 GLU n 
1 46 ALA n 
1 47 ALA n 
1 48 ARG n 
1 49 PHE n 
1 50 VAL n 
1 51 LEU n 
1 52 GLU n 
1 53 LEU n 
1 54 ILE n 
1 55 GLU n 
1 56 ARG n 
1 57 LEU n 
1 58 ARG n 
1 59 ARG n 
1 60 GLU n 
1 61 LEU n 
1 62 SER n 
2 1  DAS n 
2 2  DGL n 
2 3  DHI n 
2 4  DGL n 
2 5  DLE n 
2 6  DLE n 
2 7  DGL n 
2 8  DTH n 
2 9  DAL n 
2 10 DAL n 
2 11 DAR n 
2 12 DTR n 
2 13 DPN n 
2 14 DTY n 
2 15 DGL n 
2 16 DIL n 
2 17 DAL n 
2 18 DLY n 
2 19 DAR n 
# 
_entity_src_gen.entity_id                          1 
_entity_src_gen.pdbx_src_id                        1 
_entity_src_gen.pdbx_alt_source_flag               sample 
_entity_src_gen.pdbx_seq_type                      'Biological sequence' 
_entity_src_gen.pdbx_beg_seq_num                   1 
_entity_src_gen.pdbx_end_seq_num                   62 
_entity_src_gen.gene_src_common_name               ? 
_entity_src_gen.gene_src_genus                     ? 
_entity_src_gen.pdbx_gene_src_gene                 ? 
_entity_src_gen.gene_src_species                   ? 
_entity_src_gen.gene_src_strain                    ? 
_entity_src_gen.gene_src_tissue                    ? 
_entity_src_gen.gene_src_tissue_fraction           ? 
_entity_src_gen.gene_src_details                   ? 
_entity_src_gen.pdbx_gene_src_fragment             ? 
_entity_src_gen.pdbx_gene_src_scientific_name      'synthetic construct' 
_entity_src_gen.pdbx_gene_src_ncbi_taxonomy_id     32630 
_entity_src_gen.pdbx_gene_src_variant              ? 
_entity_src_gen.pdbx_gene_src_cell_line            ? 
_entity_src_gen.pdbx_gene_src_atcc                 ? 
_entity_src_gen.pdbx_gene_src_organ                ? 
_entity_src_gen.pdbx_gene_src_organelle            ? 
_entity_src_gen.pdbx_gene_src_cell                 ? 
_entity_src_gen.pdbx_gene_src_cellular_location    ? 
_entity_src_gen.host_org_common_name               ? 
_entity_src_gen.pdbx_host_org_scientific_name      'Escherichia coli' 
_entity_src_gen.pdbx_host_org_ncbi_taxonomy_id     562 
_entity_src_gen.host_org_genus                     ? 
_entity_src_gen.pdbx_host_org_gene                 ? 
_entity_src_gen.pdbx_host_org_organ                ? 
_entity_src_gen.host_org_species                   ? 
_entity_src_gen.pdbx_host_org_tissue               ? 
_entity_src_gen.pdbx_host_org_tissue_fraction      ? 
_entity_src_gen.pdbx_host_org_strain               ? 
_entity_src_gen.pdbx_host_org_variant              ? 
_entity_src_gen.pdbx_host_org_cell_line            ? 
_entity_src_gen.pdbx_host_org_atcc                 ? 
_entity_src_gen.pdbx_host_org_culture_collection   ? 
_entity_src_gen.pdbx_host_org_cell                 ? 
_entity_src_gen.pdbx_host_org_organelle            ? 
_entity_src_gen.pdbx_host_org_cellular_location    ? 
_entity_src_gen.pdbx_host_org_vector_type          ? 
_entity_src_gen.pdbx_host_org_vector               ? 
_entity_src_gen.host_org_details                   ? 
_entity_src_gen.expression_system_id               ? 
_entity_src_gen.plasmid_name                       ? 
_entity_src_gen.plasmid_details                    ? 
_entity_src_gen.pdbx_description                   ? 
# 
_pdbx_entity_src_syn.entity_id              2 
_pdbx_entity_src_syn.pdbx_src_id            1 
_pdbx_entity_src_syn.pdbx_alt_source_flag   sample 
_pdbx_entity_src_syn.pdbx_beg_seq_num       1 
_pdbx_entity_src_syn.pdbx_end_seq_num       19 
_pdbx_entity_src_syn.organism_scientific    'artificial sequences' 
_pdbx_entity_src_syn.organism_common_name   ? 
_pdbx_entity_src_syn.ncbi_taxonomy_id       81077 
_pdbx_entity_src_syn.details                ? 
# 
loop_
_chem_comp.id 
_chem_comp.type 
_chem_comp.mon_nstd_flag 
_chem_comp.name 
_chem_comp.pdbx_synonyms 
_chem_comp.formula 
_chem_comp.formula_weight 
ALA 'L-peptide linking' y ALANINE           ? 'C3 H7 N O2'     89.093  
ARG 'L-peptide linking' y ARGININE          ? 'C6 H15 N4 O2 1' 175.209 
ASN 'L-peptide linking' y ASPARAGINE        ? 'C4 H8 N2 O3'    132.118 
ASP 'L-peptide linking' y 'ASPARTIC ACID'   ? 'C4 H7 N O4'     133.103 
DAL 'D-peptide linking' . D-ALANINE         ? 'C3 H7 N O2'     89.093  
DAR 'D-peptide linking' . D-ARGININE        ? 'C6 H15 N4 O2 1' 175.209 
DAS 'D-peptide linking' . 'D-ASPARTIC ACID' ? 'C4 H7 N O4'     133.103 
DGL 'D-peptide linking' . 'D-GLUTAMIC ACID' ? 'C5 H9 N O4'     147.129 
DHI 'D-peptide linking' . D-HISTIDINE       ? 'C6 H10 N3 O2 1' 156.162 
DIL 'D-peptide linking' . D-ISOLEUCINE      ? 'C6 H13 N O2'    131.173 
DLE 'D-peptide linking' . D-LEUCINE         ? 'C6 H13 N O2'    131.173 
DLY 'D-peptide linking' . D-LYSINE          ? 'C6 H14 N2 O2'   146.188 
DPN 'D-peptide linking' . D-PHENYLALANINE   ? 'C9 H11 N O2'    165.189 
DTH 'D-peptide linking' . D-THREONINE       ? 'C4 H9 N O3'     119.119 
DTR 'D-peptide linking' . D-TRYPTOPHAN      ? 'C11 H12 N2 O2'  204.225 
DTY 'D-peptide linking' . D-TYROSINE        ? 'C9 H11 N O3'    181.189 
GLU 'L-peptide linking' y 'GLUTAMIC ACID'   ? 'C5 H9 N O4'     147.129 
GLY 'peptide linking'   y GLYCINE           ? 'C2 H5 N O2'     75.067  
HOH non-polymer         . WATER             ? 'H2 O'           18.015  
ILE 'L-peptide linking' y ISOLEUCINE        ? 'C6 H13 N O2'    131.173 
LEU 'L-peptide linking' y LEUCINE           ? 'C6 H13 N O2'    131.173 
LYS 'L-peptide linking' y LYSINE            ? 'C6 H15 N2 O2 1' 147.195 
PHE 'L-peptide linking' y PHENYLALANINE     ? 'C9 H11 N O2'    165.189 
PRO 'L-peptide linking' y PROLINE           ? 'C5 H9 N O2'     115.130 
SER 'L-peptide linking' y SERINE            ? 'C3 H7 N O3'     105.093 
VAL 'L-peptide linking' y VALINE            ? 'C5 H11 N O2'    117.146 
# 
loop_
_pdbx_poly_seq_scheme.asym_id 
_pdbx_poly_seq_scheme.entity_id 
_pdbx_poly_seq_scheme.seq_id 
_pdbx_poly_seq_scheme.mon_id 
_pdbx_poly_seq_scheme.ndb_seq_num 
_pdbx_poly_seq_scheme.pdb_seq_num 
_pdbx_poly_seq_scheme.auth_seq_num 
_pdbx_poly_seq_scheme.pdb_mon_id 
_pdbx_poly_seq_scheme.auth_mon_id 
_pdbx_poly_seq_scheme.pdb_strand_id 
_pdbx_poly_seq_scheme.pdb_ins_code 
_pdbx_poly_seq_scheme.hetero 
A 1 1  LEU 1  1  1  LEU LEU A . n 
A 1 2  PRO 2  2  2  PRO PRO A . n 
A 1 3  VAL 3  3  3  VAL VAL A . n 
A 1 4  GLU 4  4  4  GLU GLU A . n 
A 1 5  LYS 5  5  5  LYS LYS A . n 
A 1 6  ILE 6  6  6  ILE ILE A . n 
A 1 7  ILE 7  7  7  ILE ILE A . n 
A 1 8  ARG 8  8  8  ARG ARG A . n 
A 1 9  GLU 9  9  9  GLU GLU A . n 
A 1 10 ALA 10 10 10 ALA ALA A . n 
A 1 11 LYS 11 11 11 LYS LYS A . n 
A 1 12 LYS 12 12 12 LYS LYS A . n 
A 1 13 ILE 13 13 13 ILE ILE A . n 
A 1 14 LEU 14 14 14 LEU LEU A . n 
A 1 15 ASP 15 15 15 ASP ASP A . n 
A 1 16 GLU 16 16 16 GLU GLU A . n 
A 1 17 LEU 17 17 17 LEU LEU A . n 
A 1 18 LEU 18 18 18 LEU LEU A . n 
A 1 19 LYS 19 19 19 LYS LYS A . n 
A 1 20 ARG 20 20 20 ARG ARG A . n 
A 1 21 GLY 21 21 21 GLY GLY A . n 
A 1 22 LEU 22 22 22 LEU LEU A . n 
A 1 23 ILE 23 23 23 ILE ILE A . n 
A 1 24 ASP 24 24 24 ASP ASP A . n 
A 1 25 PRO 25 25 25 PRO PRO A . n 
A 1 26 GLU 26 26 26 GLU GLU A . n 
A 1 27 LEU 27 27 27 LEU LEU A . n 
A 1 28 ALA 28 28 28 ALA ALA A . n 
A 1 29 ARG 29 29 29 ARG ARG A . n 
A 1 30 ILE 30 30 30 ILE ILE A . n 
A 1 31 ALA 31 31 31 ALA ALA A . n 
A 1 32 ARG 32 32 32 ARG ARG A . n 
A 1 33 GLU 33 33 33 GLU GLU A . n 
A 1 34 VAL 34 34 34 VAL VAL A . n 
A 1 35 LEU 35 35 35 LEU LEU A . n 
A 1 36 GLU 36 36 36 GLU GLU A . n 
A 1 37 ARG 37 37 37 ARG ARG A . n 
A 1 38 ALA 38 38 38 ALA ALA A . n 
A 1 39 ARG 39 39 39 ARG ARG A . n 
A 1 40 LYS 40 40 40 LYS LYS A . n 
A 1 41 LEU 41 41 41 LEU LEU A . n 
A 1 42 GLY 42 42 42 GLY GLY A . n 
A 1 43 ASN 43 43 43 ASN ASN A . n 
A 1 44 GLU 44 44 44 GLU GLU A . n 
A 1 45 GLU 45 45 45 GLU GLU A . n 
A 1 46 ALA 46 46 46 ALA ALA A . n 
A 1 47 ALA 47 47 47 ALA ALA A . n 
A 1 48 ARG 48 48 48 ARG ARG A . n 
A 1 49 PHE 49 49 49 PHE PHE A . n 
A 1 50 VAL 50 50 50 VAL VAL A . n 
A 1 51 LEU 51 51 51 LEU LEU A . n 
A 1 52 GLU 52 52 52 GLU GLU A . n 
A 1 53 LEU 53 53 53 LEU LEU A . n 
A 1 54 ILE 54 54 54 ILE ILE A . n 
A 1 55 GLU 55 55 55 GLU GLU A . n 
A 1 56 ARG 56 56 56 ARG ARG A . n 
A 1 57 LEU 57 57 57 LEU LEU A . n 
A 1 58 ARG 58 58 58 ARG ARG A . n 
A 1 59 ARG 59 59 59 ARG ARG A . n 
A 1 60 GLU 60 60 60 GLU GLU A . n 
A 1 61 LEU 61 61 61 LEU LEU A . n 
A 1 62 SER 62 62 62 SER SER A . n 
B 2 1  DAS 1  1  1  DAS DAS B . n 
B 2 2  DGL 2  2  2  DGL DGL B . n 
B 2 3  DHI 3  3  3  DHI DHI B . n 
B 2 4  DGL 4  4  4  DGL DGL B . n 
B 2 5  DLE 5  5  5  DLE DLE B . n 
B 2 6  DLE 6  6  6  DLE DLE B . n 
B 2 7  DGL 7  7  7  DGL DGL B . n 
B 2 8  DTH 8  8  8  DTH DTH B . n 
B 2 9  DAL 9  9  9  DAL DAL B . n 
B 2 10 DAL 10 10 10 DAL DAL B . n 
B 2 11 DAR 11 11 11 DAR DAR B . n 
B 2 12 DTR 12 12 12 DTR DTR B . n 
B 2 13 DPN 13 13 13 DPN DPN B . n 
B 2 14 DTY 14 14 14 DTY DTY B . n 
B 2 15 DGL 15 15 15 DGL DGL B . n 
B 2 16 DIL 16 16 16 DIL DIL B . n 
B 2 17 DAL 17 17 17 DAL DAL B . n 
B 2 18 DLY 18 18 18 DLY DLY B . n 
B 2 19 DAR 19 19 19 DAR DAR B . n 
C 1 1  LEU 1  1  1  LEU LEU C . n 
C 1 2  PRO 2  2  2  PRO PRO C . n 
C 1 3  VAL 3  3  3  VAL VAL C . n 
C 1 4  GLU 4  4  4  GLU GLU C . n 
C 1 5  LYS 5  5  5  LYS LYS C . n 
C 1 6  ILE 6  6  6  ILE ILE C . n 
C 1 7  ILE 7  7  7  ILE ILE C . n 
C 1 8  ARG 8  8  8  ARG ARG C . n 
C 1 9  GLU 9  9  9  GLU GLU C . n 
C 1 10 ALA 10 10 10 ALA ALA C . n 
C 1 11 LYS 11 11 11 LYS LYS C . n 
C 1 12 LYS 12 12 12 LYS LYS C . n 
C 1 13 ILE 13 13 13 ILE ILE C . n 
C 1 14 LEU 14 14 14 LEU LEU C . n 
C 1 15 ASP 15 15 15 ASP ASP C . n 
C 1 16 GLU 16 16 16 GLU GLU C . n 
C 1 17 LEU 17 17 17 LEU LEU C . n 
C 1 18 LEU 18 18 18 LEU LEU C . n 
C 1 19 LYS 19 19 19 LYS LYS C . n 
C 1 20 ARG 20 20 20 ARG ARG C . n 
C 1 21 GLY 21 21 21 GLY GLY C . n 
C 1 22 LEU 22 22 22 LEU LEU C . n 
C 1 23 ILE 23 23 23 ILE ILE C . n 
C 1 24 ASP 24 24 24 ASP ASP C . n 
C 1 25 PRO 25 25 25 PRO PRO C . n 
C 1 26 GLU 26 26 26 GLU GLU C . n 
C 1 27 LEU 27 27 27 LEU LEU C . n 
C 1 28 ALA 28 28 28 ALA ALA C . n 
C 1 29 ARG 29 29 29 ARG ARG C . n 
C 1 30 ILE 30 30 30 ILE ILE C . n 
C 1 31 ALA 31 31 31 ALA ALA C . n 
C 1 32 ARG 32 32 32 ARG ARG C . n 
C 1 33 GLU 33 33 33 GLU GLU C . n 
C 1 34 VAL 34 34 34 VAL VAL C . n 
C 1 35 LEU 35 35 35 LEU LEU C . n 
C 1 36 GLU 36 36 36 GLU GLU C . n 
C 1 37 ARG 37 37 37 ARG ARG C . n 
C 1 38 ALA 38 38 38 ALA ALA C . n 
C 1 39 ARG 39 39 39 ARG ARG C . n 
C 1 40 LYS 40 40 40 LYS LYS C . n 
C 1 41 LEU 41 41 41 LEU LEU C . n 
C 1 42 GLY 42 42 42 GLY GLY C . n 
C 1 43 ASN 43 43 43 ASN ASN C . n 
C 1 44 GLU 44 44 44 GLU GLU C . n 
C 1 45 GLU 45 45 45 GLU GLU C . n 
C 1 46 ALA 46 46 46 ALA ALA C . n 
C 1 47 ALA 47 47 47 ALA ALA C . n 
C 1 48 ARG 48 48 48 ARG ARG C . n 
C 1 49 PHE 49 49 49 PHE PHE C . n 
C 1 50 VAL 50 50 50 VAL VAL C . n 
C 1 51 LEU 51 51 51 LEU LEU C . n 
C 1 52 GLU 52 52 52 GLU GLU C . n 
C 1 53 LEU 53 53 53 LEU LEU C . n 
C 1 54 ILE 54 54 54 ILE ILE C . n 
C 1 55 GLU 55 55 55 GLU GLU C . n 
C 1 56 ARG 56 56 56 ARG ARG C . n 
C 1 57 LEU 57 57 57 LEU LEU C . n 
C 1 58 ARG 58 58 58 ARG ARG C . n 
C 1 59 ARG 59 59 59 ARG ARG C . n 
C 1 60 GLU 60 60 60 GLU GLU C . n 
C 1 61 LEU 61 61 61 LEU LEU C . n 
C 1 62 SER 62 62 62 SER SER C . n 
D 2 1  DAS 1  1  1  DAS DAS D . n 
D 2 2  DGL 2  2  2  DGL DGL D . n 
D 2 3  DHI 3  3  3  DHI DHI D . n 
D 2 4  DGL 4  4  4  DGL DGL D . n 
D 2 5  DLE 5  5  5  DLE DLE D . n 
D 2 6  DLE 6  6  6  DLE DLE D . n 
D 2 7  DGL 7  7  7  DGL DGL D . n 
D 2 8  DTH 8  8  8  DTH DTH D . n 
D 2 9  DAL 9  9  9  DAL DAL D . n 
D 2 10 DAL 10 10 10 DAL DAL D . n 
D 2 11 DAR 11 11 11 DAR DAR D . n 
D 2 12 DTR 12 12 12 DTR DTR D . n 
D 2 13 DPN 13 13 13 DPN DPN D . n 
D 2 14 DTY 14 14 14 DTY DTY D . n 
D 2 15 DGL 15 15 15 DGL DGL D . n 
D 2 16 DIL 16 16 16 DIL DIL D . n 
D 2 17 DAL 17 17 17 DAL DAL D . n 
D 2 18 DLY 18 18 18 DLY DLY D . n 
D 2 19 DAR 19 19 19 DAR DAR D . n 
# 
loop_
_pdbx_entity_instance_feature.ordinal 
_pdbx_entity_instance_feature.comp_id 
_pdbx_entity_instance_feature.asym_id 
_pdbx_entity_instance_feature.seq_num 
_pdbx_entity_instance_feature.auth_comp_id 
_pdbx_entity_instance_feature.auth_asym_id 
_pdbx_entity_instance_feature.auth_seq_num 
_pdbx_entity_instance_feature.feature_type 
_pdbx_entity_instance_feature.details 
1  DAL ? ? DAL ? ? 'SUBJECT OF INVESTIGATION' ? 
2  DAR ? ? DAR ? ? 'SUBJECT OF INVESTIGATION' ? 
3  DAS ? ? DAS ? ? 'SUBJECT OF INVESTIGATION' ? 
4  DGL ? ? DGL ? ? 'SUBJECT OF INVESTIGATION' ? 
5  DHI ? ? DHI ? ? 'SUBJECT OF INVESTIGATION' ? 
6  DIL ? ? DIL ? ? 'SUBJECT OF INVESTIGATION' ? 
7  DLE ? ? DLE ? ? 'SUBJECT OF INVESTIGATION' ? 
8  DLY ? ? DLY ? ? 'SUBJECT OF INVESTIGATION' ? 
9  DPN ? ? DPN ? ? 'SUBJECT OF INVESTIGATION' ? 
10 DTH ? ? DTH ? ? 'SUBJECT OF INVESTIGATION' ? 
11 DTR ? ? DTR ? ? 'SUBJECT OF INVESTIGATION' ? 
12 DTY ? ? DTY ? ? 'SUBJECT OF INVESTIGATION' ? 
# 
loop_
_pdbx_nonpoly_scheme.asym_id 
_pdbx_nonpoly_scheme.entity_id 
_pdbx_nonpoly_scheme.mon_id 
_pdbx_nonpoly_scheme.ndb_seq_num 
_pdbx_nonpoly_scheme.pdb_seq_num 
_pdbx_nonpoly_scheme.auth_seq_num 
_pdbx_nonpoly_scheme.pdb_mon_id 
_pdbx_nonpoly_scheme.auth_mon_id 
_pdbx_nonpoly_scheme.pdb_strand_id 
_pdbx_nonpoly_scheme.pdb_ins_code 
E 3 HOH 1  101 46 HOH HOH A . 
E 3 HOH 2  102 66 HOH HOH A . 
E 3 HOH 3  103 34 HOH HOH A . 
E 3 HOH 4  104 29 HOH HOH A . 
E 3 HOH 5  105 5  HOH HOH A . 
E 3 HOH 6  106 52 HOH HOH A . 
E 3 HOH 7  107 85 HOH HOH A . 
E 3 HOH 8  108 32 HOH HOH A . 
E 3 HOH 9  109 38 HOH HOH A . 
E 3 HOH 10 110 6  HOH HOH A . 
E 3 HOH 11 111 7  HOH HOH A . 
E 3 HOH 12 112 39 HOH HOH A . 
E 3 HOH 13 113 11 HOH HOH A . 
E 3 HOH 14 114 72 HOH HOH A . 
E 3 HOH 15 115 41 HOH HOH A . 
E 3 HOH 16 116 13 HOH HOH A . 
E 3 HOH 17 117 28 HOH HOH A . 
E 3 HOH 18 118 74 HOH HOH A . 
E 3 HOH 19 119 35 HOH HOH A . 
E 3 HOH 20 120 42 HOH HOH A . 
E 3 HOH 21 121 27 HOH HOH A . 
E 3 HOH 22 122 48 HOH HOH A . 
E 3 HOH 23 123 56 HOH HOH A . 
E 3 HOH 24 124 19 HOH HOH A . 
E 3 HOH 25 125 36 HOH HOH A . 
F 3 HOH 1  101 2  HOH HOH B . 
F 3 HOH 2  102 15 HOH HOH B . 
F 3 HOH 3  103 1  HOH HOH B . 
F 3 HOH 4  104 45 HOH HOH B . 
F 3 HOH 5  105 69 HOH HOH B . 
F 3 HOH 6  106 61 HOH HOH B . 
F 3 HOH 7  107 75 HOH HOH B . 
F 3 HOH 8  108 50 HOH HOH B . 
F 3 HOH 9  109 81 HOH HOH B . 
F 3 HOH 10 110 43 HOH HOH B . 
F 3 HOH 11 111 82 HOH HOH B . 
F 3 HOH 12 112 87 HOH HOH B . 
F 3 HOH 13 113 59 HOH HOH B . 
G 3 HOH 1  101 84 HOH HOH C . 
G 3 HOH 2  102 14 HOH HOH C . 
G 3 HOH 3  103 20 HOH HOH C . 
G 3 HOH 4  104 79 HOH HOH C . 
G 3 HOH 5  105 77 HOH HOH C . 
G 3 HOH 6  106 64 HOH HOH C . 
G 3 HOH 7  107 4  HOH HOH C . 
G 3 HOH 8  108 10 HOH HOH C . 
G 3 HOH 9  109 76 HOH HOH C . 
G 3 HOH 10 110 3  HOH HOH C . 
G 3 HOH 11 111 26 HOH HOH C . 
G 3 HOH 12 112 9  HOH HOH C . 
G 3 HOH 13 113 62 HOH HOH C . 
G 3 HOH 14 114 78 HOH HOH C . 
G 3 HOH 15 115 18 HOH HOH C . 
G 3 HOH 16 116 33 HOH HOH C . 
G 3 HOH 17 117 17 HOH HOH C . 
G 3 HOH 18 118 25 HOH HOH C . 
G 3 HOH 19 119 12 HOH HOH C . 
G 3 HOH 20 120 73 HOH HOH C . 
G 3 HOH 21 121 40 HOH HOH C . 
G 3 HOH 22 122 16 HOH HOH C . 
G 3 HOH 23 123 22 HOH HOH C . 
G 3 HOH 24 124 68 HOH HOH C . 
G 3 HOH 25 125 49 HOH HOH C . 
G 3 HOH 26 126 67 HOH HOH C . 
G 3 HOH 27 127 21 HOH HOH C . 
H 3 HOH 1  101 24 HOH HOH D . 
H 3 HOH 2  102 70 HOH HOH D . 
H 3 HOH 3  103 47 HOH HOH D . 
H 3 HOH 4  104 65 HOH HOH D . 
H 3 HOH 5  105 8  HOH HOH D . 
H 3 HOH 6  106 57 HOH HOH D . 
H 3 HOH 7  107 51 HOH HOH D . 
H 3 HOH 8  108 71 HOH HOH D . 
H 3 HOH 9  109 31 HOH HOH D . 
H 3 HOH 10 110 53 HOH HOH D . 
H 3 HOH 11 111 37 HOH HOH D . 
H 3 HOH 12 112 54 HOH HOH D . 
H 3 HOH 13 113 60 HOH HOH D . 
H 3 HOH 14 114 86 HOH HOH D . 
H 3 HOH 15 115 58 HOH HOH D . 
# 
loop_
_software.citation_id 
_software.classification 
_software.compiler_name 
_software.compiler_version 
_software.contact_author 
_software.contact_author_email 
_software.date 
_software.description 
_software.dependencies 
_software.hardware 
_software.language 
_software.location 
_software.mods 
_software.name 
_software.os 
_software.os_version 
_software.type 
_software.version 
_software.pdbx_ordinal 
? refinement       ? ? ? ? ? ? ? ? ? ? ? PHENIX   ? ? ? 1.19.2_4158 1 
? 'data scaling'   ? ? ? ? ? ? ? ? ? ? ? HKL-2000 ? ? ? V721.1      2 
? 'model building' ? ? ? ? ? ? ? ? ? ? ? Coot     ? ? ? 0.9.5       3 
? 'data reduction' ? ? ? ? ? ? ? ? ? ? ? HKL-2000 ? ? ? 7.8         4 
? phasing          ? ? ? ? ? ? ? ? ? ? ? PHASER   ? ? ? 2.8.3       5 
# 
_cell.angle_alpha                  90.000 
_cell.angle_alpha_esd              ? 
_cell.angle_beta                   90.000 
_cell.angle_beta_esd               ? 
_cell.angle_gamma                  90.000 
_cell.angle_gamma_esd              ? 
_cell.entry_id                     7YH8 
_cell.details                      ? 
_cell.formula_units_Z              ? 
_cell.length_a                     54.064 
_cell.length_a_esd                 ? 
_cell.length_b                     81.922 
_cell.length_b_esd                 ? 
_cell.length_c                     35.722 
_cell.length_c_esd                 ? 
_cell.volume                       ? 
_cell.volume_esd                   ? 
_cell.Z_PDB                        8 
_cell.reciprocal_angle_alpha       ? 
_cell.reciprocal_angle_beta        ? 
_cell.reciprocal_angle_gamma       ? 
_cell.reciprocal_angle_alpha_esd   ? 
_cell.reciprocal_angle_beta_esd    ? 
_cell.reciprocal_angle_gamma_esd   ? 
_cell.reciprocal_length_a          ? 
_cell.reciprocal_length_b          ? 
_cell.reciprocal_length_c          ? 
_cell.reciprocal_length_a_esd      ? 
_cell.reciprocal_length_b_esd      ? 
_cell.reciprocal_length_c_esd      ? 
_cell.pdbx_unique_axis             ? 
_cell.pdbx_esd_method              ? 
# 
_symmetry.entry_id                         7YH8 
_symmetry.cell_setting                     ? 
_symmetry.Int_Tables_number                18 
_symmetry.space_group_name_Hall            ? 
_symmetry.space_group_name_H-M             'P 21 21 2' 
_symmetry.pdbx_full_space_group_name_H-M   ? 
# 
_exptl.absorpt_coefficient_mu     ? 
_exptl.absorpt_correction_T_max   ? 
_exptl.absorpt_correction_T_min   ? 
_exptl.absorpt_correction_type    ? 
_exptl.absorpt_process_details    ? 
_exptl.entry_id                   7YH8 
_exptl.crystals_number            1 
_exptl.details                    ? 
_exptl.method                     'X-RAY DIFFRACTION' 
_exptl.method_details             ? 
# 
_exptl_crystal.colour                       ? 
_exptl_crystal.density_diffrn               ? 
_exptl_crystal.density_Matthews             2.04 
_exptl_crystal.density_method               ? 
_exptl_crystal.density_percent_sol          39.77 
_exptl_crystal.description                  ? 
_exptl_crystal.F_000                        ? 
_exptl_crystal.id                           1 
_exptl_crystal.preparation                  ? 
_exptl_crystal.size_max                     ? 
_exptl_crystal.size_mid                     ? 
_exptl_crystal.size_min                     ? 
_exptl_crystal.size_rad                     ? 
_exptl_crystal.colour_lustre                ? 
_exptl_crystal.colour_modifier              ? 
_exptl_crystal.colour_primary               ? 
_exptl_crystal.density_meas                 ? 
_exptl_crystal.density_meas_esd             ? 
_exptl_crystal.density_meas_gt              ? 
_exptl_crystal.density_meas_lt              ? 
_exptl_crystal.density_meas_temp            ? 
_exptl_crystal.density_meas_temp_esd        ? 
_exptl_crystal.density_meas_temp_gt         ? 
_exptl_crystal.density_meas_temp_lt         ? 
_exptl_crystal.pdbx_crystal_image_url       ? 
_exptl_crystal.pdbx_crystal_image_format    ? 
_exptl_crystal.pdbx_mosaicity               ? 
_exptl_crystal.pdbx_mosaicity_esd           ? 
_exptl_crystal.pdbx_mosaic_method           ? 
_exptl_crystal.pdbx_mosaic_block_size       ? 
_exptl_crystal.pdbx_mosaic_block_size_esd   ? 
# 
_exptl_crystal_grow.apparatus       ? 
_exptl_crystal_grow.atmosphere      ? 
_exptl_crystal_grow.crystal_id      1 
_exptl_crystal_grow.details         ? 
_exptl_crystal_grow.method          'VAPOR DIFFUSION, HANGING DROP' 
_exptl_crystal_grow.method_ref      ? 
_exptl_crystal_grow.pH              8.5 
_exptl_crystal_grow.pressure        ? 
_exptl_crystal_grow.pressure_esd    ? 
_exptl_crystal_grow.seeding         ? 
_exptl_crystal_grow.seeding_ref     ? 
_exptl_crystal_grow.temp            291.15 
_exptl_crystal_grow.temp_details    ? 
_exptl_crystal_grow.temp_esd        ? 
_exptl_crystal_grow.time            ? 
_exptl_crystal_grow.pdbx_details    
'20% (W/V) PEG 8000, 100mM Tris base/Hydrochloric acid pH8.5, 100mM Magnesium chloride, 20% (V/V) PEG400' 
_exptl_crystal_grow.pdbx_pH_range   ? 
# 
_diffrn.ambient_environment              ? 
_diffrn.ambient_temp                     100 
_diffrn.ambient_temp_details             100K 
_diffrn.ambient_temp_esd                 ? 
_diffrn.crystal_id                       1 
_diffrn.crystal_support                  ? 
_diffrn.crystal_treatment                ? 
_diffrn.details                          ? 
_diffrn.id                               1 
_diffrn.ambient_pressure                 ? 
_diffrn.ambient_pressure_esd             ? 
_diffrn.ambient_pressure_gt              ? 
_diffrn.ambient_pressure_lt              ? 
_diffrn.ambient_temp_gt                  ? 
_diffrn.ambient_temp_lt                  ? 
_diffrn.pdbx_serial_crystal_experiment   N 
# 
_diffrn_detector.details                      ? 
_diffrn_detector.detector                     CCD 
_diffrn_detector.diffrn_id                    1 
_diffrn_detector.type                         'AGILENT ATLAS CCD' 
_diffrn_detector.area_resol_mean              ? 
_diffrn_detector.dtime                        ? 
_diffrn_detector.pdbx_frames_total            ? 
_diffrn_detector.pdbx_collection_time_total   ? 
_diffrn_detector.pdbx_collection_date         2022-04-23 
_diffrn_detector.pdbx_frequency               ? 
# 
_diffrn_radiation.collimation                      ? 
_diffrn_radiation.diffrn_id                        1 
_diffrn_radiation.filter_edge                      ? 
_diffrn_radiation.inhomogeneity                    ? 
_diffrn_radiation.monochromator                    ? 
_diffrn_radiation.polarisn_norm                    ? 
_diffrn_radiation.polarisn_ratio                   ? 
_diffrn_radiation.probe                            ? 
_diffrn_radiation.type                             ? 
_diffrn_radiation.xray_symbol                      ? 
_diffrn_radiation.wavelength_id                    1 
_diffrn_radiation.pdbx_monochromatic_or_laue_m_l   M 
_diffrn_radiation.pdbx_wavelength_list             ? 
_diffrn_radiation.pdbx_wavelength                  ? 
_diffrn_radiation.pdbx_diffrn_protocol             'SINGLE WAVELENGTH' 
_diffrn_radiation.pdbx_analyzer                    ? 
_diffrn_radiation.pdbx_scattering_type             x-ray 
# 
_diffrn_radiation_wavelength.id           1 
_diffrn_radiation_wavelength.wavelength   1.54 
_diffrn_radiation_wavelength.wt           1.0 
# 
_diffrn_source.current                     ? 
_diffrn_source.details                     ? 
_diffrn_source.diffrn_id                   1 
_diffrn_source.power                       ? 
_diffrn_source.size                        ? 
_diffrn_source.source                      'ROTATING ANODE' 
_diffrn_source.target                      ? 
_diffrn_source.type                        'Cu FINE FOCUS' 
_diffrn_source.voltage                     ? 
_diffrn_source.take-off_angle              ? 
_diffrn_source.pdbx_wavelength_list        1.54 
_diffrn_source.pdbx_wavelength             ? 
_diffrn_source.pdbx_synchrotron_beamline   ? 
_diffrn_source.pdbx_synchrotron_site       ? 
# 
_reflns.B_iso_Wilson_estimate                          28.780 
_reflns.entry_id                                       7YH8 
_reflns.data_reduction_details                         ? 
_reflns.data_reduction_method                          ? 
_reflns.d_resolution_high                              2.200 
_reflns.d_resolution_low                               50.000 
_reflns.details                                        ? 
_reflns.limit_h_max                                    ? 
_reflns.limit_h_min                                    ? 
_reflns.limit_k_max                                    ? 
_reflns.limit_k_min                                    ? 
_reflns.limit_l_max                                    ? 
_reflns.limit_l_min                                    ? 
_reflns.number_all                                     ? 
_reflns.number_obs                                     8507 
_reflns.observed_criterion                             ? 
_reflns.observed_criterion_F_max                       ? 
_reflns.observed_criterion_F_min                       ? 
_reflns.observed_criterion_I_max                       ? 
_reflns.observed_criterion_I_min                       ? 
_reflns.observed_criterion_sigma_F                     ? 
_reflns.observed_criterion_sigma_I                     ? 
_reflns.percent_possible_obs                           98.500 
_reflns.R_free_details                                 ? 
_reflns.Rmerge_F_all                                   ? 
_reflns.Rmerge_F_obs                                   ? 
_reflns.Friedel_coverage                               ? 
_reflns.number_gt                                      ? 
_reflns.threshold_expression                           ? 
_reflns.pdbx_redundancy                                4.000 
_reflns.pdbx_Rmerge_I_obs                              0.051 
_reflns.pdbx_Rmerge_I_all                              ? 
_reflns.pdbx_Rsym_value                                ? 
_reflns.pdbx_netI_over_av_sigmaI                       ? 
_reflns.pdbx_netI_over_sigmaI                          12.800 
_reflns.pdbx_res_netI_over_av_sigmaI_2                 ? 
_reflns.pdbx_res_netI_over_sigmaI_2                    ? 
_reflns.pdbx_chi_squared                               0.952 
_reflns.pdbx_scaling_rejects                           ? 
_reflns.pdbx_d_res_high_opt                            ? 
_reflns.pdbx_d_res_low_opt                             ? 
_reflns.pdbx_d_res_opt_method                          ? 
_reflns.phase_calculation_details                      ? 
_reflns.pdbx_Rrim_I_all                                0.058 
_reflns.pdbx_Rpim_I_all                                0.028 
_reflns.pdbx_d_opt                                     ? 
_reflns.pdbx_number_measured_all                       34163 
_reflns.pdbx_diffrn_id                                 1 
_reflns.pdbx_ordinal                                   1 
_reflns.pdbx_CC_half                                   ? 
_reflns.pdbx_CC_star                                   ? 
_reflns.pdbx_R_split                                   ? 
_reflns.pdbx_aniso_diffraction_limit_axis_1_ortho[1]   ? 
_reflns.pdbx_aniso_diffraction_limit_axis_1_ortho[2]   ? 
_reflns.pdbx_aniso_diffraction_limit_axis_1_ortho[3]   ? 
_reflns.pdbx_aniso_diffraction_limit_axis_2_ortho[1]   ? 
_reflns.pdbx_aniso_diffraction_limit_axis_2_ortho[2]   ? 
_reflns.pdbx_aniso_diffraction_limit_axis_2_ortho[3]   ? 
_reflns.pdbx_aniso_diffraction_limit_axis_3_ortho[1]   ? 
_reflns.pdbx_aniso_diffraction_limit_axis_3_ortho[2]   ? 
_reflns.pdbx_aniso_diffraction_limit_axis_3_ortho[3]   ? 
_reflns.pdbx_aniso_diffraction_limit_1                 ? 
_reflns.pdbx_aniso_diffraction_limit_2                 ? 
_reflns.pdbx_aniso_diffraction_limit_3                 ? 
_reflns.pdbx_aniso_B_tensor_eigenvector_1_ortho[1]     ? 
_reflns.pdbx_aniso_B_tensor_eigenvector_1_ortho[2]     ? 
_reflns.pdbx_aniso_B_tensor_eigenvector_1_ortho[3]     ? 
_reflns.pdbx_aniso_B_tensor_eigenvector_2_ortho[1]     ? 
_reflns.pdbx_aniso_B_tensor_eigenvector_2_ortho[2]     ? 
_reflns.pdbx_aniso_B_tensor_eigenvector_2_ortho[3]     ? 
_reflns.pdbx_aniso_B_tensor_eigenvector_3_ortho[1]     ? 
_reflns.pdbx_aniso_B_tensor_eigenvector_3_ortho[2]     ? 
_reflns.pdbx_aniso_B_tensor_eigenvector_3_ortho[3]     ? 
_reflns.pdbx_aniso_B_tensor_eigenvalue_1               ? 
_reflns.pdbx_aniso_B_tensor_eigenvalue_2               ? 
_reflns.pdbx_aniso_B_tensor_eigenvalue_3               ? 
_reflns.pdbx_orthogonalization_convention              ? 
_reflns.pdbx_percent_possible_ellipsoidal              ? 
_reflns.pdbx_percent_possible_spherical                ? 
_reflns.pdbx_percent_possible_ellipsoidal_anomalous    ? 
_reflns.pdbx_percent_possible_spherical_anomalous      ? 
_reflns.pdbx_redundancy_anomalous                      ? 
_reflns.pdbx_CC_half_anomalous                         ? 
_reflns.pdbx_absDiff_over_sigma_anomalous              ? 
_reflns.pdbx_percent_possible_anomalous                ? 
_reflns.pdbx_observed_signal_threshold                 ? 
_reflns.pdbx_signal_type                               ? 
_reflns.pdbx_signal_details                            ? 
_reflns.pdbx_signal_software_id                        ? 
_reflns.pdbx_CC_split_method                           ? 
# 
loop_
_reflns_shell.d_res_high 
_reflns_shell.d_res_low 
_reflns_shell.meanI_over_sigI_all 
_reflns_shell.meanI_over_sigI_obs 
_reflns_shell.number_measured_all 
_reflns_shell.number_measured_obs 
_reflns_shell.number_possible 
_reflns_shell.number_unique_all 
_reflns_shell.number_unique_obs 
_reflns_shell.percent_possible_all 
_reflns_shell.percent_possible_obs 
_reflns_shell.Rmerge_F_all 
_reflns_shell.Rmerge_F_obs 
_reflns_shell.Rmerge_I_all 
_reflns_shell.Rmerge_I_obs 
_reflns_shell.meanI_over_sigI_gt 
_reflns_shell.meanI_over_uI_all 
_reflns_shell.meanI_over_uI_gt 
_reflns_shell.number_measured_gt 
_reflns_shell.number_unique_gt 
_reflns_shell.percent_possible_gt 
_reflns_shell.Rmerge_F_gt 
_reflns_shell.Rmerge_I_gt 
_reflns_shell.pdbx_redundancy 
_reflns_shell.pdbx_Rsym_value 
_reflns_shell.pdbx_chi_squared 
_reflns_shell.pdbx_netI_over_sigmaI_all 
_reflns_shell.pdbx_netI_over_sigmaI_obs 
_reflns_shell.pdbx_Rrim_I_all 
_reflns_shell.pdbx_Rpim_I_all 
_reflns_shell.pdbx_rejects 
_reflns_shell.pdbx_ordinal 
_reflns_shell.pdbx_diffrn_id 
_reflns_shell.pdbx_CC_half 
_reflns_shell.pdbx_CC_star 
_reflns_shell.pdbx_R_split 
_reflns_shell.pdbx_percent_possible_ellipsoidal 
_reflns_shell.pdbx_percent_possible_spherical 
_reflns_shell.pdbx_percent_possible_ellipsoidal_anomalous 
_reflns_shell.pdbx_percent_possible_spherical_anomalous 
_reflns_shell.pdbx_redundancy_anomalous 
_reflns_shell.pdbx_CC_half_anomalous 
_reflns_shell.pdbx_absDiff_over_sigma_anomalous 
_reflns_shell.pdbx_percent_possible_anomalous 
2.200 2.240  ? ? ? ? ? ? 398 91.900  ? ? ? ? 0.172 ? ? ? ? ? ? ? ? 3.500 ? 1.042 ? ? 0.199 0.097 ? 1  1 0.975 ? ? ? ? ? ? ? ? ? ? 
2.240 2.280  ? ? ? ? ? ? 384 94.300  ? ? ? ? 0.189 ? ? ? ? ? ? ? ? 3.700 ? 1.021 ? ? 0.218 0.106 ? 2  1 0.976 ? ? ? ? ? ? ? ? ? ? 
2.280 2.320  ? ? ? ? ? ? 398 95.200  ? ? ? ? 0.190 ? ? ? ? ? ? ? ? 3.900 ? 1.091 ? ? 0.218 0.105 ? 3  1 0.979 ? ? ? ? ? ? ? ? ? ? 
2.320 2.370  ? ? ? ? ? ? 417 97.900  ? ? ? ? 0.157 ? ? ? ? ? ? ? ? 4.100 ? 1.075 ? ? 0.180 0.085 ? 4  1 0.983 ? ? ? ? ? ? ? ? ? ? 
2.370 2.420  ? ? ? ? ? ? 414 98.100  ? ? ? ? 0.159 ? ? ? ? ? ? ? ? 4.200 ? 1.025 ? ? 0.182 0.086 ? 5  1 0.987 ? ? ? ? ? ? ? ? ? ? 
2.420 2.480  ? ? ? ? ? ? 415 99.800  ? ? ? ? 0.146 ? ? ? ? ? ? ? ? 4.200 ? 1.141 ? ? 0.166 0.079 ? 6  1 0.988 ? ? ? ? ? ? ? ? ? ? 
2.480 2.540  ? ? ? ? ? ? 420 99.800  ? ? ? ? 0.137 ? ? ? ? ? ? ? ? 4.200 ? 1.113 ? ? 0.156 0.074 ? 7  1 0.992 ? ? ? ? ? ? ? ? ? ? 
2.540 2.610  ? ? ? ? ? ? 425 99.300  ? ? ? ? 0.116 ? ? ? ? ? ? ? ? 4.200 ? 1.063 ? ? 0.131 0.061 ? 8  1 0.993 ? ? ? ? ? ? ? ? ? ? 
2.610 2.690  ? ? ? ? ? ? 412 100.000 ? ? ? ? 0.113 ? ? ? ? ? ? ? ? 4.300 ? 1.013 ? ? 0.129 0.061 ? 9  1 0.988 ? ? ? ? ? ? ? ? ? ? 
2.690 2.770  ? ? ? ? ? ? 425 99.300  ? ? ? ? 0.112 ? ? ? ? ? ? ? ? 4.200 ? 1.050 ? ? 0.127 0.060 ? 10 1 0.991 ? ? ? ? ? ? ? ? ? ? 
2.770 2.870  ? ? ? ? ? ? 425 100.000 ? ? ? ? 0.091 ? ? ? ? ? ? ? ? 4.300 ? 0.971 ? ? 0.104 0.049 ? 11 1 0.993 ? ? ? ? ? ? ? ? ? ? 
2.870 2.990  ? ? ? ? ? ? 445 99.800  ? ? ? ? 0.077 ? ? ? ? ? ? ? ? 4.200 ? 0.992 ? ? 0.088 0.042 ? 12 1 0.995 ? ? ? ? ? ? ? ? ? ? 
2.990 3.120  ? ? ? ? ? ? 411 100.000 ? ? ? ? 0.069 ? ? ? ? ? ? ? ? 4.200 ? 0.904 ? ? 0.079 0.037 ? 13 1 0.997 ? ? ? ? ? ? ? ? ? ? 
3.120 3.290  ? ? ? ? ? ? 440 99.800  ? ? ? ? 0.055 ? ? ? ? ? ? ? ? 4.100 ? 0.828 ? ? 0.063 0.030 ? 14 1 0.998 ? ? ? ? ? ? ? ? ? ? 
3.290 3.490  ? ? ? ? ? ? 418 100.000 ? ? ? ? 0.045 ? ? ? ? ? ? ? ? 4.200 ? 0.815 ? ? 0.051 0.024 ? 15 1 0.999 ? ? ? ? ? ? ? ? ? ? 
3.490 3.760  ? ? ? ? ? ? 443 100.000 ? ? ? ? 0.038 ? ? ? ? ? ? ? ? 4.000 ? 0.897 ? ? 0.044 0.021 ? 16 1 0.999 ? ? ? ? ? ? ? ? ? ? 
3.760 4.140  ? ? ? ? ? ? 438 100.000 ? ? ? ? 0.033 ? ? ? ? ? ? ? ? 3.900 ? 0.888 ? ? 0.038 0.019 ? 17 1 0.999 ? ? ? ? ? ? ? ? ? ? 
4.140 4.740  ? ? ? ? ? ? 442 100.000 ? ? ? ? 0.030 ? ? ? ? ? ? ? ? 3.900 ? 0.870 ? ? 0.034 0.017 ? 18 1 0.999 ? ? ? ? ? ? ? ? ? ? 
4.740 5.970  ? ? ? ? ? ? 465 100.000 ? ? ? ? 0.030 ? ? ? ? ? ? ? ? 3.700 ? 0.571 ? ? 0.035 0.018 ? 19 1 0.999 ? ? ? ? ? ? ? ? ? ? 
5.970 50.000 ? ? ? ? ? ? 472 95.500  ? ? ? ? 0.024 ? ? ? ? ? ? ? ? 3.200 ? 0.628 ? ? 0.028 0.014 ? 20 1 0.999 ? ? ? ? ? ? ? ? ? ? 
# 
_refine.aniso_B[1][1]                            ? 
_refine.aniso_B[1][2]                            ? 
_refine.aniso_B[1][3]                            ? 
_refine.aniso_B[2][2]                            ? 
_refine.aniso_B[2][3]                            ? 
_refine.aniso_B[3][3]                            ? 
_refine.B_iso_max                                77.000 
_refine.B_iso_mean                               30.9530 
_refine.B_iso_min                                15.630 
_refine.correlation_coeff_Fo_to_Fc               ? 
_refine.correlation_coeff_Fo_to_Fc_free          ? 
_refine.details                                  ? 
_refine.diff_density_max                         ? 
_refine.diff_density_max_esd                     ? 
_refine.diff_density_min                         ? 
_refine.diff_density_min_esd                     ? 
_refine.diff_density_rms                         ? 
_refine.diff_density_rms_esd                     ? 
_refine.entry_id                                 7YH8 
_refine.pdbx_refine_id                           'X-RAY DIFFRACTION' 
_refine.ls_abs_structure_details                 ? 
_refine.ls_abs_structure_Flack                   ? 
_refine.ls_abs_structure_Flack_esd               ? 
_refine.ls_abs_structure_Rogers                  ? 
_refine.ls_abs_structure_Rogers_esd              ? 
_refine.ls_d_res_high                            2.2000 
_refine.ls_d_res_low                             24.3700 
_refine.ls_extinction_coef                       ? 
_refine.ls_extinction_coef_esd                   ? 
_refine.ls_extinction_expression                 ? 
_refine.ls_extinction_method                     ? 
_refine.ls_goodness_of_fit_all                   ? 
_refine.ls_goodness_of_fit_all_esd               ? 
_refine.ls_goodness_of_fit_obs                   ? 
_refine.ls_goodness_of_fit_obs_esd               ? 
_refine.ls_hydrogen_treatment                    ? 
_refine.ls_matrix_type                           ? 
_refine.ls_number_constraints                    ? 
_refine.ls_number_parameters                     ? 
_refine.ls_number_reflns_all                     ? 
_refine.ls_number_reflns_obs                     8351 
_refine.ls_number_reflns_R_free                  430 
_refine.ls_number_reflns_R_work                  7921 
_refine.ls_number_restraints                     ? 
_refine.ls_percent_reflns_obs                    97.9500 
_refine.ls_percent_reflns_R_free                 5.1500 
_refine.ls_R_factor_all                          ? 
_refine.ls_R_factor_obs                          0.2047 
_refine.ls_R_factor_R_free                       0.2497 
_refine.ls_R_factor_R_free_error                 ? 
_refine.ls_R_factor_R_free_error_details         ? 
_refine.ls_R_factor_R_work                       0.2022 
_refine.ls_R_Fsqd_factor_obs                     ? 
_refine.ls_R_I_factor_obs                        ? 
_refine.ls_redundancy_reflns_all                 ? 
_refine.ls_redundancy_reflns_obs                 ? 
_refine.ls_restrained_S_all                      ? 
_refine.ls_restrained_S_obs                      ? 
_refine.ls_shift_over_esd_max                    ? 
_refine.ls_shift_over_esd_mean                   ? 
_refine.ls_structure_factor_coef                 ? 
_refine.ls_weighting_details                     ? 
_refine.ls_weighting_scheme                      ? 
_refine.ls_wR_factor_all                         ? 
_refine.ls_wR_factor_obs                         ? 
_refine.ls_wR_factor_R_free                      ? 
_refine.ls_wR_factor_R_work                      ? 
_refine.occupancy_max                            ? 
_refine.occupancy_min                            ? 
_refine.solvent_model_details                    'FLAT BULK SOLVENT MODEL' 
_refine.solvent_model_param_bsol                 ? 
_refine.solvent_model_param_ksol                 ? 
_refine.pdbx_R_complete                          ? 
_refine.ls_R_factor_gt                           ? 
_refine.ls_goodness_of_fit_gt                    ? 
_refine.ls_goodness_of_fit_ref                   ? 
_refine.ls_shift_over_su_max                     ? 
_refine.ls_shift_over_su_max_lt                  ? 
_refine.ls_shift_over_su_mean                    ? 
_refine.ls_shift_over_su_mean_lt                 ? 
_refine.pdbx_ls_sigma_I                          ? 
_refine.pdbx_ls_sigma_F                          1.530 
_refine.pdbx_ls_sigma_Fsqd                       ? 
_refine.pdbx_data_cutoff_high_absF               ? 
_refine.pdbx_data_cutoff_high_rms_absF           ? 
_refine.pdbx_data_cutoff_low_absF                ? 
_refine.pdbx_isotropic_thermal_model             ? 
_refine.pdbx_ls_cross_valid_method               THROUGHOUT 
_refine.pdbx_method_to_determine_struct          'MOLECULAR REPLACEMENT' 
_refine.pdbx_starting_model                      ? 
_refine.pdbx_stereochemistry_target_values       ML 
_refine.pdbx_R_Free_selection_details            ? 
_refine.pdbx_stereochem_target_val_spec_case     ? 
_refine.pdbx_overall_ESU_R                       ? 
_refine.pdbx_overall_ESU_R_Free                  ? 
_refine.pdbx_solvent_vdw_probe_radii             1.1100 
_refine.pdbx_solvent_ion_probe_radii             ? 
_refine.pdbx_solvent_shrinkage_radii             0.9000 
_refine.pdbx_real_space_R                        ? 
_refine.pdbx_density_correlation                 ? 
_refine.pdbx_pd_number_of_powder_patterns        ? 
_refine.pdbx_pd_number_of_points                 ? 
_refine.pdbx_pd_meas_number_of_points            ? 
_refine.pdbx_pd_proc_ls_prof_R_factor            ? 
_refine.pdbx_pd_proc_ls_prof_wR_factor           ? 
_refine.pdbx_pd_Marquardt_correlation_coeff      ? 
_refine.pdbx_pd_Fsqrd_R_factor                   ? 
_refine.pdbx_pd_ls_matrix_band_width             ? 
_refine.pdbx_overall_phase_error                 27.8500 
_refine.pdbx_overall_SU_R_free_Cruickshank_DPI   ? 
_refine.pdbx_overall_SU_R_free_Blow_DPI          ? 
_refine.pdbx_overall_SU_R_Blow_DPI               ? 
_refine.pdbx_TLS_residual_ADP_flag               ? 
_refine.pdbx_diffrn_id                           1 
_refine.overall_SU_B                             ? 
_refine.overall_SU_ML                            0.2000 
_refine.overall_SU_R_Cruickshank_DPI             ? 
_refine.overall_SU_R_free                        ? 
_refine.overall_FOM_free_R_set                   ? 
_refine.overall_FOM_work_R_set                   ? 
_refine.pdbx_average_fsc_overall                 ? 
_refine.pdbx_average_fsc_work                    ? 
_refine.pdbx_average_fsc_free                    ? 
# 
_refine_hist.pdbx_refine_id                   'X-RAY DIFFRACTION' 
_refine_hist.cycle_id                         final 
_refine_hist.details                          ? 
_refine_hist.d_res_high                       2.2000 
_refine_hist.d_res_low                        24.3700 
_refine_hist.number_atoms_solvent             80 
_refine_hist.number_atoms_total               1440 
_refine_hist.number_reflns_all                ? 
_refine_hist.number_reflns_obs                ? 
_refine_hist.number_reflns_R_free             ? 
_refine_hist.number_reflns_R_work             ? 
_refine_hist.R_factor_all                     ? 
_refine_hist.R_factor_obs                     ? 
_refine_hist.R_factor_R_free                  ? 
_refine_hist.R_factor_R_work                  ? 
_refine_hist.pdbx_number_residues_total       162 
_refine_hist.pdbx_B_iso_mean_ligand           ? 
_refine_hist.pdbx_B_iso_mean_solvent          34.59 
_refine_hist.pdbx_number_atoms_protein        1360 
_refine_hist.pdbx_number_atoms_nucleic_acid   0 
_refine_hist.pdbx_number_atoms_ligand         0 
_refine_hist.pdbx_number_atoms_lipid          ? 
_refine_hist.pdbx_number_atoms_carb           ? 
_refine_hist.pdbx_pseudo_atom_details         ? 
# 
loop_
_refine_ls_shell.pdbx_refine_id 
_refine_ls_shell.d_res_high 
_refine_ls_shell.d_res_low 
_refine_ls_shell.number_reflns_all 
_refine_ls_shell.number_reflns_obs 
_refine_ls_shell.number_reflns_R_free 
_refine_ls_shell.number_reflns_R_work 
_refine_ls_shell.percent_reflns_obs 
_refine_ls_shell.percent_reflns_R_free 
_refine_ls_shell.R_factor_all 
_refine_ls_shell.R_factor_obs 
_refine_ls_shell.R_factor_R_free 
_refine_ls_shell.R_factor_R_free_error 
_refine_ls_shell.R_factor_R_work 
_refine_ls_shell.redundancy_reflns_all 
_refine_ls_shell.redundancy_reflns_obs 
_refine_ls_shell.wR_factor_all 
_refine_ls_shell.wR_factor_obs 
_refine_ls_shell.wR_factor_R_free 
_refine_ls_shell.wR_factor_R_work 
_refine_ls_shell.pdbx_R_complete 
_refine_ls_shell.pdbx_total_number_of_bins_used 
_refine_ls_shell.pdbx_phase_error 
_refine_ls_shell.pdbx_fsc_work 
_refine_ls_shell.pdbx_fsc_free 
'X-RAY DIFFRACTION' 2.2000 2.5200  2635 . 124 2511 95.0000  . . . 0.2361 0.0000 0.1694 . . . . . . . 3 . . . 
'X-RAY DIFFRACTION' 2.5200 3.1700  2795 . 158 2637 100.0000 . . . 0.2515 0.0000 0.2170 . . . . . . . 3 . . . 
'X-RAY DIFFRACTION' 3.1700 24.3700 2921 . 148 2773 99.0000  . . . 0.2523 0.0000 0.2052 . . . . . . . 3 . . . 
# 
_struct.entry_id                     7YH8 
_struct.title                        'Crystal structure of a heterochiral protein complex' 
_struct.pdbx_model_details           ? 
_struct.pdbx_formula_weight          ? 
_struct.pdbx_formula_weight_method   ? 
_struct.pdbx_model_type_details      ? 
_struct.pdbx_CASP_flag               N 
# 
_struct_keywords.entry_id        7YH8 
_struct_keywords.text            
'heterochiral, miniprotein, alpha helix, D-protein, D-peptide, mirror-image, de novo, designer, DE NOVO PROTEIN' 
_struct_keywords.pdbx_keywords   'DE NOVO PROTEIN' 
# 
loop_
_struct_asym.id 
_struct_asym.pdbx_blank_PDB_chainid_flag 
_struct_asym.pdbx_modified 
_struct_asym.entity_id 
_struct_asym.details 
A N N 1 ? 
B N N 2 ? 
C N N 1 ? 
D N N 2 ? 
E N N 3 ? 
F N N 3 ? 
G N N 3 ? 
H N N 3 ? 
# 
loop_
_struct_ref.id 
_struct_ref.db_name 
_struct_ref.db_code 
_struct_ref.pdbx_db_accession 
_struct_ref.pdbx_db_isoform 
_struct_ref.entity_id 
_struct_ref.pdbx_seq_one_letter_code 
_struct_ref.pdbx_align_begin 
1 PDB 7YH8 7YH8 ? 1 ? 1 
2 PDB 7YH8 7YH8 ? 2 ? 1 
# 
loop_
_struct_ref_seq.align_id 
_struct_ref_seq.ref_id 
_struct_ref_seq.pdbx_PDB_id_code 
_struct_ref_seq.pdbx_strand_id 
_struct_ref_seq.seq_align_beg 
_struct_ref_seq.pdbx_seq_align_beg_ins_code 
_struct_ref_seq.seq_align_end 
_struct_ref_seq.pdbx_seq_align_end_ins_code 
_struct_ref_seq.pdbx_db_accession 
_struct_ref_seq.db_align_beg 
_struct_ref_seq.pdbx_db_align_beg_ins_code 
_struct_ref_seq.db_align_end 
_struct_ref_seq.pdbx_db_align_end_ins_code 
_struct_ref_seq.pdbx_auth_seq_align_beg 
_struct_ref_seq.pdbx_auth_seq_align_end 
1 1 7YH8 A 1 ? 62 ? 7YH8 1 ? 62 ? 1 62 
2 2 7YH8 B 1 ? 19 ? 7YH8 1 ? 19 ? 1 19 
3 1 7YH8 C 1 ? 62 ? 7YH8 1 ? 62 ? 1 62 
4 2 7YH8 D 1 ? 19 ? 7YH8 1 ? 19 ? 1 19 
# 
loop_
_pdbx_struct_assembly.id 
_pdbx_struct_assembly.details 
_pdbx_struct_assembly.method_details 
_pdbx_struct_assembly.oligomeric_details 
_pdbx_struct_assembly.oligomeric_count 
1 author_and_software_defined_assembly PISA dimeric 2 
2 author_and_software_defined_assembly PISA dimeric 2 
# 
loop_
_pdbx_struct_assembly_prop.biol_id 
_pdbx_struct_assembly_prop.type 
_pdbx_struct_assembly_prop.value 
_pdbx_struct_assembly_prop.details 
1 'ABSA (A^2)' 1440 ? 
1 MORE         -15  ? 
1 'SSA (A^2)'  5200 ? 
2 'ABSA (A^2)' 1310 ? 
2 MORE         -16  ? 
2 'SSA (A^2)'  5340 ? 
# 
loop_
_pdbx_struct_assembly_gen.assembly_id 
_pdbx_struct_assembly_gen.oper_expression 
_pdbx_struct_assembly_gen.asym_id_list 
1 1 A,B,E,F 
2 1 C,D,G,H 
# 
_pdbx_struct_assembly_auth_evidence.id                     1 
_pdbx_struct_assembly_auth_evidence.assembly_id            2 
_pdbx_struct_assembly_auth_evidence.experimental_support   'gel filtration' 
_pdbx_struct_assembly_auth_evidence.details                ? 
# 
_pdbx_struct_oper_list.id                   1 
_pdbx_struct_oper_list.type                 'identity operation' 
_pdbx_struct_oper_list.name                 1_555 
_pdbx_struct_oper_list.symmetry_operation   x,y,z 
_pdbx_struct_oper_list.matrix[1][1]         1.0000000000 
_pdbx_struct_oper_list.matrix[1][2]         0.0000000000 
_pdbx_struct_oper_list.matrix[1][3]         0.0000000000 
_pdbx_struct_oper_list.vector[1]            0.0000000000 
_pdbx_struct_oper_list.matrix[2][1]         0.0000000000 
_pdbx_struct_oper_list.matrix[2][2]         1.0000000000 
_pdbx_struct_oper_list.matrix[2][3]         0.0000000000 
_pdbx_struct_oper_list.vector[2]            0.0000000000 
_pdbx_struct_oper_list.matrix[3][1]         0.0000000000 
_pdbx_struct_oper_list.matrix[3][2]         0.0000000000 
_pdbx_struct_oper_list.matrix[3][3]         1.0000000000 
_pdbx_struct_oper_list.vector[3]            0.0000000000 
# 
loop_
_struct_conf.conf_type_id 
_struct_conf.id 
_struct_conf.pdbx_PDB_helix_id 
_struct_conf.beg_label_comp_id 
_struct_conf.beg_label_asym_id 
_struct_conf.beg_label_seq_id 
_struct_conf.pdbx_beg_PDB_ins_code 
_struct_conf.end_label_comp_id 
_struct_conf.end_label_asym_id 
_struct_conf.end_label_seq_id 
_struct_conf.pdbx_end_PDB_ins_code 
_struct_conf.beg_auth_comp_id 
_struct_conf.beg_auth_asym_id 
_struct_conf.beg_auth_seq_id 
_struct_conf.end_auth_comp_id 
_struct_conf.end_auth_asym_id 
_struct_conf.end_auth_seq_id 
_struct_conf.pdbx_PDB_helix_class 
_struct_conf.details 
_struct_conf.pdbx_PDB_helix_length 
HELX_P HELX_P1 AA1 LEU A 1  ? ARG A 20 ? LEU A 1  ARG A 20 1 ? 20 
HELX_P HELX_P2 AA2 ASP A 24 ? GLY A 42 ? ASP A 24 GLY A 42 1 ? 19 
HELX_P HELX_P3 AA3 ASN A 43 ? SER A 62 ? ASN A 43 SER A 62 1 ? 20 
HELX_P HELX_P4 AA4 DGL B 2  ? DAR B 19 ? DGL B 2  DAR B 19 1 ? 18 
HELX_P HELX_P5 AA5 PRO C 2  ? ARG C 20 ? PRO C 2  ARG C 20 1 ? 19 
HELX_P HELX_P6 AA6 ASP C 24 ? GLY C 42 ? ASP C 24 GLY C 42 1 ? 19 
HELX_P HELX_P7 AA7 ASN C 43 ? SER C 62 ? ASN C 43 SER C 62 1 ? 20 
HELX_P HELX_P8 AA8 DGL D 2  ? DAR D 19 ? DGL D 2  DAR D 19 1 ? 18 
# 
_struct_conf_type.id          HELX_P 
_struct_conf_type.criteria    ? 
_struct_conf_type.reference   ? 
# 
loop_
_struct_conn.id 
_struct_conn.conn_type_id 
_struct_conn.pdbx_leaving_atom_flag 
_struct_conn.pdbx_PDB_id 
_struct_conn.ptnr1_label_asym_id 
_struct_conn.ptnr1_label_comp_id 
_struct_conn.ptnr1_label_seq_id 
_struct_conn.ptnr1_label_atom_id 
_struct_conn.pdbx_ptnr1_label_alt_id 
_struct_conn.pdbx_ptnr1_PDB_ins_code 
_struct_conn.pdbx_ptnr1_standard_comp_id 
_struct_conn.ptnr1_symmetry 
_struct_conn.ptnr2_label_asym_id 
_struct_conn.ptnr2_label_comp_id 
_struct_conn.ptnr2_label_seq_id 
_struct_conn.ptnr2_label_atom_id 
_struct_conn.pdbx_ptnr2_label_alt_id 
_struct_conn.pdbx_ptnr2_PDB_ins_code 
_struct_conn.ptnr1_auth_asym_id 
_struct_conn.ptnr1_auth_comp_id 
_struct_conn.ptnr1_auth_seq_id 
_struct_conn.ptnr2_auth_asym_id 
_struct_conn.ptnr2_auth_comp_id 
_struct_conn.ptnr2_auth_seq_id 
_struct_conn.ptnr2_symmetry 
_struct_conn.pdbx_ptnr3_label_atom_id 
_struct_conn.pdbx_ptnr3_label_seq_id 
_struct_conn.pdbx_ptnr3_label_comp_id 
_struct_conn.pdbx_ptnr3_label_asym_id 
_struct_conn.pdbx_ptnr3_label_alt_id 
_struct_conn.pdbx_ptnr3_PDB_ins_code 
_struct_conn.details 
_struct_conn.pdbx_dist_value 
_struct_conn.pdbx_value_order 
_struct_conn.pdbx_role 
covale1  covale both ? B DAS 1  C ? ? ? 1_555 B DGL 2  N ? ? B DAS 1  B DGL 2  1_555 ? ? ? ? ? ? ? 1.330 ? ? 
covale2  covale both ? B DGL 2  C ? ? ? 1_555 B DHI 3  N ? ? B DGL 2  B DHI 3  1_555 ? ? ? ? ? ? ? 1.328 ? ? 
covale3  covale both ? B DHI 3  C ? ? ? 1_555 B DGL 4  N ? ? B DHI 3  B DGL 4  1_555 ? ? ? ? ? ? ? 1.328 ? ? 
covale4  covale both ? B DGL 4  C ? ? ? 1_555 B DLE 5  N ? ? B DGL 4  B DLE 5  1_555 ? ? ? ? ? ? ? 1.329 ? ? 
covale5  covale both ? B DLE 5  C ? ? ? 1_555 B DLE 6  N ? ? B DLE 5  B DLE 6  1_555 ? ? ? ? ? ? ? 1.337 ? ? 
covale6  covale both ? B DLE 6  C ? ? ? 1_555 B DGL 7  N ? ? B DLE 6  B DGL 7  1_555 ? ? ? ? ? ? ? 1.335 ? ? 
covale7  covale both ? B DGL 7  C ? ? ? 1_555 B DTH 8  N ? ? B DGL 7  B DTH 8  1_555 ? ? ? ? ? ? ? 1.329 ? ? 
covale8  covale both ? B DTH 8  C ? ? ? 1_555 B DAL 9  N ? ? B DTH 8  B DAL 9  1_555 ? ? ? ? ? ? ? 1.330 ? ? 
covale9  covale both ? B DAL 9  C ? ? ? 1_555 B DAL 10 N ? ? B DAL 9  B DAL 10 1_555 ? ? ? ? ? ? ? 1.328 ? ? 
covale10 covale both ? B DAL 10 C ? ? ? 1_555 B DAR 11 N ? ? B DAL 10 B DAR 11 1_555 ? ? ? ? ? ? ? 1.336 ? ? 
covale11 covale both ? B DAR 11 C ? ? ? 1_555 B DTR 12 N ? ? B DAR 11 B DTR 12 1_555 ? ? ? ? ? ? ? 1.331 ? ? 
covale12 covale both ? B DTR 12 C ? ? ? 1_555 B DPN 13 N ? ? B DTR 12 B DPN 13 1_555 ? ? ? ? ? ? ? 1.329 ? ? 
covale13 covale both ? B DPN 13 C ? ? ? 1_555 B DTY 14 N ? ? B DPN 13 B DTY 14 1_555 ? ? ? ? ? ? ? 1.336 ? ? 
covale14 covale both ? B DTY 14 C ? ? ? 1_555 B DGL 15 N ? ? B DTY 14 B DGL 15 1_555 ? ? ? ? ? ? ? 1.332 ? ? 
covale15 covale both ? B DGL 15 C ? ? ? 1_555 B DIL 16 N ? ? B DGL 15 B DIL 16 1_555 ? ? ? ? ? ? ? 1.330 ? ? 
covale16 covale both ? B DIL 16 C ? ? ? 1_555 B DAL 17 N ? ? B DIL 16 B DAL 17 1_555 ? ? ? ? ? ? ? 1.336 ? ? 
covale17 covale both ? B DAL 17 C ? ? ? 1_555 B DLY 18 N ? ? B DAL 17 B DLY 18 1_555 ? ? ? ? ? ? ? 1.332 ? ? 
covale18 covale both ? B DLY 18 C ? ? ? 1_555 B DAR 19 N ? ? B DLY 18 B DAR 19 1_555 ? ? ? ? ? ? ? 1.327 ? ? 
covale19 covale both ? D DAS 1  C ? ? ? 1_555 D DGL 2  N ? ? D DAS 1  D DGL 2  1_555 ? ? ? ? ? ? ? 1.332 ? ? 
covale20 covale both ? D DGL 2  C ? ? ? 1_555 D DHI 3  N ? ? D DGL 2  D DHI 3  1_555 ? ? ? ? ? ? ? 1.326 ? ? 
covale21 covale both ? D DHI 3  C ? ? ? 1_555 D DGL 4  N ? ? D DHI 3  D DGL 4  1_555 ? ? ? ? ? ? ? 1.332 ? ? 
covale22 covale both ? D DGL 4  C ? ? ? 1_555 D DLE 5  N ? ? D DGL 4  D DLE 5  1_555 ? ? ? ? ? ? ? 1.329 ? ? 
covale23 covale both ? D DLE 5  C ? ? ? 1_555 D DLE 6  N ? ? D DLE 5  D DLE 6  1_555 ? ? ? ? ? ? ? 1.333 ? ? 
covale24 covale both ? D DLE 6  C ? ? ? 1_555 D DGL 7  N ? ? D DLE 6  D DGL 7  1_555 ? ? ? ? ? ? ? 1.325 ? ? 
covale25 covale both ? D DGL 7  C ? ? ? 1_555 D DTH 8  N ? ? D DGL 7  D DTH 8  1_555 ? ? ? ? ? ? ? 1.334 ? ? 
covale26 covale both ? D DTH 8  C ? ? ? 1_555 D DAL 9  N ? ? D DTH 8  D DAL 9  1_555 ? ? ? ? ? ? ? 1.331 ? ? 
covale27 covale both ? D DAL 9  C ? ? ? 1_555 D DAL 10 N ? ? D DAL 9  D DAL 10 1_555 ? ? ? ? ? ? ? 1.332 ? ? 
covale28 covale both ? D DAL 10 C ? ? ? 1_555 D DAR 11 N ? ? D DAL 10 D DAR 11 1_555 ? ? ? ? ? ? ? 1.334 ? ? 
covale29 covale both ? D DAR 11 C ? ? ? 1_555 D DTR 12 N ? ? D DAR 11 D DTR 12 1_555 ? ? ? ? ? ? ? 1.328 ? ? 
covale30 covale both ? D DTR 12 C ? ? ? 1_555 D DPN 13 N ? ? D DTR 12 D DPN 13 1_555 ? ? ? ? ? ? ? 1.330 ? ? 
covale31 covale both ? D DPN 13 C ? ? ? 1_555 D DTY 14 N ? ? D DPN 13 D DTY 14 1_555 ? ? ? ? ? ? ? 1.329 ? ? 
covale32 covale both ? D DTY 14 C ? ? ? 1_555 D DGL 15 N ? ? D DTY 14 D DGL 15 1_555 ? ? ? ? ? ? ? 1.328 ? ? 
covale33 covale both ? D DGL 15 C ? ? ? 1_555 D DIL 16 N ? ? D DGL 15 D DIL 16 1_555 ? ? ? ? ? ? ? 1.333 ? ? 
covale34 covale both ? D DIL 16 C ? ? ? 1_555 D DAL 17 N ? ? D DIL 16 D DAL 17 1_555 ? ? ? ? ? ? ? 1.330 ? ? 
covale35 covale both ? D DAL 17 C ? ? ? 1_555 D DLY 18 N ? ? D DAL 17 D DLY 18 1_555 ? ? ? ? ? ? ? 1.331 ? ? 
covale36 covale both ? D DLY 18 C ? ? ? 1_555 D DAR 19 N ? ? D DLY 18 D DAR 19 1_555 ? ? ? ? ? ? ? 1.327 ? ? 
# 
_struct_conn_type.id          covale 
_struct_conn_type.criteria    ? 
_struct_conn_type.reference   ? 
# 
_pdbx_entry_details.entry_id                   7YH8 
_pdbx_entry_details.has_ligand_of_interest     Y 
_pdbx_entry_details.compound_details           ? 
_pdbx_entry_details.source_details             ? 
_pdbx_entry_details.nonpolymer_details         ? 
_pdbx_entry_details.sequence_details           ? 
_pdbx_entry_details.has_protein_modification   N 
# 
loop_
_pdbx_struct_special_symmetry.id 
_pdbx_struct_special_symmetry.PDB_model_num 
_pdbx_struct_special_symmetry.auth_asym_id 
_pdbx_struct_special_symmetry.auth_comp_id 
_pdbx_struct_special_symmetry.auth_seq_id 
_pdbx_struct_special_symmetry.PDB_ins_code 
_pdbx_struct_special_symmetry.label_asym_id 
_pdbx_struct_special_symmetry.label_comp_id 
_pdbx_struct_special_symmetry.label_seq_id 
1 1 B HOH 110 ? F HOH . 
2 1 D HOH 107 ? H HOH . 
# 
loop_
_chem_comp_atom.comp_id 
_chem_comp_atom.atom_id 
_chem_comp_atom.type_symbol 
_chem_comp_atom.pdbx_aromatic_flag 
_chem_comp_atom.pdbx_stereo_config 
_chem_comp_atom.pdbx_ordinal 
ALA N    N N N 1   
ALA CA   C N S 2   
ALA C    C N N 3   
ALA O    O N N 4   
ALA CB   C N N 5   
ALA OXT  O N N 6   
ALA H    H N N 7   
ALA H2   H N N 8   
ALA HA   H N N 9   
ALA HB1  H N N 10  
ALA HB2  H N N 11  
ALA HB3  H N N 12  
ALA HXT  H N N 13  
ARG N    N N N 14  
ARG CA   C N S 15  
ARG C    C N N 16  
ARG O    O N N 17  
ARG CB   C N N 18  
ARG CG   C N N 19  
ARG CD   C N N 20  
ARG NE   N N N 21  
ARG CZ   C N N 22  
ARG NH1  N N N 23  
ARG NH2  N N N 24  
ARG OXT  O N N 25  
ARG H    H N N 26  
ARG H2   H N N 27  
ARG HA   H N N 28  
ARG HB2  H N N 29  
ARG HB3  H N N 30  
ARG HG2  H N N 31  
ARG HG3  H N N 32  
ARG HD2  H N N 33  
ARG HD3  H N N 34  
ARG HE   H N N 35  
ARG HH11 H N N 36  
ARG HH12 H N N 37  
ARG HH21 H N N 38  
ARG HH22 H N N 39  
ARG HXT  H N N 40  
ASN N    N N N 41  
ASN CA   C N S 42  
ASN C    C N N 43  
ASN O    O N N 44  
ASN CB   C N N 45  
ASN CG   C N N 46  
ASN OD1  O N N 47  
ASN ND2  N N N 48  
ASN OXT  O N N 49  
ASN H    H N N 50  
ASN H2   H N N 51  
ASN HA   H N N 52  
ASN HB2  H N N 53  
ASN HB3  H N N 54  
ASN HD21 H N N 55  
ASN HD22 H N N 56  
ASN HXT  H N N 57  
ASP N    N N N 58  
ASP CA   C N S 59  
ASP C    C N N 60  
ASP O    O N N 61  
ASP CB   C N N 62  
ASP CG   C N N 63  
ASP OD1  O N N 64  
ASP OD2  O N N 65  
ASP OXT  O N N 66  
ASP H    H N N 67  
ASP H2   H N N 68  
ASP HA   H N N 69  
ASP HB2  H N N 70  
ASP HB3  H N N 71  
ASP HD2  H N N 72  
ASP HXT  H N N 73  
DAL N    N N N 74  
DAL CA   C N R 75  
DAL CB   C N N 76  
DAL C    C N N 77  
DAL O    O N N 78  
DAL OXT  O N N 79  
DAL H    H N N 80  
DAL H2   H N N 81  
DAL HA   H N N 82  
DAL HB1  H N N 83  
DAL HB2  H N N 84  
DAL HB3  H N N 85  
DAL HXT  H N N 86  
DAR N    N N N 87  
DAR CA   C N R 88  
DAR CB   C N N 89  
DAR CG   C N N 90  
DAR CD   C N N 91  
DAR NE   N N N 92  
DAR CZ   C N N 93  
DAR NH1  N N N 94  
DAR NH2  N N N 95  
DAR C    C N N 96  
DAR O    O N N 97  
DAR OXT  O N N 98  
DAR H    H N N 99  
DAR H2   H N N 100 
DAR HA   H N N 101 
DAR HB2  H N N 102 
DAR HB3  H N N 103 
DAR HG2  H N N 104 
DAR HG3  H N N 105 
DAR HD2  H N N 106 
DAR HD3  H N N 107 
DAR HE   H N N 108 
DAR HH11 H N N 109 
DAR HH12 H N N 110 
DAR HH21 H N N 111 
DAR HH22 H N N 112 
DAR HXT  H N N 113 
DAS N    N N N 114 
DAS CA   C N R 115 
DAS C    C N N 116 
DAS O    O N N 117 
DAS CB   C N N 118 
DAS CG   C N N 119 
DAS OD1  O N N 120 
DAS OD2  O N N 121 
DAS OXT  O N N 122 
DAS H    H N N 123 
DAS H2   H N N 124 
DAS HA   H N N 125 
DAS HB2  H N N 126 
DAS HB3  H N N 127 
DAS HD2  H N N 128 
DAS HXT  H N N 129 
DGL N    N N N 130 
DGL CA   C N R 131 
DGL C    C N N 132 
DGL O    O N N 133 
DGL CB   C N N 134 
DGL CG   C N N 135 
DGL CD   C N N 136 
DGL OE1  O N N 137 
DGL OE2  O N N 138 
DGL OXT  O N N 139 
DGL H    H N N 140 
DGL H2   H N N 141 
DGL HA   H N N 142 
DGL HB2  H N N 143 
DGL HB3  H N N 144 
DGL HG2  H N N 145 
DGL HG3  H N N 146 
DGL HE2  H N N 147 
DGL HXT  H N N 148 
DHI N    N N N 149 
DHI CA   C N R 150 
DHI C    C N N 151 
DHI O    O N N 152 
DHI CB   C N N 153 
DHI CG   C Y N 154 
DHI ND1  N Y N 155 
DHI CD2  C Y N 156 
DHI CE1  C Y N 157 
DHI NE2  N Y N 158 
DHI OXT  O N N 159 
DHI H    H N N 160 
DHI H2   H N N 161 
DHI HA   H N N 162 
DHI HB2  H N N 163 
DHI HB3  H N N 164 
DHI HD1  H N N 165 
DHI HD2  H N N 166 
DHI HE1  H N N 167 
DHI HE2  H N N 168 
DHI HXT  H N N 169 
DIL N    N N N 170 
DIL CA   C N R 171 
DIL C    C N N 172 
DIL O    O N N 173 
DIL CB   C N R 174 
DIL CG1  C N N 175 
DIL CG2  C N N 176 
DIL CD1  C N N 177 
DIL OXT  O N N 178 
DIL H    H N N 179 
DIL H2   H N N 180 
DIL HA   H N N 181 
DIL HB   H N N 182 
DIL HG12 H N N 183 
DIL HG13 H N N 184 
DIL HG21 H N N 185 
DIL HG22 H N N 186 
DIL HG23 H N N 187 
DIL HD11 H N N 188 
DIL HD12 H N N 189 
DIL HD13 H N N 190 
DIL HXT  H N N 191 
DLE N    N N N 192 
DLE CA   C N R 193 
DLE CB   C N N 194 
DLE CG   C N N 195 
DLE CD1  C N N 196 
DLE CD2  C N N 197 
DLE C    C N N 198 
DLE O    O N N 199 
DLE OXT  O N N 200 
DLE H    H N N 201 
DLE H2   H N N 202 
DLE HA   H N N 203 
DLE HB2  H N N 204 
DLE HB3  H N N 205 
DLE HG   H N N 206 
DLE HD11 H N N 207 
DLE HD12 H N N 208 
DLE HD13 H N N 209 
DLE HD21 H N N 210 
DLE HD22 H N N 211 
DLE HD23 H N N 212 
DLE HXT  H N N 213 
DLY N    N N N 214 
DLY CA   C N R 215 
DLY C    C N N 216 
DLY O    O N N 217 
DLY CB   C N N 218 
DLY CG   C N N 219 
DLY CD   C N N 220 
DLY CE   C N N 221 
DLY NZ   N N N 222 
DLY OXT  O N N 223 
DLY H    H N N 224 
DLY H2   H N N 225 
DLY HA   H N N 226 
DLY HB2  H N N 227 
DLY HB3  H N N 228 
DLY HG2  H N N 229 
DLY HG3  H N N 230 
DLY HD2  H N N 231 
DLY HD3  H N N 232 
DLY HE2  H N N 233 
DLY HE3  H N N 234 
DLY HZ1  H N N 235 
DLY HZ2  H N N 236 
DLY HXT  H N N 237 
DPN N    N N N 238 
DPN CA   C N R 239 
DPN C    C N N 240 
DPN O    O N N 241 
DPN OXT  O N N 242 
DPN CB   C N N 243 
DPN CG   C Y N 244 
DPN CD1  C Y N 245 
DPN CD2  C Y N 246 
DPN CE1  C Y N 247 
DPN CE2  C Y N 248 
DPN CZ   C Y N 249 
DPN H    H N N 250 
DPN H2   H N N 251 
DPN HA   H N N 252 
DPN HXT  H N N 253 
DPN HB2  H N N 254 
DPN HB3  H N N 255 
DPN HD1  H N N 256 
DPN HD2  H N N 257 
DPN HE1  H N N 258 
DPN HE2  H N N 259 
DPN HZ   H N N 260 
DTH N    N N N 261 
DTH CA   C N R 262 
DTH CB   C N S 263 
DTH CG2  C N N 264 
DTH OG1  O N N 265 
DTH C    C N N 266 
DTH O    O N N 267 
DTH OXT  O N N 268 
DTH H    H N N 269 
DTH H2   H N N 270 
DTH HA   H N N 271 
DTH HB   H N N 272 
DTH HG21 H N N 273 
DTH HG22 H N N 274 
DTH HG23 H N N 275 
DTH HG1  H N N 276 
DTH HXT  H N N 277 
DTR N    N N N 278 
DTR CA   C N R 279 
DTR CB   C N N 280 
DTR CG   C Y N 281 
DTR CD1  C Y N 282 
DTR NE1  N Y N 283 
DTR CE2  C Y N 284 
DTR CZ2  C Y N 285 
DTR CH2  C Y N 286 
DTR CZ3  C Y N 287 
DTR CE3  C Y N 288 
DTR CD2  C Y N 289 
DTR C    C N N 290 
DTR O    O N N 291 
DTR OXT  O N N 292 
DTR H    H N N 293 
DTR H2   H N N 294 
DTR HA   H N N 295 
DTR HB2  H N N 296 
DTR HB3  H N N 297 
DTR HD1  H N N 298 
DTR HE1  H N N 299 
DTR HZ2  H N N 300 
DTR HH2  H N N 301 
DTR HZ3  H N N 302 
DTR HE3  H N N 303 
DTR HXT  H N N 304 
DTY N    N N N 305 
DTY CA   C N R 306 
DTY C    C N N 307 
DTY O    O N N 308 
DTY CB   C N N 309 
DTY CG   C Y N 310 
DTY CD1  C Y N 311 
DTY CD2  C Y N 312 
DTY CE1  C Y N 313 
DTY CE2  C Y N 314 
DTY CZ   C Y N 315 
DTY OH   O N N 316 
DTY OXT  O N N 317 
DTY H    H N N 318 
DTY H2   H N N 319 
DTY HA   H N N 320 
DTY HB2  H N N 321 
DTY HB3  H N N 322 
DTY HD1  H N N 323 
DTY HD2  H N N 324 
DTY HE1  H N N 325 
DTY HE2  H N N 326 
DTY HH   H N N 327 
DTY HXT  H N N 328 
GLU N    N N N 329 
GLU CA   C N S 330 
GLU C    C N N 331 
GLU O    O N N 332 
GLU CB   C N N 333 
GLU CG   C N N 334 
GLU CD   C N N 335 
GLU OE1  O N N 336 
GLU OE2  O N N 337 
GLU OXT  O N N 338 
GLU H    H N N 339 
GLU H2   H N N 340 
GLU HA   H N N 341 
GLU HB2  H N N 342 
GLU HB3  H N N 343 
GLU HG2  H N N 344 
GLU HG3  H N N 345 
GLU HE2  H N N 346 
GLU HXT  H N N 347 
GLY N    N N N 348 
GLY CA   C N N 349 
GLY C    C N N 350 
GLY O    O N N 351 
GLY OXT  O N N 352 
GLY H    H N N 353 
GLY H2   H N N 354 
GLY HA2  H N N 355 
GLY HA3  H N N 356 
GLY HXT  H N N 357 
HOH O    O N N 358 
HOH H1   H N N 359 
HOH H2   H N N 360 
ILE N    N N N 361 
ILE CA   C N S 362 
ILE C    C N N 363 
ILE O    O N N 364 
ILE CB   C N S 365 
ILE CG1  C N N 366 
ILE CG2  C N N 367 
ILE CD1  C N N 368 
ILE OXT  O N N 369 
ILE H    H N N 370 
ILE H2   H N N 371 
ILE HA   H N N 372 
ILE HB   H N N 373 
ILE HG12 H N N 374 
ILE HG13 H N N 375 
ILE HG21 H N N 376 
ILE HG22 H N N 377 
ILE HG23 H N N 378 
ILE HD11 H N N 379 
ILE HD12 H N N 380 
ILE HD13 H N N 381 
ILE HXT  H N N 382 
LEU N    N N N 383 
LEU CA   C N S 384 
LEU C    C N N 385 
LEU O    O N N 386 
LEU CB   C N N 387 
LEU CG   C N N 388 
LEU CD1  C N N 389 
LEU CD2  C N N 390 
LEU OXT  O N N 391 
LEU H    H N N 392 
LEU H2   H N N 393 
LEU HA   H N N 394 
LEU HB2  H N N 395 
LEU HB3  H N N 396 
LEU HG   H N N 397 
LEU HD11 H N N 398 
LEU HD12 H N N 399 
LEU HD13 H N N 400 
LEU HD21 H N N 401 
LEU HD22 H N N 402 
LEU HD23 H N N 403 
LEU HXT  H N N 404 
LYS N    N N N 405 
LYS CA   C N S 406 
LYS C    C N N 407 
LYS O    O N N 408 
LYS CB   C N N 409 
LYS CG   C N N 410 
LYS CD   C N N 411 
LYS CE   C N N 412 
LYS NZ   N N N 413 
LYS OXT  O N N 414 
LYS H    H N N 415 
LYS H2   H N N 416 
LYS HA   H N N 417 
LYS HB2  H N N 418 
LYS HB3  H N N 419 
LYS HG2  H N N 420 
LYS HG3  H N N 421 
LYS HD2  H N N 422 
LYS HD3  H N N 423 
LYS HE2  H N N 424 
LYS HE3  H N N 425 
LYS HZ1  H N N 426 
LYS HZ2  H N N 427 
LYS HZ3  H N N 428 
LYS HXT  H N N 429 
PHE N    N N N 430 
PHE CA   C N S 431 
PHE C    C N N 432 
PHE O    O N N 433 
PHE CB   C N N 434 
PHE CG   C Y N 435 
PHE CD1  C Y N 436 
PHE CD2  C Y N 437 
PHE CE1  C Y N 438 
PHE CE2  C Y N 439 
PHE CZ   C Y N 440 
PHE OXT  O N N 441 
PHE H    H N N 442 
PHE H2   H N N 443 
PHE HA   H N N 444 
PHE HB2  H N N 445 
PHE HB3  H N N 446 
PHE HD1  H N N 447 
PHE HD2  H N N 448 
PHE HE1  H N N 449 
PHE HE2  H N N 450 
PHE HZ   H N N 451 
PHE HXT  H N N 452 
PRO N    N N N 453 
PRO CA   C N S 454 
PRO C    C N N 455 
PRO O    O N N 456 
PRO CB   C N N 457 
PRO CG   C N N 458 
PRO CD   C N N 459 
PRO OXT  O N N 460 
PRO H    H N N 461 
PRO HA   H N N 462 
PRO HB2  H N N 463 
PRO HB3  H N N 464 
PRO HG2  H N N 465 
PRO HG3  H N N 466 
PRO HD2  H N N 467 
PRO HD3  H N N 468 
PRO HXT  H N N 469 
SER N    N N N 470 
SER CA   C N S 471 
SER C    C N N 472 
SER O    O N N 473 
SER CB   C N N 474 
SER OG   O N N 475 
SER OXT  O N N 476 
SER H    H N N 477 
SER H2   H N N 478 
SER HA   H N N 479 
SER HB2  H N N 480 
SER HB3  H N N 481 
SER HG   H N N 482 
SER HXT  H N N 483 
VAL N    N N N 484 
VAL CA   C N S 485 
VAL C    C N N 486 
VAL O    O N N 487 
VAL CB   C N N 488 
VAL CG1  C N N 489 
VAL CG2  C N N 490 
VAL OXT  O N N 491 
VAL H    H N N 492 
VAL H2   H N N 493 
VAL HA   H N N 494 
VAL HB   H N N 495 
VAL HG11 H N N 496 
VAL HG12 H N N 497 
VAL HG13 H N N 498 
VAL HG21 H N N 499 
VAL HG22 H N N 500 
VAL HG23 H N N 501 
VAL HXT  H N N 502 
# 
loop_
_chem_comp_bond.comp_id 
_chem_comp_bond.atom_id_1 
_chem_comp_bond.atom_id_2 
_chem_comp_bond.value_order 
_chem_comp_bond.pdbx_aromatic_flag 
_chem_comp_bond.pdbx_stereo_config 
_chem_comp_bond.pdbx_ordinal 
ALA N   CA   sing N N 1   
ALA N   H    sing N N 2   
ALA N   H2   sing N N 3   
ALA CA  C    sing N N 4   
ALA CA  CB   sing N N 5   
ALA CA  HA   sing N N 6   
ALA C   O    doub N N 7   
ALA C   OXT  sing N N 8   
ALA CB  HB1  sing N N 9   
ALA CB  HB2  sing N N 10  
ALA CB  HB3  sing N N 11  
ALA OXT HXT  sing N N 12  
ARG N   CA   sing N N 13  
ARG N   H    sing N N 14  
ARG N   H2   sing N N 15  
ARG CA  C    sing N N 16  
ARG CA  CB   sing N N 17  
ARG CA  HA   sing N N 18  
ARG C   O    doub N N 19  
ARG C   OXT  sing N N 20  
ARG CB  CG   sing N N 21  
ARG CB  HB2  sing N N 22  
ARG CB  HB3  sing N N 23  
ARG CG  CD   sing N N 24  
ARG CG  HG2  sing N N 25  
ARG CG  HG3  sing N N 26  
ARG CD  NE   sing N N 27  
ARG CD  HD2  sing N N 28  
ARG CD  HD3  sing N N 29  
ARG NE  CZ   sing N N 30  
ARG NE  HE   sing N N 31  
ARG CZ  NH1  sing N N 32  
ARG CZ  NH2  doub N N 33  
ARG NH1 HH11 sing N N 34  
ARG NH1 HH12 sing N N 35  
ARG NH2 HH21 sing N N 36  
ARG NH2 HH22 sing N N 37  
ARG OXT HXT  sing N N 38  
ASN N   CA   sing N N 39  
ASN N   H    sing N N 40  
ASN N   H2   sing N N 41  
ASN CA  C    sing N N 42  
ASN CA  CB   sing N N 43  
ASN CA  HA   sing N N 44  
ASN C   O    doub N N 45  
ASN C   OXT  sing N N 46  
ASN CB  CG   sing N N 47  
ASN CB  HB2  sing N N 48  
ASN CB  HB3  sing N N 49  
ASN CG  OD1  doub N N 50  
ASN CG  ND2  sing N N 51  
ASN ND2 HD21 sing N N 52  
ASN ND2 HD22 sing N N 53  
ASN OXT HXT  sing N N 54  
ASP N   CA   sing N N 55  
ASP N   H    sing N N 56  
ASP N   H2   sing N N 57  
ASP CA  C    sing N N 58  
ASP CA  CB   sing N N 59  
ASP CA  HA   sing N N 60  
ASP C   O    doub N N 61  
ASP C   OXT  sing N N 62  
ASP CB  CG   sing N N 63  
ASP CB  HB2  sing N N 64  
ASP CB  HB3  sing N N 65  
ASP CG  OD1  doub N N 66  
ASP CG  OD2  sing N N 67  
ASP OD2 HD2  sing N N 68  
ASP OXT HXT  sing N N 69  
DAL N   CA   sing N N 70  
DAL N   H    sing N N 71  
DAL N   H2   sing N N 72  
DAL CA  CB   sing N N 73  
DAL CA  C    sing N N 74  
DAL CA  HA   sing N N 75  
DAL CB  HB1  sing N N 76  
DAL CB  HB2  sing N N 77  
DAL CB  HB3  sing N N 78  
DAL C   O    doub N N 79  
DAL C   OXT  sing N N 80  
DAL OXT HXT  sing N N 81  
DAR N   CA   sing N N 82  
DAR N   H    sing N N 83  
DAR N   H2   sing N N 84  
DAR CA  CB   sing N N 85  
DAR CA  C    sing N N 86  
DAR CA  HA   sing N N 87  
DAR CB  CG   sing N N 88  
DAR CB  HB2  sing N N 89  
DAR CB  HB3  sing N N 90  
DAR CG  CD   sing N N 91  
DAR CG  HG2  sing N N 92  
DAR CG  HG3  sing N N 93  
DAR CD  NE   sing N N 94  
DAR CD  HD2  sing N N 95  
DAR CD  HD3  sing N N 96  
DAR NE  CZ   sing N N 97  
DAR NE  HE   sing N N 98  
DAR CZ  NH1  sing N N 99  
DAR CZ  NH2  doub N N 100 
DAR NH1 HH11 sing N N 101 
DAR NH1 HH12 sing N N 102 
DAR NH2 HH21 sing N N 103 
DAR NH2 HH22 sing N N 104 
DAR C   O    doub N N 105 
DAR C   OXT  sing N N 106 
DAR OXT HXT  sing N N 107 
DAS N   CA   sing N N 108 
DAS N   H    sing N N 109 
DAS N   H2   sing N N 110 
DAS CA  C    sing N N 111 
DAS CA  CB   sing N N 112 
DAS CA  HA   sing N N 113 
DAS C   O    doub N N 114 
DAS C   OXT  sing N N 115 
DAS CB  CG   sing N N 116 
DAS CB  HB2  sing N N 117 
DAS CB  HB3  sing N N 118 
DAS CG  OD1  doub N N 119 
DAS CG  OD2  sing N N 120 
DAS OD2 HD2  sing N N 121 
DAS OXT HXT  sing N N 122 
DGL N   CA   sing N N 123 
DGL N   H    sing N N 124 
DGL N   H2   sing N N 125 
DGL CA  C    sing N N 126 
DGL CA  CB   sing N N 127 
DGL CA  HA   sing N N 128 
DGL C   O    doub N N 129 
DGL C   OXT  sing N N 130 
DGL CB  CG   sing N N 131 
DGL CB  HB2  sing N N 132 
DGL CB  HB3  sing N N 133 
DGL CG  CD   sing N N 134 
DGL CG  HG2  sing N N 135 
DGL CG  HG3  sing N N 136 
DGL CD  OE1  doub N N 137 
DGL CD  OE2  sing N N 138 
DGL OE2 HE2  sing N N 139 
DGL OXT HXT  sing N N 140 
DHI N   CA   sing N N 141 
DHI N   H    sing N N 142 
DHI N   H2   sing N N 143 
DHI CA  C    sing N N 144 
DHI CA  CB   sing N N 145 
DHI CA  HA   sing N N 146 
DHI C   O    doub N N 147 
DHI C   OXT  sing N N 148 
DHI CB  CG   sing N N 149 
DHI CB  HB2  sing N N 150 
DHI CB  HB3  sing N N 151 
DHI CG  ND1  sing Y N 152 
DHI CG  CD2  doub Y N 153 
DHI ND1 CE1  doub Y N 154 
DHI ND1 HD1  sing N N 155 
DHI CD2 NE2  sing Y N 156 
DHI CD2 HD2  sing N N 157 
DHI CE1 NE2  sing Y N 158 
DHI CE1 HE1  sing N N 159 
DHI NE2 HE2  sing N N 160 
DHI OXT HXT  sing N N 161 
DIL N   CA   sing N N 162 
DIL N   H    sing N N 163 
DIL N   H2   sing N N 164 
DIL CA  C    sing N N 165 
DIL CA  CB   sing N N 166 
DIL CA  HA   sing N N 167 
DIL C   O    doub N N 168 
DIL C   OXT  sing N N 169 
DIL CB  CG1  sing N N 170 
DIL CB  CG2  sing N N 171 
DIL CB  HB   sing N N 172 
DIL CG1 CD1  sing N N 173 
DIL CG1 HG12 sing N N 174 
DIL CG1 HG13 sing N N 175 
DIL CG2 HG21 sing N N 176 
DIL CG2 HG22 sing N N 177 
DIL CG2 HG23 sing N N 178 
DIL CD1 HD11 sing N N 179 
DIL CD1 HD12 sing N N 180 
DIL CD1 HD13 sing N N 181 
DIL OXT HXT  sing N N 182 
DLE N   CA   sing N N 183 
DLE N   H    sing N N 184 
DLE N   H2   sing N N 185 
DLE CA  CB   sing N N 186 
DLE CA  C    sing N N 187 
DLE CA  HA   sing N N 188 
DLE CB  CG   sing N N 189 
DLE CB  HB2  sing N N 190 
DLE CB  HB3  sing N N 191 
DLE CG  CD1  sing N N 192 
DLE CG  CD2  sing N N 193 
DLE CG  HG   sing N N 194 
DLE CD1 HD11 sing N N 195 
DLE CD1 HD12 sing N N 196 
DLE CD1 HD13 sing N N 197 
DLE CD2 HD21 sing N N 198 
DLE CD2 HD22 sing N N 199 
DLE CD2 HD23 sing N N 200 
DLE C   O    doub N N 201 
DLE C   OXT  sing N N 202 
DLE OXT HXT  sing N N 203 
DLY N   CA   sing N N 204 
DLY N   H    sing N N 205 
DLY N   H2   sing N N 206 
DLY CA  C    sing N N 207 
DLY CA  CB   sing N N 208 
DLY CA  HA   sing N N 209 
DLY C   O    doub N N 210 
DLY C   OXT  sing N N 211 
DLY CB  CG   sing N N 212 
DLY CB  HB2  sing N N 213 
DLY CB  HB3  sing N N 214 
DLY CG  CD   sing N N 215 
DLY CG  HG2  sing N N 216 
DLY CG  HG3  sing N N 217 
DLY CD  CE   sing N N 218 
DLY CD  HD2  sing N N 219 
DLY CD  HD3  sing N N 220 
DLY CE  NZ   sing N N 221 
DLY CE  HE2  sing N N 222 
DLY CE  HE3  sing N N 223 
DLY NZ  HZ1  sing N N 224 
DLY NZ  HZ2  sing N N 225 
DLY OXT HXT  sing N N 226 
DPN N   CA   sing N N 227 
DPN N   H    sing N N 228 
DPN N   H2   sing N N 229 
DPN CA  C    sing N N 230 
DPN CA  CB   sing N N 231 
DPN CA  HA   sing N N 232 
DPN C   O    doub N N 233 
DPN C   OXT  sing N N 234 
DPN OXT HXT  sing N N 235 
DPN CB  CG   sing N N 236 
DPN CB  HB2  sing N N 237 
DPN CB  HB3  sing N N 238 
DPN CG  CD1  doub Y N 239 
DPN CG  CD2  sing Y N 240 
DPN CD1 CE1  sing Y N 241 
DPN CD1 HD1  sing N N 242 
DPN CD2 CE2  doub Y N 243 
DPN CD2 HD2  sing N N 244 
DPN CE1 CZ   doub Y N 245 
DPN CE1 HE1  sing N N 246 
DPN CE2 CZ   sing Y N 247 
DPN CE2 HE2  sing N N 248 
DPN CZ  HZ   sing N N 249 
DTH N   CA   sing N N 250 
DTH N   H    sing N N 251 
DTH N   H2   sing N N 252 
DTH CA  CB   sing N N 253 
DTH CA  C    sing N N 254 
DTH CA  HA   sing N N 255 
DTH CB  CG2  sing N N 256 
DTH CB  OG1  sing N N 257 
DTH CB  HB   sing N N 258 
DTH CG2 HG21 sing N N 259 
DTH CG2 HG22 sing N N 260 
DTH CG2 HG23 sing N N 261 
DTH OG1 HG1  sing N N 262 
DTH C   O    doub N N 263 
DTH C   OXT  sing N N 264 
DTH OXT HXT  sing N N 265 
DTR N   CA   sing N N 266 
DTR N   H    sing N N 267 
DTR N   H2   sing N N 268 
DTR CA  CB   sing N N 269 
DTR CA  C    sing N N 270 
DTR CA  HA   sing N N 271 
DTR CB  CG   sing N N 272 
DTR CB  HB2  sing N N 273 
DTR CB  HB3  sing N N 274 
DTR CG  CD1  doub Y N 275 
DTR CG  CD2  sing Y N 276 
DTR CD1 NE1  sing Y N 277 
DTR CD1 HD1  sing N N 278 
DTR NE1 CE2  sing Y N 279 
DTR NE1 HE1  sing N N 280 
DTR CE2 CZ2  doub Y N 281 
DTR CE2 CD2  sing Y N 282 
DTR CZ2 CH2  sing Y N 283 
DTR CZ2 HZ2  sing N N 284 
DTR CH2 CZ3  doub Y N 285 
DTR CH2 HH2  sing N N 286 
DTR CZ3 CE3  sing Y N 287 
DTR CZ3 HZ3  sing N N 288 
DTR CE3 CD2  doub Y N 289 
DTR CE3 HE3  sing N N 290 
DTR C   O    doub N N 291 
DTR C   OXT  sing N N 292 
DTR OXT HXT  sing N N 293 
DTY N   CA   sing N N 294 
DTY N   H    sing N N 295 
DTY N   H2   sing N N 296 
DTY CA  C    sing N N 297 
DTY CA  CB   sing N N 298 
DTY CA  HA   sing N N 299 
DTY C   O    doub N N 300 
DTY C   OXT  sing N N 301 
DTY CB  CG   sing N N 302 
DTY CB  HB2  sing N N 303 
DTY CB  HB3  sing N N 304 
DTY CG  CD1  doub Y N 305 
DTY CG  CD2  sing Y N 306 
DTY CD1 CE1  sing Y N 307 
DTY CD1 HD1  sing N N 308 
DTY CD2 CE2  doub Y N 309 
DTY CD2 HD2  sing N N 310 
DTY CE1 CZ   doub Y N 311 
DTY CE1 HE1  sing N N 312 
DTY CE2 CZ   sing Y N 313 
DTY CE2 HE2  sing N N 314 
DTY CZ  OH   sing N N 315 
DTY OH  HH   sing N N 316 
DTY OXT HXT  sing N N 317 
GLU N   CA   sing N N 318 
GLU N   H    sing N N 319 
GLU N   H2   sing N N 320 
GLU CA  C    sing N N 321 
GLU CA  CB   sing N N 322 
GLU CA  HA   sing N N 323 
GLU C   O    doub N N 324 
GLU C   OXT  sing N N 325 
GLU CB  CG   sing N N 326 
GLU CB  HB2  sing N N 327 
GLU CB  HB3  sing N N 328 
GLU CG  CD   sing N N 329 
GLU CG  HG2  sing N N 330 
GLU CG  HG3  sing N N 331 
GLU CD  OE1  doub N N 332 
GLU CD  OE2  sing N N 333 
GLU OE2 HE2  sing N N 334 
GLU OXT HXT  sing N N 335 
GLY N   CA   sing N N 336 
GLY N   H    sing N N 337 
GLY N   H2   sing N N 338 
GLY CA  C    sing N N 339 
GLY CA  HA2  sing N N 340 
GLY CA  HA3  sing N N 341 
GLY C   O    doub N N 342 
GLY C   OXT  sing N N 343 
GLY OXT HXT  sing N N 344 
HOH O   H1   sing N N 345 
HOH O   H2   sing N N 346 
ILE N   CA   sing N N 347 
ILE N   H    sing N N 348 
ILE N   H2   sing N N 349 
ILE CA  C    sing N N 350 
ILE CA  CB   sing N N 351 
ILE CA  HA   sing N N 352 
ILE C   O    doub N N 353 
ILE C   OXT  sing N N 354 
ILE CB  CG1  sing N N 355 
ILE CB  CG2  sing N N 356 
ILE CB  HB   sing N N 357 
ILE CG1 CD1  sing N N 358 
ILE CG1 HG12 sing N N 359 
ILE CG1 HG13 sing N N 360 
ILE CG2 HG21 sing N N 361 
ILE CG2 HG22 sing N N 362 
ILE CG2 HG23 sing N N 363 
ILE CD1 HD11 sing N N 364 
ILE CD1 HD12 sing N N 365 
ILE CD1 HD13 sing N N 366 
ILE OXT HXT  sing N N 367 
LEU N   CA   sing N N 368 
LEU N   H    sing N N 369 
LEU N   H2   sing N N 370 
LEU CA  C    sing N N 371 
LEU CA  CB   sing N N 372 
LEU CA  HA   sing N N 373 
LEU C   O    doub N N 374 
LEU C   OXT  sing N N 375 
LEU CB  CG   sing N N 376 
LEU CB  HB2  sing N N 377 
LEU CB  HB3  sing N N 378 
LEU CG  CD1  sing N N 379 
LEU CG  CD2  sing N N 380 
LEU CG  HG   sing N N 381 
LEU CD1 HD11 sing N N 382 
LEU CD1 HD12 sing N N 383 
LEU CD1 HD13 sing N N 384 
LEU CD2 HD21 sing N N 385 
LEU CD2 HD22 sing N N 386 
LEU CD2 HD23 sing N N 387 
LEU OXT HXT  sing N N 388 
LYS N   CA   sing N N 389 
LYS N   H    sing N N 390 
LYS N   H2   sing N N 391 
LYS CA  C    sing N N 392 
LYS CA  CB   sing N N 393 
LYS CA  HA   sing N N 394 
LYS C   O    doub N N 395 
LYS C   OXT  sing N N 396 
LYS CB  CG   sing N N 397 
LYS CB  HB2  sing N N 398 
LYS CB  HB3  sing N N 399 
LYS CG  CD   sing N N 400 
LYS CG  HG2  sing N N 401 
LYS CG  HG3  sing N N 402 
LYS CD  CE   sing N N 403 
LYS CD  HD2  sing N N 404 
LYS CD  HD3  sing N N 405 
LYS CE  NZ   sing N N 406 
LYS CE  HE2  sing N N 407 
LYS CE  HE3  sing N N 408 
LYS NZ  HZ1  sing N N 409 
LYS NZ  HZ2  sing N N 410 
LYS NZ  HZ3  sing N N 411 
LYS OXT HXT  sing N N 412 
PHE N   CA   sing N N 413 
PHE N   H    sing N N 414 
PHE N   H2   sing N N 415 
PHE CA  C    sing N N 416 
PHE CA  CB   sing N N 417 
PHE CA  HA   sing N N 418 
PHE C   O    doub N N 419 
PHE C   OXT  sing N N 420 
PHE CB  CG   sing N N 421 
PHE CB  HB2  sing N N 422 
PHE CB  HB3  sing N N 423 
PHE CG  CD1  doub Y N 424 
PHE CG  CD2  sing Y N 425 
PHE CD1 CE1  sing Y N 426 
PHE CD1 HD1  sing N N 427 
PHE CD2 CE2  doub Y N 428 
PHE CD2 HD2  sing N N 429 
PHE CE1 CZ   doub Y N 430 
PHE CE1 HE1  sing N N 431 
PHE CE2 CZ   sing Y N 432 
PHE CE2 HE2  sing N N 433 
PHE CZ  HZ   sing N N 434 
PHE OXT HXT  sing N N 435 
PRO N   CA   sing N N 436 
PRO N   CD   sing N N 437 
PRO N   H    sing N N 438 
PRO CA  C    sing N N 439 
PRO CA  CB   sing N N 440 
PRO CA  HA   sing N N 441 
PRO C   O    doub N N 442 
PRO C   OXT  sing N N 443 
PRO CB  CG   sing N N 444 
PRO CB  HB2  sing N N 445 
PRO CB  HB3  sing N N 446 
PRO CG  CD   sing N N 447 
PRO CG  HG2  sing N N 448 
PRO CG  HG3  sing N N 449 
PRO CD  HD2  sing N N 450 
PRO CD  HD3  sing N N 451 
PRO OXT HXT  sing N N 452 
SER N   CA   sing N N 453 
SER N   H    sing N N 454 
SER N   H2   sing N N 455 
SER CA  C    sing N N 456 
SER CA  CB   sing N N 457 
SER CA  HA   sing N N 458 
SER C   O    doub N N 459 
SER C   OXT  sing N N 460 
SER CB  OG   sing N N 461 
SER CB  HB2  sing N N 462 
SER CB  HB3  sing N N 463 
SER OG  HG   sing N N 464 
SER OXT HXT  sing N N 465 
VAL N   CA   sing N N 466 
VAL N   H    sing N N 467 
VAL N   H2   sing N N 468 
VAL CA  C    sing N N 469 
VAL CA  CB   sing N N 470 
VAL CA  HA   sing N N 471 
VAL C   O    doub N N 472 
VAL C   OXT  sing N N 473 
VAL CB  CG1  sing N N 474 
VAL CB  CG2  sing N N 475 
VAL CB  HB   sing N N 476 
VAL CG1 HG11 sing N N 477 
VAL CG1 HG12 sing N N 478 
VAL CG1 HG13 sing N N 479 
VAL CG2 HG21 sing N N 480 
VAL CG2 HG22 sing N N 481 
VAL CG2 HG23 sing N N 482 
VAL OXT HXT  sing N N 483 
# 
loop_
_pdbx_audit_support.funding_organization 
_pdbx_audit_support.country 
_pdbx_audit_support.grant_number 
_pdbx_audit_support.ordinal 
'National Natural Science Foundation of China (NSFC)' China 22137005       1 
'Ministry of Science and Technology (MoST, China)'    China 2020YFA0909200 2 
# 
_atom_sites.entry_id                    7YH8 
_atom_sites.Cartn_transf_matrix[1][1]   ? 
_atom_sites.Cartn_transf_matrix[1][2]   ? 
_atom_sites.Cartn_transf_matrix[1][3]   ? 
_atom_sites.Cartn_transf_matrix[2][1]   ? 
_atom_sites.Cartn_transf_matrix[2][2]   ? 
_atom_sites.Cartn_transf_matrix[2][3]   ? 
_atom_sites.Cartn_transf_matrix[3][1]   ? 
_atom_sites.Cartn_transf_matrix[3][2]   ? 
_atom_sites.Cartn_transf_matrix[3][3]   ? 
_atom_sites.Cartn_transf_vector[1]      ? 
_atom_sites.Cartn_transf_vector[2]      ? 
_atom_sites.Cartn_transf_vector[3]      ? 
_atom_sites.fract_transf_matrix[1][1]   0.00330807 
_atom_sites.fract_transf_matrix[1][2]   -0.00065793 
_atom_sites.fract_transf_matrix[1][3]   -0.01818689 
_atom_sites.fract_transf_matrix[2][1]   0.01186247 
_atom_sites.fract_transf_matrix[2][2]   0.00198538 
_atom_sites.fract_transf_matrix[2][3]   0.00208588 
_atom_sites.fract_transf_matrix[3][1]   0.00430654 
_atom_sites.fract_transf_matrix[3][2]   -0.02760331 
_atom_sites.fract_transf_matrix[3][3]   0.00178191 
_atom_sites.fract_transf_vector[1]      -0.251527 
_atom_sites.fract_transf_vector[2]      -0.025260 
_atom_sites.fract_transf_vector[3]      -0.248417 
_atom_sites.solution_primary            ? 
_atom_sites.solution_secondary          ? 
_atom_sites.solution_hydrogens          ? 
_atom_sites.special_details             ? 
# 
loop_
_atom_type.symbol 
C 
N 
O 
# 
loop_
_atom_site.group_PDB 
_atom_site.id 
_atom_site.type_symbol 
_atom_site.label_atom_id 
_atom_site.label_alt_id 
_atom_site.label_comp_id 
_atom_site.label_asym_id 
_atom_site.label_entity_id 
_atom_site.label_seq_id 
_atom_site.pdbx_PDB_ins_code 
_atom_site.Cartn_x 
_atom_site.Cartn_y 
_atom_site.Cartn_z 
_atom_site.occupancy 
_atom_site.B_iso_or_equiv 
_atom_site.pdbx_formal_charge 
_atom_site.auth_seq_id 
_atom_site.auth_comp_id 
_atom_site.auth_asym_id 
_atom_site.auth_atom_id 
_atom_site.pdbx_PDB_model_num 
ATOM   1    N N   . LEU A 1 1  ? 2.816   18.811  11.212  1.00 49.66 ? 1   LEU A N   1 
ATOM   2    C CA  . LEU A 1 1  ? 2.425   18.332  9.887   1.00 52.04 ? 1   LEU A CA  1 
ATOM   3    C C   . LEU A 1 1  ? 2.495   16.810  9.814   1.00 47.80 ? 1   LEU A C   1 
ATOM   4    O O   . LEU A 1 1  ? 3.553   16.219  10.054  1.00 41.69 ? 1   LEU A O   1 
ATOM   5    C CB  . LEU A 1 1  ? 3.314   18.956  8.803   1.00 50.19 ? 1   LEU A CB  1 
ATOM   6    C CG  . LEU A 1 1  ? 3.216   18.440  7.362   1.00 45.80 ? 1   LEU A CG  1 
ATOM   7    C CD1 . LEU A 1 1  ? 1.833   18.688  6.760   1.00 46.40 ? 1   LEU A CD1 1 
ATOM   8    C CD2 . LEU A 1 1  ? 4.296   19.108  6.506   1.00 47.77 ? 1   LEU A CD2 1 
ATOM   9    N N   . PRO A 1 2  ? 1.366   16.174  9.485   1.00 47.65 ? 2   PRO A N   1 
ATOM   10   C CA  . PRO A 1 2  ? 1.377   14.705  9.366   1.00 49.42 ? 2   PRO A CA  1 
ATOM   11   C C   . PRO A 1 2  ? 2.374   14.192  8.337   1.00 39.20 ? 2   PRO A C   1 
ATOM   12   O O   . PRO A 1 2  ? 2.980   13.139  8.560   1.00 37.09 ? 2   PRO A O   1 
ATOM   13   C CB  . PRO A 1 2  ? -0.075  14.372  8.979   1.00 49.95 ? 2   PRO A CB  1 
ATOM   14   C CG  . PRO A 1 2  ? -0.878  15.552  9.443   1.00 50.04 ? 2   PRO A CG  1 
ATOM   15   C CD  . PRO A 1 2  ? 0.026   16.743  9.262   1.00 48.37 ? 2   PRO A CD  1 
ATOM   16   N N   . VAL A 1 3  ? 2.575   14.912  7.229   1.00 38.31 ? 3   VAL A N   1 
ATOM   17   C CA  . VAL A 1 3  ? 3.472   14.432  6.177   1.00 36.96 ? 3   VAL A CA  1 
ATOM   18   C C   . VAL A 1 3  ? 4.888   14.290  6.713   1.00 39.79 ? 3   VAL A C   1 
ATOM   19   O O   . VAL A 1 3  ? 5.560   13.275  6.487   1.00 38.24 ? 3   VAL A O   1 
ATOM   20   C CB  . VAL A 1 3  ? 3.422   15.366  4.952   1.00 43.13 ? 3   VAL A CB  1 
ATOM   21   C CG1 . VAL A 1 3  ? 4.649   15.154  4.039   1.00 38.05 ? 3   VAL A CG1 1 
ATOM   22   C CG2 . VAL A 1 3  ? 2.144   15.140  4.167   1.00 36.99 ? 3   VAL A CG2 1 
ATOM   23   N N   . GLU A 1 4  ? 5.361   15.300  7.446   1.00 39.73 ? 4   GLU A N   1 
ATOM   24   C CA  . GLU A 1 4  ? 6.715   15.245  7.977   1.00 41.15 ? 4   GLU A CA  1 
ATOM   25   C C   . GLU A 1 4  ? 6.869   14.138  9.010   1.00 33.96 ? 4   GLU A C   1 
ATOM   26   O O   . GLU A 1 4  ? 7.926   13.508  9.083   1.00 36.29 ? 4   GLU A O   1 
ATOM   27   C CB  . GLU A 1 4  ? 7.106   16.602  8.560   1.00 43.20 ? 4   GLU A CB  1 
ATOM   28   C CG  . GLU A 1 4  ? 7.481   17.619  7.493   1.00 42.43 ? 4   GLU A CG  1 
ATOM   29   C CD  . GLU A 1 4  ? 8.940   17.506  7.064   1.00 55.78 ? 4   GLU A CD  1 
ATOM   30   O OE1 . GLU A 1 4  ? 9.397   16.377  6.741   1.00 53.13 ? 4   GLU A OE1 1 
ATOM   31   O OE2 . GLU A 1 4  ? 9.635   18.547  7.057   1.00 54.31 ? 4   GLU A OE2 1 
ATOM   32   N N   . LYS A 1 5  ? 5.817   13.841  9.768   1.00 33.06 ? 5   LYS A N   1 
ATOM   33   C CA  . LYS A 1 5  ? 5.885   12.746  10.732  1.00 37.50 ? 5   LYS A CA  1 
ATOM   34   C C   . LYS A 1 5  ? 5.924   11.384  10.037  1.00 32.48 ? 5   LYS A C   1 
ATOM   35   O O   . LYS A 1 5  ? 6.694   10.502  10.429  1.00 29.94 ? 5   LYS A O   1 
ATOM   36   C CB  . LYS A 1 5  ? 4.700   12.835  11.697  1.00 37.66 ? 5   LYS A CB  1 
ATOM   37   C CG  . LYS A 1 5  ? 4.941   13.759  12.908  1.00 46.78 ? 5   LYS A CG  1 
ATOM   38   C CD  . LYS A 1 5  ? 6.278   13.438  13.610  1.00 52.98 ? 5   LYS A CD  1 
ATOM   39   C CE  . LYS A 1 5  ? 6.638   14.471  14.687  1.00 58.39 ? 5   LYS A CE  1 
ATOM   40   N NZ  . LYS A 1 5  ? 7.087   13.849  15.972  1.00 51.19 ? 5   LYS A NZ  1 
ATOM   41   N N   . ILE A 1 6  ? 5.083   11.190  9.018   1.00 32.64 ? 6   ILE A N   1 
ATOM   42   C CA  . ILE A 1 6  ? 5.110   9.945   8.247   1.00 30.40 ? 6   ILE A CA  1 
ATOM   43   C C   . ILE A 1 6  ? 6.484   9.739   7.630   1.00 29.17 ? 6   ILE A C   1 
ATOM   44   O O   . ILE A 1 6  ? 7.084   8.655   7.722   1.00 27.12 ? 6   ILE A O   1 
ATOM   45   C CB  . ILE A 1 6  ? 4.000   9.966   7.177   1.00 28.57 ? 6   ILE A CB  1 
ATOM   46   C CG1 . ILE A 1 6  ? 2.619   9.852   7.842   1.00 32.79 ? 6   ILE A CG1 1 
ATOM   47   C CG2 . ILE A 1 6  ? 4.217   8.863   6.168   1.00 24.05 ? 6   ILE A CG2 1 
ATOM   48   C CD1 . ILE A 1 6  ? 1.457   10.139  6.921   1.00 34.92 ? 6   ILE A CD1 1 
ATOM   49   N N   . ILE A 1 7  ? 7.025   10.793  7.015   1.00 27.79 ? 7   ILE A N   1 
ATOM   50   C CA  . ILE A 1 7  ? 8.327   10.724  6.370   1.00 27.92 ? 7   ILE A CA  1 
ATOM   51   C C   . ILE A 1 7  ? 9.431   10.431  7.378   1.00 30.88 ? 7   ILE A C   1 
ATOM   52   O O   . ILE A 1 7  ? 10.328  9.619   7.113   1.00 24.99 ? 7   ILE A O   1 
ATOM   53   C CB  . ILE A 1 7  ? 8.577   12.028  5.606   1.00 33.27 ? 7   ILE A CB  1 
ATOM   54   C CG1 . ILE A 1 7  ? 7.610   12.067  4.423   1.00 30.70 ? 7   ILE A CG1 1 
ATOM   55   C CG2 . ILE A 1 7  ? 10.056  12.188  5.272   1.00 32.05 ? 7   ILE A CG2 1 
ATOM   56   C CD1 . ILE A 1 7  ? 8.045   12.897  3.304   1.00 36.09 ? 7   ILE A CD1 1 
ATOM   57   N N   . ARG A 1 8  ? 9.386   11.087  8.545   1.00 31.16 ? 8   ARG A N   1 
ATOM   58   C CA  . ARG A 1 8  ? 10.387  10.841  9.576   1.00 32.28 ? 8   ARG A CA  1 
ATOM   59   C C   . ARG A 1 8  ? 10.343  9.391   10.043  1.00 30.97 ? 8   ARG A C   1 
ATOM   60   O O   . ARG A 1 8  ? 11.386  8.733   10.157  1.00 31.66 ? 8   ARG A O   1 
ATOM   61   C CB  . ARG A 1 8  ? 10.178  11.807  10.749  1.00 38.26 ? 8   ARG A CB  1 
ATOM   62   C CG  . ARG A 1 8  ? 11.476  12.303  11.369  1.00 45.38 ? 8   ARG A CG  1 
ATOM   63   C CD  . ARG A 1 8  ? 11.264  13.562  12.204  1.00 55.18 ? 8   ARG A CD  1 
ATOM   64   N NE  . ARG A 1 8  ? 11.160  14.761  11.379  1.00 58.50 ? 8   ARG A NE  1 
ATOM   65   C CZ  . ARG A 1 8  ? 10.948  15.980  11.858  1.00 64.52 ? 8   ARG A CZ  1 
ATOM   66   N NH1 . ARG A 1 8  ? 10.822  16.198  13.158  1.00 68.13 ? 8   ARG A NH1 1 
ATOM   67   N NH2 . ARG A 1 8  ? 10.861  17.007  11.012  1.00 58.05 ? 8   ARG A NH2 1 
ATOM   68   N N   . GLU A 1 9  ? 9.140   8.874   10.320  1.00 29.83 ? 9   GLU A N   1 
ATOM   69   C CA  . GLU A 1 9  ? 9.020   7.472   10.707  1.00 31.21 ? 9   GLU A CA  1 
ATOM   70   C C   . GLU A 1 9  ? 9.600   6.547   9.635   1.00 29.08 ? 9   GLU A C   1 
ATOM   71   O O   . GLU A 1 9  ? 10.328  5.587   9.951   1.00 30.09 ? 9   GLU A O   1 
ATOM   72   C CB  . GLU A 1 9  ? 7.550   7.144   10.989  1.00 35.75 ? 9   GLU A CB  1 
ATOM   73   C CG  . GLU A 1 9  ? 7.231   5.654   11.269  1.00 33.07 ? 9   GLU A CG  1 
ATOM   74   C CD  . GLU A 1 9  ? 7.790   5.154   12.599  1.00 44.42 ? 9   GLU A CD  1 
ATOM   75   O OE1 . GLU A 1 9  ? 8.421   5.955   13.329  1.00 49.65 ? 9   GLU A OE1 1 
ATOM   76   O OE2 . GLU A 1 9  ? 7.586   3.962   12.928  1.00 46.88 ? 9   GLU A OE2 1 
ATOM   77   N N   . ALA A 1 10 ? 9.308   6.833   8.359   1.00 26.02 ? 10  ALA A N   1 
ATOM   78   C CA  . ALA A 1 10 ? 9.797   5.982   7.271   1.00 28.39 ? 10  ALA A CA  1 
ATOM   79   C C   . ALA A 1 10 ? 11.320  6.008   7.191   1.00 27.01 ? 10  ALA A C   1 
ATOM   80   O O   . ALA A 1 10 ? 11.963  4.963   6.995   1.00 29.83 ? 10  ALA A O   1 
ATOM   81   C CB  . ALA A 1 10 ? 9.186   6.430   5.942   1.00 22.02 ? 10  ALA A CB  1 
ATOM   82   N N   . LYS A 1 11 ? 11.906  7.201   7.344   1.00 26.81 ? 11  LYS A N   1 
ATOM   83   C CA  . LYS A 1 11 ? 13.356  7.344   7.308   1.00 25.30 ? 11  LYS A CA  1 
ATOM   84   C C   . LYS A 1 11 ? 14.002  6.596   8.454   1.00 25.71 ? 11  LYS A C   1 
ATOM   85   O O   . LYS A 1 11 ? 15.059  5.988   8.285   1.00 26.88 ? 11  LYS A O   1 
ATOM   86   C CB  . LYS A 1 11 ? 13.752  8.820   7.356   1.00 24.88 ? 11  LYS A CB  1 
ATOM   87   C CG  . LYS A 1 11 ? 13.607  9.541   6.025   1.00 26.41 ? 11  LYS A CG  1 
ATOM   88   C CD  . LYS A 1 11 ? 13.838  11.051  6.204   1.00 28.55 ? 11  LYS A CD  1 
ATOM   89   C CE  . LYS A 1 11 ? 13.907  11.765  4.865   1.00 27.68 ? 11  LYS A CE  1 
ATOM   90   N NZ  . LYS A 1 11 ? 14.380  13.182  4.951   1.00 28.08 ? 11  LYS A NZ  1 
ATOM   91   N N   . LYS A 1 12 ? 13.368  6.604   9.626   1.00 26.48 ? 12  LYS A N   1 
ATOM   92   C CA  . LYS A 1 12 ? 13.918  5.837   10.739  1.00 29.71 ? 12  LYS A CA  1 
ATOM   93   C C   . LYS A 1 12 ? 13.918  4.342   10.456  1.00 28.00 ? 12  LYS A C   1 
ATOM   94   O O   . LYS A 1 12 ? 14.897  3.642   10.757  1.00 27.90 ? 12  LYS A O   1 
ATOM   95   C CB  . LYS A 1 12 ? 13.160  6.124   12.039  1.00 32.56 ? 12  LYS A CB  1 
ATOM   96   C CG  . LYS A 1 12 ? 13.881  7.123   12.926  1.00 36.53 ? 12  LYS A CG  1 
ATOM   97   C CD  . LYS A 1 12 ? 15.324  6.622   13.156  1.00 41.61 ? 12  LYS A CD  1 
ATOM   98   C CE  . LYS A 1 12 ? 15.350  5.176   13.658  1.00 44.96 ? 12  LYS A CE  1 
ATOM   99   N NZ  . LYS A 1 12 ? 16.684  4.556   13.414  1.00 47.72 ? 12  LYS A NZ  1 
ATOM   100  N N   . ILE A 1 13 ? 12.810  3.823   9.919   1.00 23.08 ? 13  ILE A N   1 
ATOM   101  C CA  . ILE A 1 13 ? 12.780  2.396   9.600   1.00 27.73 ? 13  ILE A CA  1 
ATOM   102  C C   . ILE A 1 13 ? 13.857  2.064   8.573   1.00 26.12 ? 13  ILE A C   1 
ATOM   103  O O   . ILE A 1 13 ? 14.561  1.057   8.698   1.00 25.45 ? 13  ILE A O   1 
ATOM   104  C CB  . ILE A 1 13 ? 11.384  1.957   9.115   1.00 27.19 ? 13  ILE A CB  1 
ATOM   105  C CG1 . ILE A 1 13 ? 10.332  2.223   10.191  1.00 27.28 ? 13  ILE A CG1 1 
ATOM   106  C CG2 . ILE A 1 13 ? 11.396  0.460   8.762   1.00 27.32 ? 13  ILE A CG2 1 
ATOM   107  C CD1 . ILE A 1 13 ? 8.898   2.108   9.720   1.00 27.24 ? 13  ILE A CD1 1 
ATOM   108  N N   . LEU A 1 14 ? 14.012  2.917   7.552   1.00 27.91 ? 14  LEU A N   1 
ATOM   109  C CA  . LEU A 1 14 ? 15.047  2.686   6.546   1.00 26.78 ? 14  LEU A CA  1 
ATOM   110  C C   . LEU A 1 14 ? 16.436  2.687   7.175   1.00 29.61 ? 14  LEU A C   1 
ATOM   111  O O   . LEU A 1 14 ? 17.286  1.853   6.835   1.00 25.60 ? 14  LEU A O   1 
ATOM   112  C CB  . LEU A 1 14 ? 14.977  3.759   5.455   1.00 23.75 ? 14  LEU A CB  1 
ATOM   113  C CG  . LEU A 1 14 ? 13.880  3.739   4.383   1.00 25.20 ? 14  LEU A CG  1 
ATOM   114  C CD1 . LEU A 1 14 ? 14.003  4.999   3.540   1.00 22.87 ? 14  LEU A CD1 1 
ATOM   115  C CD2 . LEU A 1 14 ? 13.940  2.484   3.504   1.00 17.38 ? 14  LEU A CD2 1 
ATOM   116  N N   . ASP A 1 15 ? 16.697  3.645   8.067   1.00 26.59 ? 15  ASP A N   1 
ATOM   117  C CA  . ASP A 1 15 ? 18.007  3.723   8.703   1.00 29.71 ? 15  ASP A CA  1 
ATOM   118  C C   . ASP A 1 15 ? 18.306  2.452   9.475   1.00 27.77 ? 15  ASP A C   1 
ATOM   119  O O   . ASP A 1 15 ? 19.425  1.925   9.416   1.00 24.89 ? 15  ASP A O   1 
ATOM   120  C CB  . ASP A 1 15 ? 18.076  4.937   9.627   1.00 32.44 ? 15  ASP A CB  1 
ATOM   121  C CG  . ASP A 1 15 ? 18.216  6.242   8.868   1.00 36.09 ? 15  ASP A CG  1 
ATOM   122  O OD1 . ASP A 1 15 ? 18.563  6.194   7.666   1.00 37.23 ? 15  ASP A OD1 1 
ATOM   123  O OD2 . ASP A 1 15 ? 17.991  7.316   9.474   1.00 39.35 ? 15  ASP A OD2 1 
ATOM   124  N N   . GLU A 1 16 ? 17.310  1.923   10.186  1.00 26.75 ? 16  GLU A N   1 
ATOM   125  C CA  . GLU A 1 16 ? 17.576  0.713   10.956  1.00 27.88 ? 16  GLU A CA  1 
ATOM   126  C C   . GLU A 1 16 ? 17.744  -0.503  10.054  1.00 28.11 ? 16  GLU A C   1 
ATOM   127  O O   . GLU A 1 16 ? 18.626  -1.336  10.297  1.00 24.60 ? 16  GLU A O   1 
ATOM   128  C CB  . GLU A 1 16 ? 16.480  0.464   11.984  1.00 28.07 ? 16  GLU A CB  1 
ATOM   129  C CG  . GLU A 1 16 ? 16.929  -0.451  13.142  1.00 35.81 ? 16  GLU A CG  1 
ATOM   130  C CD  . GLU A 1 16 ? 18.105  0.102   13.970  1.00 41.40 ? 16  GLU A CD  1 
ATOM   131  O OE1 . GLU A 1 16 ? 18.550  1.253   13.743  1.00 44.44 ? 16  GLU A OE1 1 
ATOM   132  O OE2 . GLU A 1 16 ? 18.577  -0.618  14.878  1.00 41.92 ? 16  GLU A OE2 1 
ATOM   133  N N   . LEU A 1 17 ? 16.911  -0.632  9.017   1.00 24.50 ? 17  LEU A N   1 
ATOM   134  C CA  . LEU A 1 17 ? 17.071  -1.742  8.075   1.00 23.72 ? 17  LEU A CA  1 
ATOM   135  C C   . LEU A 1 17 ? 18.466  -1.746  7.468   1.00 24.15 ? 17  LEU A C   1 
ATOM   136  O O   . LEU A 1 17 ? 19.114  -2.795  7.368   1.00 23.89 ? 17  LEU A O   1 
ATOM   137  C CB  . LEU A 1 17 ? 16.023  -1.657  6.967   1.00 22.58 ? 17  LEU A CB  1 
ATOM   138  C CG  . LEU A 1 17 ? 14.561  -1.951  7.322   1.00 25.73 ? 17  LEU A CG  1 
ATOM   139  C CD1 . LEU A 1 17 ? 13.720  -1.840  6.043   1.00 25.36 ? 17  LEU A CD1 1 
ATOM   140  C CD2 . LEU A 1 17 ? 14.424  -3.333  7.970   1.00 16.17 ? 17  LEU A CD2 1 
ATOM   141  N N   . LEU A 1 18 ? 18.938  -0.573  7.045   1.00 23.74 ? 18  LEU A N   1 
ATOM   142  C CA  . LEU A 1 18 ? 20.279  -0.460  6.487   1.00 28.95 ? 18  LEU A CA  1 
ATOM   143  C C   . LEU A 1 18 ? 21.331  -0.834  7.517   1.00 25.70 ? 18  LEU A C   1 
ATOM   144  O O   . LEU A 1 18 ? 22.199  -1.680  7.259   1.00 28.05 ? 18  LEU A O   1 
ATOM   145  C CB  . LEU A 1 18 ? 20.505  0.964   5.978   1.00 22.68 ? 18  LEU A CB  1 
ATOM   146  C CG  . LEU A 1 18 ? 21.886  1.264   5.403   1.00 26.92 ? 18  LEU A CG  1 
ATOM   147  C CD1 . LEU A 1 18 ? 22.157  0.381   4.184   1.00 22.38 ? 18  LEU A CD1 1 
ATOM   148  C CD2 . LEU A 1 18 ? 21.985  2.752   5.057   1.00 23.81 ? 18  LEU A CD2 1 
ATOM   149  N N   . LYS A 1 19 ? 21.252  -0.224  8.705   1.00 26.90 ? 19  LYS A N   1 
ATOM   150  C CA  . LYS A 1 19 ? 22.237  -0.472  9.753   1.00 30.44 ? 19  LYS A CA  1 
ATOM   151  C C   . LYS A 1 19 ? 22.347  -1.950  10.084  1.00 30.05 ? 19  LYS A C   1 
ATOM   152  O O   . LYS A 1 19 ? 23.437  -2.432  10.424  1.00 31.28 ? 19  LYS A O   1 
ATOM   153  C CB  . LYS A 1 19 ? 21.877  0.315   11.016  1.00 29.34 ? 19  LYS A CB  1 
ATOM   154  C CG  . LYS A 1 19 ? 22.971  0.281   12.078  1.00 37.96 ? 19  LYS A CG  1 
ATOM   155  C CD  . LYS A 1 19 ? 22.557  1.011   13.352  1.00 39.54 ? 19  LYS A CD  1 
ATOM   156  C CE  . LYS A 1 19 ? 23.130  0.326   14.597  1.00 44.90 ? 19  LYS A CE  1 
ATOM   157  N NZ  . LYS A 1 19 ? 22.040  -0.185  15.498  1.00 52.80 ? 19  LYS A NZ  1 
ATOM   158  N N   . ARG A 1 20 ? 21.243  -2.685  9.977   1.00 25.20 ? 20  ARG A N   1 
ATOM   159  C CA  . ARG A 1 20 ? 21.173  -4.069  10.419  1.00 29.13 ? 20  ARG A CA  1 
ATOM   160  C C   . ARG A 1 20 ? 21.445  -5.075  9.300   1.00 28.23 ? 20  ARG A C   1 
ATOM   161  O O   . ARG A 1 20 ? 21.185  -6.268  9.478   1.00 27.92 ? 20  ARG A O   1 
ATOM   162  C CB  . ARG A 1 20 ? 19.806  -4.341  11.054  1.00 32.50 ? 20  ARG A CB  1 
ATOM   163  C CG  . ARG A 1 20 ? 19.706  -3.920  12.519  1.00 36.90 ? 20  ARG A CG  1 
ATOM   164  C CD  . ARG A 1 20 ? 18.517  -4.594  13.199  1.00 48.02 ? 20  ARG A CD  1 
ATOM   165  N NE  . ARG A 1 20 ? 18.912  -5.748  14.005  1.00 54.70 ? 20  ARG A NE  1 
ATOM   166  C CZ  . ARG A 1 20 ? 18.327  -6.941  13.953  1.00 53.19 ? 20  ARG A CZ  1 
ATOM   167  N NH1 . ARG A 1 20 ? 17.314  -7.183  13.133  1.00 46.07 ? 20  ARG A NH1 1 
ATOM   168  N NH2 . ARG A 1 20 ? 18.765  -7.916  14.749  1.00 48.83 ? 20  ARG A NH2 1 
ATOM   169  N N   . GLY A 1 21 ? 21.949  -4.629  8.156   1.00 26.29 ? 21  GLY A N   1 
ATOM   170  C CA  . GLY A 1 21 ? 22.299  -5.567  7.110   1.00 26.63 ? 21  GLY A CA  1 
ATOM   171  C C   . GLY A 1 21 ? 21.143  -6.095  6.292   1.00 25.00 ? 21  GLY A C   1 
ATOM   172  O O   . GLY A 1 21 ? 21.343  -7.028  5.510   1.00 27.75 ? 21  GLY A O   1 
ATOM   173  N N   . LEU A 1 22 ? 19.952  -5.509  6.404   1.00 25.95 ? 22  LEU A N   1 
ATOM   174  C CA  . LEU A 1 22 ? 18.760  -6.086  5.789   1.00 20.99 ? 22  LEU A CA  1 
ATOM   175  C C   . LEU A 1 22 ? 18.381  -5.439  4.462   1.00 25.62 ? 22  LEU A C   1 
ATOM   176  O O   . LEU A 1 22 ? 17.694  -6.077  3.658   1.00 22.84 ? 22  LEU A O   1 
ATOM   177  C CB  . LEU A 1 22 ? 17.571  -5.992  6.758   1.00 22.40 ? 22  LEU A CB  1 
ATOM   178  C CG  . LEU A 1 22 ? 17.700  -6.793  8.057   1.00 25.85 ? 22  LEU A CG  1 
ATOM   179  C CD1 . LEU A 1 22 ? 16.423  -6.653  8.903   1.00 25.81 ? 22  LEU A CD1 1 
ATOM   180  C CD2 . LEU A 1 22 ? 17.987  -8.263  7.769   1.00 23.15 ? 22  LEU A CD2 1 
ATOM   181  N N   . ILE A 1 23 ? 18.789  -4.193  4.217   1.00 23.45 ? 23  ILE A N   1 
ATOM   182  C CA  . ILE A 1 23 ? 18.671  -3.588  2.896   1.00 27.24 ? 23  ILE A CA  1 
ATOM   183  C C   . ILE A 1 23 ? 20.029  -3.031  2.505   1.00 24.17 ? 23  ILE A C   1 
ATOM   184  O O   . ILE A 1 23 ? 20.877  -2.756  3.351   1.00 26.63 ? 23  ILE A O   1 
ATOM   185  C CB  . ILE A 1 23 ? 17.609  -2.472  2.839   1.00 26.40 ? 23  ILE A CB  1 
ATOM   186  C CG1 . ILE A 1 23 ? 17.986  -1.347  3.817   1.00 22.50 ? 23  ILE A CG1 1 
ATOM   187  C CG2 . ILE A 1 23 ? 16.218  -3.061  3.085   1.00 24.15 ? 23  ILE A CG2 1 
ATOM   188  C CD1 . ILE A 1 23 ? 17.032  -0.184  3.840   1.00 25.29 ? 23  ILE A CD1 1 
ATOM   189  N N   . ASP A 1 24 ? 20.212  -2.847  1.209   1.00 28.62 ? 24  ASP A N   1 
ATOM   190  C CA  . ASP A 1 24 ? 21.417  -2.230  0.681   1.00 28.90 ? 24  ASP A CA  1 
ATOM   191  C C   . ASP A 1 24 ? 21.252  -0.718  0.586   1.00 29.08 ? 24  ASP A C   1 
ATOM   192  O O   . ASP A 1 24 ? 20.128  -0.198  0.564   1.00 26.04 ? 24  ASP A O   1 
ATOM   193  C CB  . ASP A 1 24 ? 21.741  -2.808  -0.694  1.00 35.00 ? 24  ASP A CB  1 
ATOM   194  C CG  . ASP A 1 24 ? 22.272  -4.223  -0.608  1.00 40.79 ? 24  ASP A CG  1 
ATOM   195  O OD1 . ASP A 1 24 ? 23.017  -4.531  0.355   1.00 38.37 ? 24  ASP A OD1 1 
ATOM   196  O OD2 . ASP A 1 24 ? 21.952  -5.025  -1.510  1.00 47.35 ? 24  ASP A OD2 1 
ATOM   197  N N   . PRO A 1 25 ? 22.361  0.023   0.549   1.00 28.39 ? 25  PRO A N   1 
ATOM   198  C CA  . PRO A 1 25 ? 22.244  1.489   0.538   1.00 25.75 ? 25  PRO A CA  1 
ATOM   199  C C   . PRO A 1 25 ? 21.538  2.031   -0.686  1.00 25.45 ? 25  PRO A C   1 
ATOM   200  O O   . PRO A 1 25 ? 20.896  3.082   -0.595  1.00 29.91 ? 25  PRO A O   1 
ATOM   201  C CB  . PRO A 1 25 ? 23.707  1.968   0.612   1.00 28.77 ? 25  PRO A CB  1 
ATOM   202  C CG  . PRO A 1 25 ? 24.548  0.772   0.372   1.00 30.54 ? 25  PRO A CG  1 
ATOM   203  C CD  . PRO A 1 25 ? 23.742  -0.417  0.803   1.00 28.20 ? 25  PRO A CD  1 
ATOM   204  N N   . GLU A 1 26 ? 21.616  1.358   -1.830  1.00 25.38 ? 26  GLU A N   1 
ATOM   205  C CA  . GLU A 1 26 ? 20.944  1.892   -3.004  1.00 27.86 ? 26  GLU A CA  1 
ATOM   206  C C   . GLU A 1 26 ? 19.431  1.889   -2.822  1.00 24.82 ? 26  GLU A C   1 
ATOM   207  O O   . GLU A 1 26 ? 18.753  2.849   -3.204  1.00 23.44 ? 26  GLU A O   1 
ATOM   208  C CB  . GLU A 1 26 ? 21.355  1.114   -4.250  1.00 26.58 ? 26  GLU A CB  1 
ATOM   209  C CG  . GLU A 1 26 ? 21.130  1.878   -5.580  1.00 35.74 ? 26  GLU A CG  1 
ATOM   210  C CD  . GLU A 1 26 ? 21.480  3.373   -5.517  1.00 37.24 ? 26  GLU A CD  1 
ATOM   211  O OE1 . GLU A 1 26 ? 22.463  3.736   -4.834  1.00 39.24 ? 26  GLU A OE1 1 
ATOM   212  O OE2 . GLU A 1 26 ? 20.796  4.192   -6.183  1.00 34.79 ? 26  GLU A OE2 1 
ATOM   213  N N   . LEU A 1 27 ? 18.886  0.841   -2.201  1.00 25.51 ? 27  LEU A N   1 
ATOM   214  C CA  . LEU A 1 27 ? 17.450  0.825   -1.928  1.00 22.31 ? 27  LEU A CA  1 
ATOM   215  C C   . LEU A 1 27 ? 17.060  1.951   -0.980  1.00 25.80 ? 27  LEU A C   1 
ATOM   216  O O   . LEU A 1 27 ? 16.055  2.642   -1.198  1.00 21.65 ? 27  LEU A O   1 
ATOM   217  C CB  . LEU A 1 27 ? 17.028  -0.520  -1.341  1.00 20.28 ? 27  LEU A CB  1 
ATOM   218  C CG  . LEU A 1 27 ? 15.508  -0.644  -1.152  1.00 25.94 ? 27  LEU A CG  1 
ATOM   219  C CD1 . LEU A 1 27 ? 15.064  -2.066  -1.409  1.00 30.61 ? 27  LEU A CD1 1 
ATOM   220  C CD2 . LEU A 1 27 ? 15.057  -0.201  0.237   1.00 25.82 ? 27  LEU A CD2 1 
ATOM   221  N N   . ALA A 1 28 ? 17.807  2.102   0.117   1.00 20.28 ? 28  ALA A N   1 
ATOM   222  C CA  . ALA A 1 28 ? 17.525  3.176   1.062   1.00 21.16 ? 28  ALA A CA  1 
ATOM   223  C C   . ALA A 1 28 ? 17.551  4.526   0.372   1.00 25.09 ? 28  ALA A C   1 
ATOM   224  O O   . ALA A 1 28 ? 16.688  5.376   0.622   1.00 20.80 ? 28  ALA A O   1 
ATOM   225  C CB  . ALA A 1 28 ? 18.541  3.158   2.210   1.00 19.58 ? 28  ALA A CB  1 
ATOM   226  N N   . ARG A 1 29 ? 18.544  4.745   -0.498  1.00 24.50 ? 29  ARG A N   1 
ATOM   227  C CA  . ARG A 1 29 ? 18.632  6.032   -1.171  1.00 25.20 ? 29  ARG A CA  1 
ATOM   228  C C   . ARG A 1 29 ? 17.444  6.245   -2.101  1.00 25.22 ? 29  ARG A C   1 
ATOM   229  O O   . ARG A 1 29 ? 16.872  7.334   -2.127  1.00 27.82 ? 29  ARG A O   1 
ATOM   230  C CB  . ARG A 1 29 ? 19.952  6.163   -1.937  1.00 29.22 ? 29  ARG A CB  1 
ATOM   231  C CG  . ARG A 1 29 ? 20.235  7.619   -2.328  1.00 33.07 ? 29  ARG A CG  1 
ATOM   232  C CD  . ARG A 1 29 ? 21.155  7.754   -3.524  1.00 35.12 ? 29  ARG A CD  1 
ATOM   233  N NE  . ARG A 1 29 ? 20.578  7.126   -4.704  1.00 38.19 ? 29  ARG A NE  1 
ATOM   234  C CZ  . ARG A 1 29 ? 19.563  7.613   -5.406  1.00 38.00 ? 29  ARG A CZ  1 
ATOM   235  N NH1 . ARG A 1 29 ? 19.043  8.804   -5.152  1.00 39.86 ? 29  ARG A NH1 1 
ATOM   236  N NH2 . ARG A 1 29 ? 19.042  6.876   -6.375  1.00 40.88 ? 29  ARG A NH2 1 
ATOM   237  N N   . ILE A 1 30 ? 17.053  5.222   -2.865  1.00 27.24 ? 30  ILE A N   1 
ATOM   238  C CA  . ILE A 1 30 ? 15.879  5.355   -3.728  1.00 26.46 ? 30  ILE A CA  1 
ATOM   239  C C   . ILE A 1 30 ? 14.650  5.702   -2.898  1.00 24.31 ? 30  ILE A C   1 
ATOM   240  O O   . ILE A 1 30 ? 13.862  6.594   -3.244  1.00 21.26 ? 30  ILE A O   1 
ATOM   241  C CB  . ILE A 1 30 ? 15.656  4.061   -4.534  1.00 25.98 ? 30  ILE A CB  1 
ATOM   242  C CG1 . ILE A 1 30 ? 16.768  3.864   -5.561  1.00 24.61 ? 30  ILE A CG1 1 
ATOM   243  C CG2 . ILE A 1 30 ? 14.290  4.076   -5.224  1.00 22.43 ? 30  ILE A CG2 1 
ATOM   244  C CD1 . ILE A 1 30 ? 16.733  2.505   -6.192  1.00 27.85 ? 30  ILE A CD1 1 
ATOM   245  N N   . ALA A 1 31 ? 14.470  4.978   -1.789  1.00 24.03 ? 31  ALA A N   1 
ATOM   246  C CA  . ALA A 1 31 ? 13.319  5.186   -0.923  1.00 24.59 ? 31  ALA A CA  1 
ATOM   247  C C   . ALA A 1 31 ? 13.303  6.604   -0.363  1.00 25.06 ? 31  ALA A C   1 
ATOM   248  O O   . ALA A 1 31 ? 12.243  7.240   -0.287  1.00 24.82 ? 31  ALA A O   1 
ATOM   249  C CB  . ALA A 1 31 ? 13.339  4.149   0.205   1.00 19.87 ? 31  ALA A CB  1 
ATOM   250  N N   . ARG A 1 32 ? 14.475  7.113   0.031   1.00 24.11 ? 32  ARG A N   1 
ATOM   251  C CA  . ARG A 1 32 ? 14.567  8.476   0.539   1.00 23.54 ? 32  ARG A CA  1 
ATOM   252  C C   . ARG A 1 32 ? 14.325  9.498   -0.564  1.00 23.81 ? 32  ARG A C   1 
ATOM   253  O O   . ARG A 1 32 ? 13.738  10.553  -0.312  1.00 24.13 ? 32  ARG A O   1 
ATOM   254  C CB  . ARG A 1 32 ? 15.929  8.692   1.208   1.00 22.46 ? 32  ARG A CB  1 
ATOM   255  C CG  . ARG A 1 32 ? 16.021  8.040   2.591   1.00 25.91 ? 32  ARG A CG  1 
ATOM   256  C CD  . ARG A 1 32 ? 17.442  8.068   3.135   1.00 24.41 ? 32  ARG A CD  1 
ATOM   257  N NE  . ARG A 1 32 ? 17.872  9.441   3.355   1.00 31.84 ? 32  ARG A NE  1 
ATOM   258  C CZ  . ARG A 1 32 ? 17.644  10.119  4.472   1.00 29.75 ? 32  ARG A CZ  1 
ATOM   259  N NH1 . ARG A 1 32 ? 17.040  9.561   5.510   1.00 29.73 ? 32  ARG A NH1 1 
ATOM   260  N NH2 . ARG A 1 32 ? 18.046  11.381  4.557   1.00 33.93 ? 32  ARG A NH2 1 
ATOM   261  N N   . GLU A 1 33 ? 14.749  9.200   -1.794  1.00 24.56 ? 33  GLU A N   1 
ATOM   262  C CA  . GLU A 1 33 ? 14.394  10.068  -2.913  1.00 28.01 ? 33  GLU A CA  1 
ATOM   263  C C   . GLU A 1 33 ? 12.876  10.139  -3.096  1.00 26.57 ? 33  GLU A C   1 
ATOM   264  O O   . GLU A 1 33 ? 12.306  11.227  -3.284  1.00 28.32 ? 33  GLU A O   1 
ATOM   265  C CB  . GLU A 1 33 ? 15.072  9.571   -4.186  1.00 26.97 ? 33  GLU A CB  1 
ATOM   266  C CG  . GLU A 1 33 ? 14.641  10.344  -5.413  1.00 33.94 ? 33  GLU A CG  1 
ATOM   267  C CD  . GLU A 1 33 ? 15.539  10.109  -6.603  1.00 38.70 ? 33  GLU A CD  1 
ATOM   268  O OE1 . GLU A 1 33 ? 16.637  9.529   -6.434  1.00 37.36 ? 33  GLU A OE1 1 
ATOM   269  O OE2 . GLU A 1 33 ? 15.127  10.500  -7.721  1.00 46.52 ? 33  GLU A OE2 1 
ATOM   270  N N   . VAL A 1 34 ? 12.200  8.991   -3.006  1.00 24.56 ? 34  VAL A N   1 
ATOM   271  C CA  . VAL A 1 34 ? 10.749  8.957   -3.162  1.00 21.38 ? 34  VAL A CA  1 
ATOM   272  C C   . VAL A 1 34 ? 10.074  9.724   -2.038  1.00 25.33 ? 34  VAL A C   1 
ATOM   273  O O   . VAL A 1 34 ? 9.140   10.498  -2.267  1.00 24.99 ? 34  VAL A O   1 
ATOM   274  C CB  . VAL A 1 34 ? 10.238  7.511   -3.218  1.00 23.38 ? 34  VAL A CB  1 
ATOM   275  C CG1 . VAL A 1 34 ? 8.704   7.513   -3.316  1.00 21.01 ? 34  VAL A CG1 1 
ATOM   276  C CG2 . VAL A 1 34 ? 10.880  6.775   -4.387  1.00 23.55 ? 34  VAL A CG2 1 
ATOM   277  N N   . LEU A 1 35 ? 10.531  9.491   -0.801  1.00 26.17 ? 35  LEU A N   1 
ATOM   278  C CA  . LEU A 1 35 ? 10.005  10.209  0.358   1.00 24.87 ? 35  LEU A CA  1 
ATOM   279  C C   . LEU A 1 35 ? 10.195  11.717  0.221   1.00 26.45 ? 35  LEU A C   1 
ATOM   280  O O   . LEU A 1 35 ? 9.340   12.495  0.650   1.00 26.61 ? 35  LEU A O   1 
ATOM   281  C CB  . LEU A 1 35 ? 10.683  9.714   1.638   1.00 22.57 ? 35  LEU A CB  1 
ATOM   282  C CG  . LEU A 1 35 ? 10.305  8.326   2.152   1.00 23.36 ? 35  LEU A CG  1 
ATOM   283  C CD1 . LEU A 1 35 ? 11.350  7.775   3.128   1.00 25.57 ? 35  LEU A CD1 1 
ATOM   284  C CD2 . LEU A 1 35 ? 8.921   8.361   2.783   1.00 24.79 ? 35  LEU A CD2 1 
ATOM   285  N N   . GLU A 1 36 ? 11.322  12.157  -0.347  1.00 26.67 ? 36  GLU A N   1 
ATOM   286  C CA  . GLU A 1 36 ? 11.508  13.593  -0.541  1.00 26.43 ? 36  GLU A CA  1 
ATOM   287  C C   . GLU A 1 36 ? 10.558  14.119  -1.605  1.00 25.10 ? 36  GLU A C   1 
ATOM   288  O O   . GLU A 1 36 ? 10.055  15.247  -1.493  1.00 24.83 ? 36  GLU A O   1 
ATOM   289  C CB  . GLU A 1 36 ? 12.962  13.900  -0.906  1.00 25.60 ? 36  GLU A CB  1 
ATOM   290  C CG  . GLU A 1 36 ? 13.226  15.352  -1.349  1.00 28.02 ? 36  GLU A CG  1 
ATOM   291  C CD  . GLU A 1 36 ? 12.926  16.379  -0.271  1.00 29.19 ? 36  GLU A CD  1 
ATOM   292  O OE1 . GLU A 1 36 ? 12.712  16.002  0.912   1.00 29.51 ? 36  GLU A OE1 1 
ATOM   293  O OE2 . GLU A 1 36 ? 12.913  17.578  -0.602  1.00 28.35 ? 36  GLU A OE2 1 
ATOM   294  N N   . ARG A 1 37 ? 10.265  13.301  -2.619  1.00 27.18 ? 37  ARG A N   1 
ATOM   295  C CA  . ARG A 1 37 ? 9.210   13.662  -3.567  1.00 27.09 ? 37  ARG A CA  1 
ATOM   296  C C   . ARG A 1 37 ? 7.876   13.831  -2.849  1.00 31.76 ? 37  ARG A C   1 
ATOM   297  O O   . ARG A 1 37 ? 7.145   14.802  -3.089  1.00 27.04 ? 37  ARG A O   1 
ATOM   298  C CB  . ARG A 1 37 ? 9.098   12.601  -4.660  1.00 27.25 ? 37  ARG A CB  1 
ATOM   299  C CG  . ARG A 1 37 ? 10.113  12.752  -5.767  1.00 27.58 ? 37  ARG A CG  1 
ATOM   300  C CD  . ARG A 1 37 ? 10.001  11.617  -6.770  1.00 35.95 ? 37  ARG A CD  1 
ATOM   301  N NE  . ARG A 1 37 ? 8.700   11.648  -7.426  1.00 43.76 ? 37  ARG A NE  1 
ATOM   302  C CZ  . ARG A 1 37 ? 8.150   10.619  -8.056  1.00 45.33 ? 37  ARG A CZ  1 
ATOM   303  N NH1 . ARG A 1 37 ? 8.782   9.458   -8.169  1.00 40.93 ? 37  ARG A NH1 1 
ATOM   304  N NH2 . ARG A 1 37 ? 6.933   10.756  -8.581  1.00 40.95 ? 37  ARG A NH2 1 
ATOM   305  N N   . ALA A 1 38 ? 7.556   12.896  -1.952  1.00 29.70 ? 38  ALA A N   1 
ATOM   306  C CA  . ALA A 1 38 ? 6.315   12.968  -1.183  1.00 32.26 ? 38  ALA A CA  1 
ATOM   307  C C   . ALA A 1 38 ? 6.271   14.220  -0.309  1.00 31.48 ? 38  ALA A C   1 
ATOM   308  O O   . ALA A 1 38 ? 5.216   14.849  -0.167  1.00 29.85 ? 38  ALA A O   1 
ATOM   309  C CB  . ALA A 1 38 ? 6.156   11.706  -0.324  1.00 25.73 ? 38  ALA A CB  1 
ATOM   310  N N   . ARG A 1 39 ? 7.403   14.580  0.308   1.00 30.41 ? 39  ARG A N   1 
ATOM   311  C CA  . ARG A 1 39 ? 7.458   15.796  1.122   1.00 31.83 ? 39  ARG A CA  1 
ATOM   312  C C   . ARG A 1 39 ? 7.186   17.032  0.276   1.00 31.74 ? 39  ARG A C   1 
ATOM   313  O O   . ARG A 1 39 ? 6.433   17.929  0.678   1.00 32.13 ? 39  ARG A O   1 
ATOM   314  C CB  . ARG A 1 39 ? 8.823   15.933  1.804   1.00 29.21 ? 39  ARG A CB  1 
ATOM   315  C CG  . ARG A 1 39 ? 8.854   17.042  2.847   1.00 31.10 ? 39  ARG A CG  1 
ATOM   316  C CD  . ARG A 1 39 ? 10.252  17.312  3.379   1.00 33.17 ? 39  ARG A CD  1 
ATOM   317  N NE  . ARG A 1 39 ? 11.122  17.854  2.347   1.00 31.75 ? 39  ARG A NE  1 
ATOM   318  C CZ  . ARG A 1 39 ? 11.215  19.140  2.048   1.00 27.33 ? 39  ARG A CZ  1 
ATOM   319  N NH1 . ARG A 1 39 ? 10.536  20.053  2.721   1.00 31.20 ? 39  ARG A NH1 1 
ATOM   320  N NH2 . ARG A 1 39 ? 12.012  19.516  1.053   1.00 23.67 ? 39  ARG A NH2 1 
ATOM   321  N N   . LYS A 1 40 ? 7.811   17.100  -0.898  1.00 28.68 ? 40  LYS A N   1 
ATOM   322  C CA  . LYS A 1 40 ? 7.635   18.263  -1.763  1.00 32.32 ? 40  LYS A CA  1 
ATOM   323  C C   . LYS A 1 40 ? 6.200   18.355  -2.277  1.00 39.59 ? 40  LYS A C   1 
ATOM   324  O O   . LYS A 1 40 ? 5.619   19.449  -2.330  1.00 35.00 ? 40  LYS A O   1 
ATOM   325  C CB  . LYS A 1 40 ? 8.638   18.193  -2.924  1.00 32.50 ? 40  LYS A CB  1 
ATOM   326  C CG  . LYS A 1 40 ? 10.110  18.335  -2.472  1.00 31.98 ? 40  LYS A CG  1 
ATOM   327  C CD  . LYS A 1 40 ? 10.979  18.988  -3.533  1.00 30.26 ? 40  LYS A CD  1 
ATOM   328  C CE  . LYS A 1 40 ? 12.320  19.450  -2.957  1.00 31.46 ? 40  LYS A CE  1 
ATOM   329  N NZ  . LYS A 1 40 ? 13.416  18.426  -3.100  1.00 30.05 ? 40  LYS A NZ  1 
ATOM   330  N N   . LEU A 1 41 ? 5.615   17.207  -2.643  1.00 36.44 ? 41  LEU A N   1 
ATOM   331  C CA  . LEU A 1 41 ? 4.231   17.159  -3.109  1.00 36.98 ? 41  LEU A CA  1 
ATOM   332  C C   . LEU A 1 41 ? 3.261   17.475  -1.978  1.00 38.86 ? 41  LEU A C   1 
ATOM   333  O O   . LEU A 1 41 ? 2.237   18.137  -2.192  1.00 38.58 ? 41  LEU A O   1 
ATOM   334  C CB  . LEU A 1 41 ? 3.949   15.778  -3.703  1.00 33.77 ? 41  LEU A CB  1 
ATOM   335  C CG  . LEU A 1 41 ? 2.541   15.350  -4.133  1.00 44.28 ? 41  LEU A CG  1 
ATOM   336  C CD1 . LEU A 1 41 ? 2.030   16.221  -5.274  1.00 41.77 ? 41  LEU A CD1 1 
ATOM   337  C CD2 . LEU A 1 41 ? 2.523   13.866  -4.535  1.00 33.71 ? 41  LEU A CD2 1 
ATOM   338  N N   . GLY A 1 42 ? 3.565   17.014  -0.768  1.00 35.81 ? 42  GLY A N   1 
ATOM   339  C CA  . GLY A 1 42 ? 2.724   17.317  0.372   1.00 38.07 ? 42  GLY A CA  1 
ATOM   340  C C   . GLY A 1 42 ? 1.441   16.528  0.468   1.00 38.42 ? 42  GLY A C   1 
ATOM   341  O O   . GLY A 1 42 ? 0.522   16.954  1.178   1.00 33.79 ? 42  GLY A O   1 
ATOM   342  N N   . ASN A 1 43 ? 1.339   15.388  -0.216  1.00 35.80 ? 43  ASN A N   1 
ATOM   343  C CA  . ASN A 1 43 ? 0.160   14.535  -0.112  1.00 35.21 ? 43  ASN A CA  1 
ATOM   344  C C   . ASN A 1 43 ? 0.376   13.524  1.007   1.00 34.49 ? 43  ASN A C   1 
ATOM   345  O O   . ASN A 1 43 ? 1.288   12.689  0.933   1.00 35.05 ? 43  ASN A O   1 
ATOM   346  C CB  . ASN A 1 43 ? -0.141  13.819  -1.429  1.00 35.79 ? 43  ASN A CB  1 
ATOM   347  C CG  . ASN A 1 43 ? -1.472  13.067  -1.390  1.00 36.90 ? 43  ASN A CG  1 
ATOM   348  O OD1 . ASN A 1 43 ? -1.579  12.017  -0.762  1.00 35.46 ? 43  ASN A OD1 1 
ATOM   349  N ND2 . ASN A 1 43 ? -2.497  13.617  -2.043  1.00 37.08 ? 43  ASN A ND2 1 
ATOM   350  N N   . GLU A 1 44 ? -0.458  13.601  2.042   1.00 31.51 ? 44  GLU A N   1 
ATOM   351  C CA  . GLU A 1 44 ? -0.290  12.704  3.175   1.00 35.45 ? 44  GLU A CA  1 
ATOM   352  C C   . GLU A 1 44 ? -0.497  11.252  2.767   1.00 34.08 ? 44  GLU A C   1 
ATOM   353  O O   . GLU A 1 44 ? 0.202   10.359  3.260   1.00 29.46 ? 44  GLU A O   1 
ATOM   354  C CB  . GLU A 1 44 ? -1.254  13.090  4.287   1.00 35.90 ? 44  GLU A CB  1 
ATOM   355  C CG  . GLU A 1 44 ? -1.143  12.246  5.530   1.00 35.98 ? 44  GLU A CG  1 
ATOM   356  C CD  . GLU A 1 44 ? -2.300  12.502  6.465   1.00 43.24 ? 44  GLU A CD  1 
ATOM   357  O OE1 . GLU A 1 44 ? -2.710  13.683  6.581   1.00 44.75 ? 44  GLU A OE1 1 
ATOM   358  O OE2 . GLU A 1 44 ? -2.806  11.527  7.064   1.00 40.42 ? 44  GLU A OE2 1 
ATOM   359  N N   . GLU A 1 45 ? -1.436  10.994  1.855   1.00 30.49 ? 45  GLU A N   1 
ATOM   360  C CA  . GLU A 1 45 ? -1.767  9.611   1.535   1.00 31.03 ? 45  GLU A CA  1 
ATOM   361  C C   . GLU A 1 45 ? -0.637  8.927   0.774   1.00 26.99 ? 45  GLU A C   1 
ATOM   362  O O   . GLU A 1 45 ? -0.334  7.758   1.038   1.00 24.99 ? 45  GLU A O   1 
ATOM   363  C CB  . GLU A 1 45 ? -3.073  9.551   0.747   1.00 31.61 ? 45  GLU A CB  1 
ATOM   364  C CG  . GLU A 1 45 ? -4.318  9.718   1.607   1.00 31.27 ? 45  GLU A CG  1 
ATOM   365  C CD  . GLU A 1 45 ? -4.471  8.635   2.648   1.00 31.44 ? 45  GLU A CD  1 
ATOM   366  O OE1 . GLU A 1 45 ? -3.894  7.542   2.477   1.00 29.27 ? 45  GLU A OE1 1 
ATOM   367  O OE2 . GLU A 1 45 ? -5.175  8.874   3.648   1.00 31.27 ? 45  GLU A OE2 1 
ATOM   368  N N   . ALA A 1 46 ? 0.014   9.641   -0.154  1.00 26.40 ? 46  ALA A N   1 
ATOM   369  C CA  . ALA A 1 46 ? 1.147   9.072   -0.888  1.00 29.55 ? 46  ALA A CA  1 
ATOM   370  C C   . ALA A 1 46 ? 2.333   8.814   0.032   1.00 27.06 ? 46  ALA A C   1 
ATOM   371  O O   . ALA A 1 46 ? 3.029   7.791   -0.093  1.00 26.72 ? 46  ALA A O   1 
ATOM   372  C CB  . ALA A 1 46 ? 1.559   10.005  -2.029  1.00 26.70 ? 46  ALA A CB  1 
ATOM   373  N N   . ALA A 1 47 ? 2.591   9.738   0.953   1.00 23.29 ? 47  ALA A N   1 
ATOM   374  C CA  . ALA A 1 47 ? 3.632   9.504   1.945   1.00 29.43 ? 47  ALA A CA  1 
ATOM   375  C C   . ALA A 1 47 ? 3.302   8.286   2.792   1.00 27.67 ? 47  ALA A C   1 
ATOM   376  O O   . ALA A 1 47 ? 4.177   7.462   3.089   1.00 24.67 ? 47  ALA A O   1 
ATOM   377  C CB  . ALA A 1 47 ? 3.802   10.742  2.829   1.00 27.86 ? 47  ALA A CB  1 
ATOM   378  N N   . ARG A 1 48 ? 2.041   8.158   3.195   1.00 26.12 ? 48  ARG A N   1 
ATOM   379  C CA  . ARG A 1 48 ? 1.657   7.013   3.999   1.00 27.13 ? 48  ARG A CA  1 
ATOM   380  C C   . ARG A 1 48 ? 1.759   5.722   3.190   1.00 24.33 ? 48  ARG A C   1 
ATOM   381  O O   . ARG A 1 48 ? 2.070   4.668   3.750   1.00 26.44 ? 48  ARG A O   1 
ATOM   382  C CB  . ARG A 1 48 ? 0.246   7.227   4.560   1.00 27.17 ? 48  ARG A CB  1 
ATOM   383  C CG  . ARG A 1 48 ? -0.265  6.032   5.334   1.00 33.57 ? 48  ARG A CG  1 
ATOM   384  C CD  . ARG A 1 48 ? -0.975  6.408   6.629   1.00 40.86 ? 48  ARG A CD  1 
ATOM   385  N NE  . ARG A 1 48 ? -1.959  7.472   6.471   1.00 41.47 ? 48  ARG A NE  1 
ATOM   386  C CZ  . ARG A 1 48 ? -3.048  7.581   7.223   1.00 45.51 ? 48  ARG A CZ  1 
ATOM   387  N NH1 . ARG A 1 48 ? -3.315  6.705   8.184   1.00 41.43 ? 48  ARG A NH1 1 
ATOM   388  N NH2 . ARG A 1 48 ? -3.894  8.585   7.003   1.00 35.64 ? 48  ARG A NH2 1 
ATOM   389  N N   . PHE A 1 49 ? 1.545   5.789   1.875   1.00 26.17 ? 49  PHE A N   1 
ATOM   390  C CA  . PHE A 1 49 ? 1.704   4.602   1.032   1.00 23.68 ? 49  PHE A CA  1 
ATOM   391  C C   . PHE A 1 49 ? 3.161   4.166   0.987   1.00 20.18 ? 49  PHE A C   1 
ATOM   392  O O   . PHE A 1 49 ? 3.467   2.970   1.072   1.00 22.44 ? 49  PHE A O   1 
ATOM   393  C CB  . PHE A 1 49 ? 1.182   4.875   -0.379  1.00 19.53 ? 49  PHE A CB  1 
ATOM   394  C CG  . PHE A 1 49 ? 1.359   3.707   -1.340  1.00 23.49 ? 49  PHE A CG  1 
ATOM   395  C CD1 . PHE A 1 49 ? 0.457   2.647   -1.346  1.00 21.79 ? 49  PHE A CD1 1 
ATOM   396  C CD2 . PHE A 1 49 ? 2.421   3.680   -2.241  1.00 22.61 ? 49  PHE A CD2 1 
ATOM   397  C CE1 . PHE A 1 49 ? 0.625   1.576   -2.224  1.00 25.64 ? 49  PHE A CE1 1 
ATOM   398  C CE2 . PHE A 1 49 ? 2.598   2.622   -3.116  1.00 17.91 ? 49  PHE A CE2 1 
ATOM   399  C CZ  . PHE A 1 49 ? 1.699   1.566   -3.112  1.00 24.38 ? 49  PHE A CZ  1 
ATOM   400  N N   . VAL A 1 50 ? 4.075   5.125   0.864   1.00 22.02 ? 50  VAL A N   1 
ATOM   401  C CA  . VAL A 1 50 ? 5.495   4.781   0.917   1.00 23.34 ? 50  VAL A CA  1 
ATOM   402  C C   . VAL A 1 50 ? 5.864   4.212   2.286   1.00 21.00 ? 50  VAL A C   1 
ATOM   403  O O   . VAL A 1 50 ? 6.657   3.270   2.386   1.00 21.57 ? 50  VAL A O   1 
ATOM   404  C CB  . VAL A 1 50 ? 6.364   5.996   0.545   1.00 24.69 ? 50  VAL A CB  1 
ATOM   405  C CG1 . VAL A 1 50 ? 7.856   5.608   0.563   1.00 20.47 ? 50  VAL A CG1 1 
ATOM   406  C CG2 . VAL A 1 50 ? 5.950   6.529   -0.833  1.00 21.27 ? 50  VAL A CG2 1 
ATOM   407  N N   . LEU A 1 51 ? 5.287   4.754   3.365   1.00 22.54 ? 51  LEU A N   1 
ATOM   408  C CA  . LEU A 1 51 ? 5.549   4.181   4.685   1.00 23.90 ? 51  LEU A CA  1 
ATOM   409  C C   . LEU A 1 51 ? 5.005   2.763   4.793   1.00 24.74 ? 51  LEU A C   1 
ATOM   410  O O   . LEU A 1 51 ? 5.605   1.906   5.452   1.00 23.81 ? 51  LEU A O   1 
ATOM   411  C CB  . LEU A 1 51 ? 4.940   5.055   5.782   1.00 26.36 ? 51  LEU A CB  1 
ATOM   412  C CG  . LEU A 1 51 ? 4.948   4.449   7.189   1.00 24.29 ? 51  LEU A CG  1 
ATOM   413  C CD1 . LEU A 1 51 ? 6.369   4.263   7.655   1.00 25.92 ? 51  LEU A CD1 1 
ATOM   414  C CD2 . LEU A 1 51 ? 4.181   5.322   8.184   1.00 25.10 ? 51  LEU A CD2 1 
ATOM   415  N N   . GLU A 1 52 ? 3.841   2.508   4.191   1.00 25.30 ? 52  GLU A N   1 
ATOM   416  C CA  . GLU A 1 52 ? 3.278   1.163   4.209   1.00 25.57 ? 52  GLU A CA  1 
ATOM   417  C C   . GLU A 1 52 ? 4.189   0.195   3.462   1.00 22.73 ? 52  GLU A C   1 
ATOM   418  O O   . GLU A 1 52 ? 4.391   -0.943  3.897   1.00 22.81 ? 52  GLU A O   1 
ATOM   419  C CB  . GLU A 1 52 ? 1.866   1.177   3.606   1.00 23.98 ? 52  GLU A CB  1 
ATOM   420  C CG  . GLU A 1 52 ? 0.805   1.806   4.515   1.00 23.77 ? 52  GLU A CG  1 
ATOM   421  C CD  . GLU A 1 52 ? -0.454  2.304   3.775   1.00 29.40 ? 52  GLU A CD  1 
ATOM   422  O OE1 . GLU A 1 52 ? -0.575  2.123   2.538   1.00 25.54 ? 52  GLU A OE1 1 
ATOM   423  O OE2 . GLU A 1 52 ? -1.347  2.861   4.455   1.00 28.00 ? 52  GLU A OE2 1 
ATOM   424  N N   . LEU A 1 53 ? 4.771   0.642   2.350   1.00 19.75 ? 53  LEU A N   1 
ATOM   425  C CA  . LEU A 1 53 ? 5.720   -0.204  1.630   1.00 22.61 ? 53  LEU A CA  1 
ATOM   426  C C   . LEU A 1 53 ? 6.958   -0.473  2.482   1.00 22.75 ? 53  LEU A C   1 
ATOM   427  O O   . LEU A 1 53 ? 7.448   -1.608  2.529   1.00 19.79 ? 53  LEU A O   1 
ATOM   428  C CB  . LEU A 1 53 ? 6.107   0.439   0.290   1.00 19.00 ? 53  LEU A CB  1 
ATOM   429  C CG  . LEU A 1 53 ? 7.260   -0.171  -0.532  1.00 20.09 ? 53  LEU A CG  1 
ATOM   430  C CD1 . LEU A 1 53 ? 7.058   -1.641  -0.819  1.00 22.28 ? 53  LEU A CD1 1 
ATOM   431  C CD2 . LEU A 1 53 ? 7.480   0.583   -1.850  1.00 19.38 ? 53  LEU A CD2 1 
ATOM   432  N N   . ILE A 1 54 ? 7.449   0.549   3.190   1.00 21.69 ? 54  ILE A N   1 
ATOM   433  C CA  . ILE A 1 54 ? 8.648   0.377   4.014   1.00 22.61 ? 54  ILE A CA  1 
ATOM   434  C C   . ILE A 1 54 ? 8.373   -0.536  5.213   1.00 23.28 ? 54  ILE A C   1 
ATOM   435  O O   . ILE A 1 54 ? 9.202   -1.384  5.565   1.00 22.80 ? 54  ILE A O   1 
ATOM   436  C CB  . ILE A 1 54 ? 9.198   1.752   4.430   1.00 20.45 ? 54  ILE A CB  1 
ATOM   437  C CG1 . ILE A 1 54 ? 9.842   2.421   3.210   1.00 21.15 ? 54  ILE A CG1 1 
ATOM   438  C CG2 . ILE A 1 54 ? 10.242  1.640   5.547   1.00 21.73 ? 54  ILE A CG2 1 
ATOM   439  C CD1 . ILE A 1 54 ? 10.191  3.889   3.423   1.00 22.25 ? 54  ILE A CD1 1 
ATOM   440  N N   . GLU A 1 55 ? 7.200   -0.409  5.836   1.00 23.77 ? 55  GLU A N   1 
ATOM   441  C CA  . GLU A 1 55 ? 6.868   -1.281  6.963   1.00 24.20 ? 55  GLU A CA  1 
ATOM   442  C C   . GLU A 1 55 ? 6.635   -2.709  6.495   1.00 24.44 ? 55  GLU A C   1 
ATOM   443  O O   . GLU A 1 55 ? 6.994   -3.667  7.193   1.00 25.31 ? 55  GLU A O   1 
ATOM   444  C CB  . GLU A 1 55 ? 5.625   -0.761  7.698   1.00 24.29 ? 55  GLU A CB  1 
ATOM   445  C CG  . GLU A 1 55 ? 5.844   0.567   8.403   1.00 28.68 ? 55  GLU A CG  1 
ATOM   446  C CD  . GLU A 1 55 ? 4.576   1.128   9.017   1.00 34.44 ? 55  GLU A CD  1 
ATOM   447  O OE1 . GLU A 1 55 ? 3.482   0.941   8.425   1.00 34.05 ? 55  GLU A OE1 1 
ATOM   448  O OE2 . GLU A 1 55 ? 4.674   1.756   10.094  1.00 40.27 ? 55  GLU A OE2 1 
ATOM   449  N N   . ARG A 1 56 ? 6.014   -2.871  5.324   1.00 24.60 ? 56  ARG A N   1 
ATOM   450  C CA  . ARG A 1 56 ? 5.897   -4.194  4.734   1.00 25.58 ? 56  ARG A CA  1 
ATOM   451  C C   . ARG A 1 56 ? 7.281   -4.789  4.515   1.00 27.71 ? 56  ARG A C   1 
ATOM   452  O O   . ARG A 1 56 ? 7.538   -5.939  4.885   1.00 23.04 ? 56  ARG A O   1 
ATOM   453  C CB  . ARG A 1 56 ? 5.103   -4.108  3.429   1.00 21.65 ? 56  ARG A CB  1 
ATOM   454  C CG  . ARG A 1 56 ? 5.177   -5.349  2.542   1.00 25.34 ? 56  ARG A CG  1 
ATOM   455  C CD  . ARG A 1 56 ? 3.963   -5.405  1.614   1.00 25.22 ? 56  ARG A CD  1 
ATOM   456  N NE  . ARG A 1 56 ? 2.724   -5.528  2.374   1.00 24.31 ? 56  ARG A NE  1 
ATOM   457  C CZ  . ARG A 1 56 ? 1.834   -4.560  2.555   1.00 22.45 ? 56  ARG A CZ  1 
ATOM   458  N NH1 . ARG A 1 56 ? 1.980   -3.366  2.002   1.00 21.04 ? 56  ARG A NH1 1 
ATOM   459  N NH2 . ARG A 1 56 ? 0.774   -4.790  3.324   1.00 24.92 ? 56  ARG A NH2 1 
ATOM   460  N N   . LEU A 1 57 ? 8.198   -3.992  3.957   1.00 24.89 ? 57  LEU A N   1 
ATOM   461  C CA  . LEU A 1 57 ? 9.588   -4.410  3.808   1.00 27.58 ? 57  LEU A CA  1 
ATOM   462  C C   . LEU A 1 57 ? 10.176  -4.884  5.131   1.00 27.58 ? 57  LEU A C   1 
ATOM   463  O O   . LEU A 1 57 ? 10.789  -5.953  5.207   1.00 28.75 ? 57  LEU A O   1 
ATOM   464  C CB  . LEU A 1 57 ? 10.419  -3.252  3.251   1.00 28.29 ? 57  LEU A CB  1 
ATOM   465  C CG  . LEU A 1 57 ? 10.897  -3.371  1.806   1.00 31.93 ? 57  LEU A CG  1 
ATOM   466  C CD1 . LEU A 1 57 ? 11.904  -2.265  1.540   1.00 33.30 ? 57  LEU A CD1 1 
ATOM   467  C CD2 . LEU A 1 57 ? 11.510  -4.748  1.525   1.00 32.55 ? 57  LEU A CD2 1 
ATOM   468  N N   . ARG A 1 58 ? 10.011  -4.092  6.188   1.00 29.56 ? 58  ARG A N   1 
ATOM   469  C CA  . ARG A 1 58 ? 10.597  -4.482  7.465   1.00 28.11 ? 58  ARG A CA  1 
ATOM   470  C C   . ARG A 1 58 ? 10.005  -5.794  7.964   1.00 28.05 ? 58  ARG A C   1 
ATOM   471  O O   . ARG A 1 58 ? 10.735  -6.672  8.429   1.00 28.44 ? 58  ARG A O   1 
ATOM   472  C CB  . ARG A 1 58 ? 10.406  -3.387  8.509   1.00 27.28 ? 58  ARG A CB  1 
ATOM   473  C CG  . ARG A 1 58 ? 10.988  -3.775  9.884   1.00 29.02 ? 58  ARG A CG  1 
ATOM   474  C CD  . ARG A 1 58 ? 10.972  -2.621  10.861  1.00 34.66 ? 58  ARG A CD  1 
ATOM   475  N NE  . ARG A 1 58 ? 9.623   -2.091  11.015  1.00 37.71 ? 58  ARG A NE  1 
ATOM   476  C CZ  . ARG A 1 58 ? 9.279   -1.123  11.855  1.00 41.93 ? 58  ARG A CZ  1 
ATOM   477  N NH1 . ARG A 1 58 ? 10.168  -0.558  12.660  1.00 41.18 ? 58  ARG A NH1 1 
ATOM   478  N NH2 . ARG A 1 58 ? 8.011   -0.716  11.892  1.00 36.03 ? 58  ARG A NH2 1 
ATOM   479  N N   . ARG A 1 59 ? 8.683   -5.946  7.872   1.00 28.04 ? 59  ARG A N   1 
ATOM   480  C CA  . ARG A 1 59 ? 8.059   -7.186  8.315   1.00 30.29 ? 59  ARG A CA  1 
ATOM   481  C C   . ARG A 1 59 ? 8.565   -8.372  7.509   1.00 31.16 ? 59  ARG A C   1 
ATOM   482  O O   . ARG A 1 59 ? 8.773   -9.461  8.057   1.00 32.74 ? 59  ARG A O   1 
ATOM   483  C CB  . ARG A 1 59 ? 6.541   -7.085  8.197   1.00 29.15 ? 59  ARG A CB  1 
ATOM   484  C CG  . ARG A 1 59 ? 5.893   -6.225  9.253   1.00 28.24 ? 59  ARG A CG  1 
ATOM   485  C CD  . ARG A 1 59 ? 4.389   -6.472  9.253   1.00 34.02 ? 59  ARG A CD  1 
ATOM   486  N NE  . ARG A 1 59 ? 3.802   -6.203  7.945   1.00 34.07 ? 59  ARG A NE  1 
ATOM   487  C CZ  . ARG A 1 59 ? 3.375   -5.007  7.559   1.00 29.29 ? 59  ARG A CZ  1 
ATOM   488  N NH1 . ARG A 1 59 ? 3.453   -3.959  8.357   1.00 28.02 ? 59  ARG A NH1 1 
ATOM   489  N NH2 . ARG A 1 59 ? 2.850   -4.866  6.350   1.00 24.05 ? 59  ARG A NH2 1 
ATOM   490  N N   . GLU A 1 60 ? 8.774   -8.180  6.205   1.00 27.78 ? 60  GLU A N   1 
ATOM   491  C CA  . GLU A 1 60 ? 9.235   -9.284  5.367   1.00 30.82 ? 60  GLU A CA  1 
ATOM   492  C C   . GLU A 1 60 ? 10.689  -9.630  5.666   1.00 29.98 ? 60  GLU A C   1 
ATOM   493  O O   . GLU A 1 60 ? 11.074  -10.805 5.647   1.00 27.85 ? 60  GLU A O   1 
ATOM   494  C CB  . GLU A 1 60 ? 9.062   -8.942  3.884   1.00 30.23 ? 60  GLU A CB  1 
ATOM   495  C CG  . GLU A 1 60 ? 7.607   -8.727  3.437   1.00 35.35 ? 60  GLU A CG  1 
ATOM   496  C CD  . GLU A 1 60 ? 6.916   -10.019 2.994   1.00 38.68 ? 60  GLU A CD  1 
ATOM   497  O OE1 . GLU A 1 60 ? 7.074   -11.040 3.683   1.00 39.18 ? 60  GLU A OE1 1 
ATOM   498  O OE2 . GLU A 1 60 ? 6.202   -10.010 1.966   1.00 42.29 ? 60  GLU A OE2 1 
ATOM   499  N N   . LEU A 1 61 ? 11.509  -8.627  5.965   1.00 28.38 ? 61  LEU A N   1 
ATOM   500  C CA  . LEU A 1 61 ? 12.939  -8.868  6.085   1.00 32.83 ? 61  LEU A CA  1 
ATOM   501  C C   . LEU A 1 61 ? 13.365  -9.302  7.480   1.00 32.09 ? 61  LEU A C   1 
ATOM   502  O O   . LEU A 1 61 ? 14.414  -9.935  7.608   1.00 28.53 ? 61  LEU A O   1 
ATOM   503  C CB  . LEU A 1 61 ? 13.731  -7.623  5.676   1.00 27.72 ? 61  LEU A CB  1 
ATOM   504  C CG  . LEU A 1 61 ? 13.649  -7.251  4.199   1.00 32.55 ? 61  LEU A CG  1 
ATOM   505  C CD1 . LEU A 1 61 ? 14.176  -5.848  3.987   1.00 22.45 ? 61  LEU A CD1 1 
ATOM   506  C CD2 . LEU A 1 61 ? 14.398  -8.266  3.323   1.00 33.49 ? 61  LEU A CD2 1 
ATOM   507  N N   . SER A 1 62 ? 12.584  -8.997  8.519   1.00 36.64 ? 62  SER A N   1 
ATOM   508  C CA  . SER A 1 62 ? 12.990  -9.341  9.889   1.00 38.63 ? 62  SER A CA  1 
ATOM   509  C C   . SER A 1 62 ? 12.166  -10.469 10.526  1.00 42.85 ? 62  SER A C   1 
ATOM   510  O O   . SER A 1 62 ? 11.023  -10.742 10.139  1.00 43.85 ? 62  SER A O   1 
ATOM   511  C CB  . SER A 1 62 ? 12.934  -8.103  10.789  1.00 37.53 ? 62  SER A CB  1 
ATOM   512  O OG  . SER A 1 62 ? 11.739  -7.375  10.584  1.00 45.85 ? 62  SER A OG  1 
HETATM 513  N N   . DAS B 2 1  ? -5.058  9.606   -6.471  1.00 39.57 ? 1   DAS B N   1 
HETATM 514  C CA  . DAS B 2 1  ? -4.000  9.659   -7.477  1.00 37.69 ? 1   DAS B CA  1 
HETATM 515  C C   . DAS B 2 1  ? -2.630  9.509   -6.818  1.00 39.72 ? 1   DAS B C   1 
HETATM 516  O O   . DAS B 2 1  ? -2.068  8.409   -6.764  1.00 36.62 ? 1   DAS B O   1 
HETATM 517  C CB  . DAS B 2 1  ? -4.212  8.567   -8.520  1.00 38.88 ? 1   DAS B CB  1 
HETATM 518  C CG  . DAS B 2 1  ? -3.337  8.751   -9.751  1.00 43.92 ? 1   DAS B CG  1 
HETATM 519  O OD1 . DAS B 2 1  ? -2.373  9.563   -9.712  1.00 40.93 ? 1   DAS B OD1 1 
HETATM 520  O OD2 . DAS B 2 1  ? -3.625  8.074   -10.765 1.00 42.22 ? 1   DAS B OD2 1 
HETATM 521  N N   . DGL B 2 2  ? -2.097  10.629  -6.339  1.00 34.56 ? 2   DGL B N   1 
HETATM 522  C CA  . DGL B 2 2  ? -0.883  10.641  -5.538  1.00 37.21 ? 2   DGL B CA  1 
HETATM 523  C C   . DGL B 2 2  ? 0.352   10.250  -6.343  1.00 34.48 ? 2   DGL B C   1 
HETATM 524  O O   . DGL B 2 2  ? 1.226   9.501   -5.861  1.00 37.69 ? 2   DGL B O   1 
HETATM 525  C CB  . DGL B 2 2  ? -0.691  12.024  -4.902  1.00 39.89 ? 2   DGL B CB  1 
HETATM 526  C CG  . DGL B 2 2  ? -0.613  13.182  -5.907  1.00 45.23 ? 2   DGL B CG  1 
HETATM 527  C CD  . DGL B 2 2  ? -1.907  13.970  -6.019  1.00 49.29 ? 2   DGL B CD  1 
HETATM 528  O OE1 . DGL B 2 2  ? -1.828  15.223  -6.074  1.00 53.18 ? 2   DGL B OE1 1 
HETATM 529  O OE2 . DGL B 2 2  ? -2.992  13.342  -6.046  1.00 47.61 ? 2   DGL B OE2 1 
HETATM 530  N N   . DHI B 2 3  ? 0.425   10.757  -7.569  1.00 35.19 ? 3   DHI B N   1 
HETATM 531  C CA  . DHI B 2 3  ? 1.561   10.488  -8.437  1.00 36.56 ? 3   DHI B CA  1 
HETATM 532  C C   . DHI B 2 3  ? 1.688   8.989   -8.728  1.00 30.04 ? 3   DHI B C   1 
HETATM 533  O O   . DHI B 2 3  ? 2.790   8.457   -8.788  1.00 28.70 ? 3   DHI B O   1 
HETATM 534  C CB  . DHI B 2 3  ? 1.451   11.304  -9.726  1.00 41.68 ? 3   DHI B CB  1 
HETATM 535  C CG  . DHI B 2 3  ? 1.336   12.782  -9.491  1.00 50.63 ? 3   DHI B CG  1 
HETATM 536  N ND1 . DHI B 2 3  ? 0.125   13.433  -9.427  1.00 51.96 ? 3   DHI B ND1 1 
HETATM 537  C CD2 . DHI B 2 3  ? 2.286   13.725  -9.282  1.00 50.72 ? 3   DHI B CD2 1 
HETATM 538  C CE1 . DHI B 2 3  ? 0.331   14.721  -9.195  1.00 53.77 ? 3   DHI B CE1 1 
HETATM 539  N NE2 . DHI B 2 3  ? 1.632   14.923  -9.103  1.00 52.85 ? 3   DHI B NE2 1 
HETATM 540  N N   . DGL B 2 4  ? 0.558   8.313   -8.900  1.00 30.53 ? 4   DGL B N   1 
HETATM 541  C CA  . DGL B 2 4  ? 0.572   6.873   -9.154  1.00 30.78 ? 4   DGL B CA  1 
HETATM 542  C C   . DGL B 2 4  ? 1.193   6.149   -7.949  1.00 25.63 ? 4   DGL B C   1 
HETATM 543  O O   . DGL B 2 4  ? 1.992   5.226   -8.109  1.00 22.67 ? 4   DGL B O   1 
HETATM 544  C CB  . DGL B 2 4  ? -0.844  6.370   -9.447  1.00 28.80 ? 4   DGL B CB  1 
HETATM 545  C CG  . DGL B 2 4  ? -1.000  4.861   -9.472  1.00 32.76 ? 4   DGL B CG  1 
HETATM 546  C CD  . DGL B 2 4  ? -0.526  4.224   -10.773 1.00 28.89 ? 4   DGL B CD  1 
HETATM 547  O OE1 . DGL B 2 4  ? -0.192  4.966   -11.725 1.00 32.95 ? 4   DGL B OE1 1 
HETATM 548  O OE2 . DGL B 2 4  ? -0.504  2.975   -10.848 1.00 27.04 ? 4   DGL B OE2 1 
HETATM 549  N N   . DLE B 2 5  ? 0.860   6.605   -6.746  1.00 23.94 ? 5   DLE B N   1 
HETATM 550  C CA  . DLE B 2 5  ? 1.391   5.986   -5.537  1.00 27.30 ? 5   DLE B CA  1 
HETATM 551  C CB  . DLE B 2 5  ? 0.692   6.526   -4.279  1.00 24.12 ? 5   DLE B CB  1 
HETATM 552  C CG  . DLE B 2 5  ? -0.811  6.267   -4.129  1.00 24.90 ? 5   DLE B CG  1 
HETATM 553  C CD1 . DLE B 2 5  ? -1.110  4.781   -4.044  1.00 19.05 ? 5   DLE B CD1 1 
HETATM 554  C CD2 . DLE B 2 5  ? -1.354  7.002   -2.898  1.00 25.79 ? 5   DLE B CD2 1 
HETATM 555  C C   . DLE B 2 5  ? 2.916   6.180   -5.469  1.00 25.23 ? 5   DLE B C   1 
HETATM 556  O O   . DLE B 2 5  ? 3.668   5.221   -5.205  1.00 25.27 ? 5   DLE B O   1 
HETATM 557  N N   . DLE B 2 6  ? 3.368   7.407   -5.745  1.00 26.03 ? 6   DLE B N   1 
HETATM 558  C CA  . DLE B 2 6  ? 4.810   7.688   -5.709  1.00 25.52 ? 6   DLE B CA  1 
HETATM 559  C CB  . DLE B 2 6  ? 5.100   9.190   -5.799  1.00 26.03 ? 6   DLE B CB  1 
HETATM 560  C CG  . DLE B 2 6  ? 4.602   10.039  -4.628  1.00 29.36 ? 6   DLE B CG  1 
HETATM 561  C CD1 . DLE B 2 6  ? 4.891   9.366   -3.272  1.00 23.69 ? 6   DLE B CD1 1 
HETATM 562  C CD2 . DLE B 2 6  ? 5.241   11.391  -4.687  1.00 28.56 ? 6   DLE B CD2 1 
HETATM 563  C C   . DLE B 2 6  ? 5.598   6.909   -6.770  1.00 25.89 ? 6   DLE B C   1 
HETATM 564  O O   . DLE B 2 6  ? 6.639   6.330   -6.460  1.00 23.25 ? 6   DLE B O   1 
HETATM 565  N N   . DGL B 2 7  ? 5.099   6.908   -8.009  1.00 23.72 ? 7   DGL B N   1 
HETATM 566  C CA  . DGL B 2 7  ? 5.689   6.129   -9.099  1.00 27.01 ? 7   DGL B CA  1 
HETATM 567  C C   . DGL B 2 7  ? 5.761   4.634   -8.801  1.00 23.71 ? 7   DGL B C   1 
HETATM 568  O O   . DGL B 2 7  ? 6.773   3.982   -9.089  1.00 22.60 ? 7   DGL B O   1 
HETATM 569  C CB  . DGL B 2 7  ? 4.889   6.318   -10.394 1.00 26.95 ? 7   DGL B CB  1 
HETATM 570  C CG  . DGL B 2 7  ? 5.048   7.679   -11.051 1.00 28.69 ? 7   DGL B CG  1 
HETATM 571  C CD  . DGL B 2 7  ? 6.481   7.959   -11.450 1.00 31.41 ? 7   DGL B CD  1 
HETATM 572  O OE1 . DGL B 2 7  ? 7.123   8.807   -10.797 1.00 35.20 ? 7   DGL B OE1 1 
HETATM 573  O OE2 . DGL B 2 7  ? 6.977   7.312   -12.400 1.00 32.57 ? 7   DGL B OE2 1 
HETATM 574  N N   . DTH B 2 8  ? 4.686   4.087   -8.242  1.00 21.25 ? 8   DTH B N   1 
HETATM 575  C CA  . DTH B 2 8  ? 4.630   2.665   -7.960  1.00 19.35 ? 8   DTH B CA  1 
HETATM 576  C CB  . DTH B 2 8  ? 3.239   2.267   -7.440  1.00 21.63 ? 8   DTH B CB  1 
HETATM 577  C CG2 . DTH B 2 8  ? 3.209   0.810   -6.954  1.00 19.83 ? 8   DTH B CG2 1 
HETATM 578  O OG1 . DTH B 2 8  ? 2.282   2.433   -8.488  1.00 21.64 ? 8   DTH B OG1 1 
HETATM 579  C C   . DTH B 2 8  ? 5.684   2.363   -6.909  1.00 21.89 ? 8   DTH B C   1 
HETATM 580  O O   . DTH B 2 8  ? 6.425   1.378   -7.022  1.00 19.25 ? 8   DTH B O   1 
HETATM 581  N N   . DAL B 2 9  ? 5.769   3.225   -5.899  1.00 22.09 ? 9   DAL B N   1 
HETATM 582  C CA  . DAL B 2 9  ? 6.736   2.989   -4.827  1.00 22.81 ? 9   DAL B CA  1 
HETATM 583  C CB  . DAL B 2 9  ? 6.507   3.948   -3.659  1.00 18.23 ? 9   DAL B CB  1 
HETATM 584  C C   . DAL B 2 9  ? 8.176   3.065   -5.355  1.00 20.86 ? 9   DAL B C   1 
HETATM 585  O O   . DAL B 2 9  ? 9.024   2.239   -5.001  1.00 19.99 ? 9   DAL B O   1 
HETATM 586  N N   . DAL B 2 10 ? 8.439   4.019   -6.240  1.00 18.72 ? 10  DAL B N   1 
HETATM 587  C CA  . DAL B 2 10 ? 9.774   4.123   -6.833  1.00 22.21 ? 10  DAL B CA  1 
HETATM 588  C CB  . DAL B 2 10 ? 9.917   5.432   -7.615  1.00 21.14 ? 10  DAL B CB  1 
HETATM 589  C C   . DAL B 2 10 ? 10.149  2.904   -7.711  1.00 22.17 ? 10  DAL B C   1 
HETATM 590  O O   . DAL B 2 10 ? 11.272  2.371   -7.608  1.00 23.56 ? 10  DAL B O   1 
HETATM 591  N N   . DAR B 2 11 ? 9.218   2.470   -8.566  1.00 20.84 ? 11  DAR B N   1 
HETATM 592  C CA  . DAR B 2 11 ? 9.430   1.276   -9.400  1.00 24.02 ? 11  DAR B CA  1 
HETATM 593  C CB  . DAR B 2 11 ? 8.208   1.004   -10.303 1.00 21.47 ? 11  DAR B CB  1 
HETATM 594  C CG  . DAR B 2 11 ? 8.199   -0.365  -11.001 1.00 22.79 ? 11  DAR B CG  1 
HETATM 595  C CD  . DAR B 2 11 ? 7.104   -0.462  -12.081 1.00 21.67 ? 11  DAR B CD  1 
HETATM 596  N NE  . DAR B 2 11 ? 5.749   -0.367  -11.545 1.00 24.60 ? 11  DAR B NE  1 
HETATM 597  C CZ  . DAR B 2 11 ? 5.028   -1.422  -11.182 1.00 28.00 ? 11  DAR B CZ  1 
HETATM 598  N NH1 . DAR B 2 11 ? 5.561   -2.639  -11.293 1.00 24.62 ? 11  DAR B NH1 1 
HETATM 599  N NH2 . DAR B 2 11 ? 3.795   -1.294  -10.709 1.00 23.41 ? 11  DAR B NH2 1 
HETATM 600  C C   . DAR B 2 11 ? 9.750   0.070   -8.518  1.00 20.86 ? 11  DAR B C   1 
HETATM 601  O O   . DAR B 2 11 ? 10.714  -0.659  -8.769  1.00 21.36 ? 11  DAR B O   1 
HETATM 602  N N   . DTR B 2 12 ? 8.966   -0.104  -7.456  1.00 19.45 ? 12  DTR B N   1 
HETATM 603  C CA  . DTR B 2 12 ? 9.143   -1.235  -6.550  1.00 20.65 ? 12  DTR B CA  1 
HETATM 604  C CB  . DTR B 2 12 ? 7.948   -1.342  -5.593  1.00 23.58 ? 12  DTR B CB  1 
HETATM 605  C CG  . DTR B 2 12 ? 6.682   -1.851  -6.214  1.00 22.47 ? 12  DTR B CG  1 
HETATM 606  C CD1 . DTR B 2 12 ? 6.530   -2.373  -7.459  1.00 21.28 ? 12  DTR B CD1 1 
HETATM 607  N NE1 . DTR B 2 12 ? 5.222   -2.740  -7.664  1.00 22.13 ? 12  DTR B NE1 1 
HETATM 608  C CE2 . DTR B 2 12 ? 4.499   -2.460  -6.532  1.00 23.06 ? 12  DTR B CE2 1 
HETATM 609  C CZ2 . DTR B 2 12 ? 3.137   -2.649  -6.254  1.00 19.02 ? 12  DTR B CZ2 1 
HETATM 610  C CH2 . DTR B 2 12 ? 2.680   -2.259  -5.024  1.00 21.59 ? 12  DTR B CH2 1 
HETATM 611  C CZ3 . DTR B 2 12 ? 3.536   -1.693  -4.065  1.00 19.63 ? 12  DTR B CZ3 1 
HETATM 612  C CE3 . DTR B 2 12 ? 4.897   -1.507  -4.339  1.00 22.60 ? 12  DTR B CE3 1 
HETATM 613  C CD2 . DTR B 2 12 ? 5.390   -1.894  -5.596  1.00 24.41 ? 12  DTR B CD2 1 
HETATM 614  C C   . DTR B 2 12 ? 10.434  -1.183  -5.726  1.00 21.00 ? 12  DTR B C   1 
HETATM 615  O O   . DTR B 2 12 ? 11.076  -2.204  -5.529  1.00 24.00 ? 12  DTR B O   1 
HETATM 616  N N   . DPN B 2 13 ? 10.783  -0.019  -5.186  1.00 21.36 ? 13  DPN B N   1 
HETATM 617  C CA  . DPN B 2 13 ? 12.076  0.137   -4.503  1.00 21.90 ? 13  DPN B CA  1 
HETATM 618  C C   . DPN B 2 13 ? 13.215  -0.238  -5.460  1.00 22.57 ? 13  DPN B C   1 
HETATM 619  O O   . DPN B 2 13 ? 14.142  -0.959  -5.078  1.00 24.14 ? 13  DPN B O   1 
HETATM 620  C CB  . DPN B 2 13 ? 12.285  1.580   -4.027  1.00 17.68 ? 13  DPN B CB  1 
HETATM 621  C CG  . DPN B 2 13 ? 11.538  1.948   -2.749  1.00 21.39 ? 13  DPN B CG  1 
HETATM 622  C CD1 . DPN B 2 13 ? 10.907  3.180   -2.632  1.00 21.46 ? 13  DPN B CD1 1 
HETATM 623  C CD2 . DPN B 2 13 ? 11.489  1.082   -1.668  1.00 20.18 ? 13  DPN B CD2 1 
HETATM 624  C CE1 . DPN B 2 13 ? 10.225  3.544   -1.457  1.00 20.97 ? 13  DPN B CE1 1 
HETATM 625  C CE2 . DPN B 2 13 ? 10.795  1.428   -0.498  1.00 18.42 ? 13  DPN B CE2 1 
HETATM 626  C CZ  . DPN B 2 13 ? 10.171  2.660   -0.388  1.00 20.46 ? 13  DPN B CZ  1 
HETATM 627  N N   . DTY B 2 14 ? 13.156  0.250   -6.703  1.00 21.36 ? 14  DTY B N   1 
HETATM 628  C CA  . DTY B 2 14 ? 14.191  -0.107  -7.666  1.00 26.09 ? 14  DTY B CA  1 
HETATM 629  C C   . DTY B 2 14 ? 14.286  -1.640  -7.840  1.00 25.90 ? 14  DTY B C   1 
HETATM 630  O O   . DTY B 2 14 ? 15.378  -2.245  -7.727  1.00 22.82 ? 14  DTY B O   1 
HETATM 631  C CB  . DTY B 2 14 ? 13.979  0.567   -9.046  1.00 21.63 ? 14  DTY B CB  1 
HETATM 632  C CG  . DTY B 2 14 ? 14.907  -0.064  -10.068 1.00 26.21 ? 14  DTY B CG  1 
HETATM 633  C CD1 . DTY B 2 14 ? 16.187  0.433   -10.275 1.00 30.08 ? 14  DTY B CD1 1 
HETATM 634  C CD2 . DTY B 2 14 ? 14.525  -1.205  -10.774 1.00 25.92 ? 14  DTY B CD2 1 
HETATM 635  C CE1 . DTY B 2 14 ? 17.046  -0.173  -11.184 1.00 33.45 ? 14  DTY B CE1 1 
HETATM 636  C CE2 . DTY B 2 14 ? 15.362  -1.818  -11.654 1.00 27.94 ? 14  DTY B CE2 1 
HETATM 637  C CZ  . DTY B 2 14 ? 16.623  -1.304  -11.867 1.00 33.53 ? 14  DTY B CZ  1 
HETATM 638  O OH  . DTY B 2 14 ? 17.451  -1.934  -12.763 1.00 35.22 ? 14  DTY B OH  1 
HETATM 639  N N   . DGL B 2 15 ? 13.137  -2.248  -8.131  1.00 22.66 ? 15  DGL B N   1 
HETATM 640  C CA  . DGL B 2 15 ? 13.064  -3.686  -8.408  1.00 27.11 ? 15  DGL B CA  1 
HETATM 641  C C   . DGL B 2 15 ? 13.486  -4.557  -7.222  1.00 28.28 ? 15  DGL B C   1 
HETATM 642  O O   . DGL B 2 15 ? 14.199  -5.544  -7.393  1.00 27.84 ? 15  DGL B O   1 
HETATM 643  C CB  . DGL B 2 15 ? 11.657  -4.067  -8.891  1.00 25.91 ? 15  DGL B CB  1 
HETATM 644  C CG  . DGL B 2 15 ? 11.348  -3.527  -10.285 1.00 28.07 ? 15  DGL B CG  1 
HETATM 645  C CD  . DGL B 2 15 ? 9.938   -3.866  -10.782 1.00 28.34 ? 15  DGL B CD  1 
HETATM 646  O OE1 . DGL B 2 15 ? 9.699   -3.694  -11.996 1.00 26.25 ? 15  DGL B OE1 1 
HETATM 647  O OE2 . DGL B 2 15 ? 9.081   -4.296  -9.975  1.00 25.60 ? 15  DGL B OE2 1 
HETATM 648  N N   . DIL B 2 16 ? 13.059  -4.188  -6.018  1.00 27.79 ? 16  DIL B N   1 
HETATM 649  C CA  . DIL B 2 16 ? 13.487  -4.898  -4.809  1.00 27.21 ? 16  DIL B CA  1 
HETATM 650  C C   . DIL B 2 16 ? 14.990  -4.740  -4.558  1.00 31.65 ? 16  DIL B C   1 
HETATM 651  O O   . DIL B 2 16 ? 15.652  -5.699  -4.155  1.00 33.52 ? 16  DIL B O   1 
HETATM 652  C CB  . DIL B 2 16 ? 12.678  -4.466  -3.580  1.00 25.75 ? 16  DIL B CB  1 
HETATM 653  C CG1 . DIL B 2 16 ? 11.205  -4.856  -3.744  1.00 24.15 ? 16  DIL B CG1 1 
HETATM 654  C CG2 . DIL B 2 16 ? 13.278  -5.068  -2.291  1.00 27.41 ? 16  DIL B CG2 1 
HETATM 655  C CD1 . DIL B 2 16 ? 10.323  -4.183  -2.731  1.00 27.45 ? 16  DIL B CD1 1 
HETATM 656  N N   . DAL B 2 17 ? 15.525  -3.538  -4.788  1.00 27.12 ? 17  DAL B N   1 
HETATM 657  C CA  . DAL B 2 17 ? 16.960  -3.300  -4.637  1.00 30.30 ? 17  DAL B CA  1 
HETATM 658  C CB  . DAL B 2 17 ? 17.289  -1.836  -4.911  1.00 23.08 ? 17  DAL B CB  1 
HETATM 659  C C   . DAL B 2 17 ? 17.755  -4.203  -5.581  1.00 35.77 ? 17  DAL B C   1 
HETATM 660  O O   . DAL B 2 17 ? 18.691  -4.878  -5.157  1.00 36.50 ? 17  DAL B O   1 
HETATM 661  N N   . DLY B 2 18 ? 17.371  -4.230  -6.856  1.00 37.93 ? 18  DLY B N   1 
HETATM 662  C CA  . DLY B 2 18 ? 18.125  -5.014  -7.841  1.00 39.83 ? 18  DLY B CA  1 
HETATM 663  C C   . DLY B 2 18 ? 18.026  -6.526  -7.659  1.00 39.74 ? 18  DLY B C   1 
HETATM 664  O O   . DLY B 2 18 ? 18.930  -7.253  -8.050  1.00 48.73 ? 18  DLY B O   1 
HETATM 665  C CB  . DLY B 2 18 ? 17.774  -4.609  -9.277  1.00 36.95 ? 18  DLY B CB  1 
HETATM 666  C CG  . DLY B 2 18 ? 18.444  -3.319  -9.700  1.00 40.56 ? 18  DLY B CG  1 
HETATM 667  C CD  . DLY B 2 18 ? 19.918  -3.287  -9.278  1.00 45.26 ? 18  DLY B CD  1 
HETATM 668  C CE  . DLY B 2 18 ? 20.425  -1.845  -9.074  1.00 47.09 ? 18  DLY B CE  1 
HETATM 669  N NZ  . DLY B 2 18 ? 20.946  -1.599  -7.684  1.00 40.60 ? 18  DLY B NZ  1 
HETATM 670  N N   . DAR B 2 19 ? 16.945  -7.003  -7.055  1.00 42.28 ? 19  DAR B N   1 
HETATM 671  C CA  . DAR B 2 19 ? 16.787  -8.437  -6.833  1.00 40.75 ? 19  DAR B CA  1 
HETATM 672  C CB  . DAR B 2 19 ? 15.336  -8.776  -6.446  1.00 41.56 ? 19  DAR B CB  1 
HETATM 673  C CG  . DAR B 2 19 ? 15.155  -9.585  -5.155  1.00 47.90 ? 19  DAR B CG  1 
HETATM 674  C CD  . DAR B 2 19 ? 15.144  -8.668  -3.925  1.00 52.65 ? 19  DAR B CD  1 
HETATM 675  N NE  . DAR B 2 19 ? 14.867  -9.354  -2.667  1.00 57.49 ? 19  DAR B NE  1 
HETATM 676  C CZ  . DAR B 2 19 ? 15.186  -8.873  -1.470  1.00 60.35 ? 19  DAR B CZ  1 
HETATM 677  N NH1 . DAR B 2 19 ? 14.852  -9.508  -0.356  1.00 58.84 ? 19  DAR B NH1 1 
HETATM 678  N NH2 . DAR B 2 19 ? 15.870  -7.731  -1.387  1.00 47.94 ? 19  DAR B NH2 1 
HETATM 679  C C   . DAR B 2 19 ? 17.796  -8.966  -5.804  1.00 51.03 ? 19  DAR B C   1 
HETATM 680  O O   . DAR B 2 19 ? 18.549  -8.197  -5.184  1.00 47.72 ? 19  DAR B O   1 
ATOM   681  N N   . LEU C 1 1  ? -7.270  -17.956 10.779  1.00 52.69 ? 1   LEU C N   1 
ATOM   682  C CA  . LEU C 1 1  ? -6.278  -17.468 9.821   1.00 51.45 ? 1   LEU C CA  1 
ATOM   683  C C   . LEU C 1 1  ? -6.231  -15.946 9.814   1.00 44.82 ? 1   LEU C C   1 
ATOM   684  O O   . LEU C 1 1  ? -7.266  -15.292 9.685   1.00 41.67 ? 1   LEU C O   1 
ATOM   685  C CB  . LEU C 1 1  ? -6.584  -17.987 8.411   1.00 49.09 ? 1   LEU C CB  1 
ATOM   686  C CG  . LEU C 1 1  ? -5.402  -18.514 7.596   1.00 55.87 ? 1   LEU C CG  1 
ATOM   687  C CD1 . LEU C 1 1  ? -4.430  -19.287 8.480   1.00 53.56 ? 1   LEU C CD1 1 
ATOM   688  C CD2 . LEU C 1 1  ? -5.891  -19.374 6.427   1.00 50.32 ? 1   LEU C CD2 1 
ATOM   689  N N   . PRO C 1 2  ? -5.038  -15.385 9.990   1.00 44.28 ? 2   PRO C N   1 
ATOM   690  C CA  . PRO C 1 2  ? -4.882  -13.933 9.818   1.00 42.85 ? 2   PRO C CA  1 
ATOM   691  C C   . PRO C 1 2  ? -5.359  -13.418 8.465   1.00 41.51 ? 2   PRO C C   1 
ATOM   692  O O   . PRO C 1 2  ? -5.917  -12.311 8.415   1.00 42.30 ? 2   PRO C O   1 
ATOM   693  C CB  . PRO C 1 2  ? -3.373  -13.711 10.006  1.00 44.61 ? 2   PRO C CB  1 
ATOM   694  C CG  . PRO C 1 2  ? -2.794  -15.041 10.416  1.00 48.84 ? 2   PRO C CG  1 
ATOM   695  C CD  . PRO C 1 2  ? -3.917  -15.969 10.737  1.00 48.91 ? 2   PRO C CD  1 
ATOM   696  N N   . VAL C 1 3  ? -5.175  -14.169 7.369   1.00 39.53 ? 3   VAL C N   1 
ATOM   697  C CA  . VAL C 1 3  ? -5.691  -13.697 6.083   1.00 39.32 ? 3   VAL C CA  1 
ATOM   698  C C   . VAL C 1 3  ? -7.209  -13.602 6.130   1.00 35.44 ? 3   VAL C C   1 
ATOM   699  O O   . VAL C 1 3  ? -7.804  -12.667 5.579   1.00 38.55 ? 3   VAL C O   1 
ATOM   700  C CB  . VAL C 1 3  ? -5.218  -14.590 4.919   1.00 37.36 ? 3   VAL C CB  1 
ATOM   701  C CG1 . VAL C 1 3  ? -3.727  -14.469 4.715   1.00 34.13 ? 3   VAL C CG1 1 
ATOM   702  C CG2 . VAL C 1 3  ? -5.622  -16.035 5.133   1.00 42.04 ? 3   VAL C CG2 1 
ATOM   703  N N   . GLU C 1 4  ? -7.859  -14.542 6.814   1.00 36.21 ? 4   GLU C N   1 
ATOM   704  C CA  . GLU C 1 4  ? -9.310  -14.481 6.938   1.00 38.24 ? 4   GLU C CA  1 
ATOM   705  C C   . GLU C 1 4  ? -9.749  -13.249 7.726   1.00 34.65 ? 4   GLU C C   1 
ATOM   706  O O   . GLU C 1 4  ? -10.720 -12.590 7.346   1.00 37.11 ? 4   GLU C O   1 
ATOM   707  C CB  . GLU C 1 4  ? -9.840  -15.772 7.568   1.00 39.08 ? 4   GLU C CB  1 
ATOM   708  C CG  . GLU C 1 4  ? -9.699  -17.016 6.665   1.00 48.07 ? 4   GLU C CG  1 
ATOM   709  C CD  . GLU C 1 4  ? -10.617 -16.998 5.428   1.00 52.27 ? 4   GLU C CD  1 
ATOM   710  O OE1 . GLU C 1 4  ? -10.708 -15.958 4.732   1.00 54.16 ? 4   GLU C OE1 1 
ATOM   711  O OE2 . GLU C 1 4  ? -11.242 -18.043 5.130   1.00 49.46 ? 4   GLU C OE2 1 
ATOM   712  N N   . LYS C 1 5  ? -9.037  -12.906 8.807   1.00 31.73 ? 5   LYS C N   1 
ATOM   713  C CA  . LYS C 1 5  ? -9.368  -11.706 9.584   1.00 37.05 ? 5   LYS C CA  1 
ATOM   714  C C   . LYS C 1 5  ? -9.174  -10.440 8.756   1.00 32.74 ? 5   LYS C C   1 
ATOM   715  O O   . LYS C 1 5  ? -10.013 -9.529  8.772   1.00 31.01 ? 5   LYS C O   1 
ATOM   716  C CB  . LYS C 1 5  ? -8.502  -11.632 10.849  1.00 38.00 ? 5   LYS C CB  1 
ATOM   717  C CG  . LYS C 1 5  ? -9.033  -12.380 12.081  1.00 47.76 ? 5   LYS C CG  1 
ATOM   718  C CD  . LYS C 1 5  ? -10.537 -12.187 12.290  1.00 48.70 ? 5   LYS C CD  1 
ATOM   719  C CE  . LYS C 1 5  ? -11.316 -13.467 12.005  1.00 46.79 ? 5   LYS C CE  1 
ATOM   720  N NZ  . LYS C 1 5  ? -12.774 -13.198 11.915  1.00 53.02 ? 5   LYS C NZ  1 
ATOM   721  N N   . ILE C 1 6  ? -8.045  -10.357 8.054   1.00 33.30 ? 6   ILE C N   1 
ATOM   722  C CA  . ILE C 1 6  ? -7.740  -9.207  7.209   1.00 32.60 ? 6   ILE C CA  1 
ATOM   723  C C   . ILE C 1 6  ? -8.826  -9.019  6.156   1.00 28.30 ? 6   ILE C C   1 
ATOM   724  O O   . ILE C 1 6  ? -9.363  -7.918  5.985   1.00 24.79 ? 6   ILE C O   1 
ATOM   725  C CB  . ILE C 1 6  ? -6.349  -9.410  6.585   1.00 32.24 ? 6   ILE C CB  1 
ATOM   726  C CG1 . ILE C 1 6  ? -5.308  -9.417  7.709   1.00 34.15 ? 6   ILE C CG1 1 
ATOM   727  C CG2 . ILE C 1 6  ? -6.063  -8.343  5.538   1.00 30.89 ? 6   ILE C CG2 1 
ATOM   728  C CD1 . ILE C 1 6  ? -3.887  -9.433  7.241   1.00 32.28 ? 6   ILE C CD1 1 
ATOM   729  N N   . ILE C 1 7  ? -9.208  -10.108 5.487   1.00 27.07 ? 7   ILE C N   1 
ATOM   730  C CA  . ILE C 1 7  ? -10.193 -10.064 4.413   1.00 26.86 ? 7   ILE C CA  1 
ATOM   731  C C   . ILE C 1 7  ? -11.592 -9.767  4.954   1.00 30.25 ? 7   ILE C C   1 
ATOM   732  O O   . ILE C 1 7  ? -12.364 -9.029  4.330   1.00 28.26 ? 7   ILE C O   1 
ATOM   733  C CB  . ILE C 1 7  ? -10.132 -11.392 3.634   1.00 31.45 ? 7   ILE C CB  1 
ATOM   734  C CG1 . ILE C 1 7  ? -8.859  -11.431 2.803   1.00 27.61 ? 7   ILE C CG1 1 
ATOM   735  C CG2 . ILE C 1 7  ? -11.371 -11.618 2.785   1.00 35.34 ? 7   ILE C CG2 1 
ATOM   736  C CD1 . ILE C 1 7  ? -8.637  -12.730 2.110   1.00 34.28 ? 7   ILE C CD1 1 
ATOM   737  N N   . ARG C 1 8  ? -11.936 -10.304 6.128   1.00 29.94 ? 8   ARG C N   1 
ATOM   738  C CA  . ARG C 1 8  ? -13.219 -9.961  6.733   1.00 31.43 ? 8   ARG C CA  1 
ATOM   739  C C   . ARG C 1 8  ? -13.281 -8.481  7.076   1.00 28.95 ? 8   ARG C C   1 
ATOM   740  O O   . ARG C 1 8  ? -14.307 -7.839  6.838   1.00 29.69 ? 8   ARG C O   1 
ATOM   741  C CB  . ARG C 1 8  ? -13.484 -10.815 7.979   1.00 33.72 ? 8   ARG C CB  1 
ATOM   742  C CG  . ARG C 1 8  ? -14.224 -12.108 7.680   1.00 41.84 ? 8   ARG C CG  1 
ATOM   743  C CD  . ARG C 1 8  ? -15.717 -11.851 7.471   1.00 49.14 ? 8   ARG C CD  1 
ATOM   744  N NE  . ARG C 1 8  ? -16.239 -12.575 6.315   1.00 54.13 ? 8   ARG C NE  1 
ATOM   745  C CZ  . ARG C 1 8  ? -17.488 -12.504 5.874   1.00 53.76 ? 8   ARG C CZ  1 
ATOM   746  N NH1 . ARG C 1 8  ? -18.397 -11.754 6.482   1.00 53.03 ? 8   ARG C NH1 1 
ATOM   747  N NH2 . ARG C 1 8  ? -17.827 -13.189 4.785   1.00 48.74 ? 8   ARG C NH2 1 
ATOM   748  N N   . GLU C 1 9  ? -12.200 -7.921  7.628   1.00 27.00 ? 9   GLU C N   1 
ATOM   749  C CA  . GLU C 1 9  ? -12.191 -6.490  7.923   1.00 30.05 ? 9   GLU C CA  1 
ATOM   750  C C   . GLU C 1 9  ? -12.336 -5.662  6.644   1.00 25.49 ? 9   GLU C C   1 
ATOM   751  O O   . GLU C 1 9  ? -13.076 -4.659  6.607   1.00 24.33 ? 9   GLU C O   1 
ATOM   752  C CB  . GLU C 1 9  ? -10.906 -6.125  8.673   1.00 30.67 ? 9   GLU C CB  1 
ATOM   753  C CG  . GLU C 1 9  ? -10.573 -4.631  8.673   1.00 33.48 ? 9   GLU C CG  1 
ATOM   754  C CD  . GLU C 1 9  ? -11.295 -3.866  9.768   1.00 41.85 ? 9   GLU C CD  1 
ATOM   755  O OE1 . GLU C 1 9  ? -12.270 -4.404  10.347  1.00 40.39 ? 9   GLU C OE1 1 
ATOM   756  O OE2 . GLU C 1 9  ? -10.879 -2.723  10.066  1.00 48.95 ? 9   GLU C OE2 1 
ATOM   757  N N   . ALA C 1 10 ? -11.652 -6.079  5.579   1.00 28.88 ? 10  ALA C N   1 
ATOM   758  C CA  . ALA C 1 10 ? -11.749 -5.336  4.326   1.00 26.24 ? 10  ALA C CA  1 
ATOM   759  C C   . ALA C 1 10 ? -13.166 -5.395  3.767   1.00 22.04 ? 10  ALA C C   1 
ATOM   760  O O   . ALA C 1 10 ? -13.700 -4.377  3.312   1.00 22.96 ? 10  ALA C O   1 
ATOM   761  C CB  . ALA C 1 10 ? -10.741 -5.879  3.315   1.00 19.96 ? 10  ALA C CB  1 
ATOM   762  N N   . LYS C 1 11 ? -13.784 -6.582  3.795   1.00 25.10 ? 11  LYS C N   1 
ATOM   763  C CA  . LYS C 1 11 ? -15.163 -6.735  3.336   1.00 26.23 ? 11  LYS C CA  1 
ATOM   764  C C   . LYS C 1 11 ? -16.120 -5.892  4.165   1.00 26.92 ? 11  LYS C C   1 
ATOM   765  O O   . LYS C 1 11 ? -17.075 -5.318  3.628   1.00 27.08 ? 11  LYS C O   1 
ATOM   766  C CB  . LYS C 1 11 ? -15.579 -8.204  3.389   1.00 24.55 ? 11  LYS C CB  1 
ATOM   767  C CG  . LYS C 1 11 ? -15.090 -9.026  2.216   1.00 28.59 ? 11  LYS C CG  1 
ATOM   768  C CD  . LYS C 1 11 ? -15.101 -10.506 2.572   1.00 33.04 ? 11  LYS C CD  1 
ATOM   769  C CE  . LYS C 1 11 ? -15.035 -11.359 1.328   1.00 31.29 ? 11  LYS C CE  1 
ATOM   770  N NZ  . LYS C 1 11 ? -14.941 -12.822 1.609   1.00 30.39 ? 11  LYS C NZ  1 
ATOM   771  N N   . LYS C 1 12 ? -15.890 -5.820  5.479   1.00 24.65 ? 12  LYS C N   1 
ATOM   772  C CA  . LYS C 1 12 ? -16.698 -4.956  6.330   1.00 29.99 ? 12  LYS C CA  1 
ATOM   773  C C   . LYS C 1 12 ? -16.656 -3.521  5.823   1.00 28.49 ? 12  LYS C C   1 
ATOM   774  O O   . LYS C 1 12 ? -17.698 -2.857  5.687   1.00 25.12 ? 12  LYS C O   1 
ATOM   775  C CB  . LYS C 1 12 ? -16.187 -5.027  7.772   1.00 30.13 ? 12  LYS C CB  1 
ATOM   776  C CG  . LYS C 1 12 ? -17.068 -5.835  8.706   1.00 37.54 ? 12  LYS C CG  1 
ATOM   777  C CD  . LYS C 1 12 ? -17.161 -7.289  8.263   1.00 40.74 ? 12  LYS C CD  1 
ATOM   778  C CE  . LYS C 1 12 ? -17.673 -8.187  9.391   1.00 49.61 ? 12  LYS C CE  1 
ATOM   779  N NZ  . LYS C 1 12 ? -16.604 -8.479  10.389  1.00 44.14 ? 12  LYS C NZ  1 
ATOM   780  N N   . ILE C 1 13 ? -15.447 -3.035  5.525   1.00 24.37 ? 13  ILE C N   1 
ATOM   781  C CA  . ILE C 1 13 ? -15.307 -1.639  5.106   1.00 24.90 ? 13  ILE C CA  1 
ATOM   782  C C   . ILE C 1 13 ? -16.001 -1.415  3.773   1.00 24.50 ? 13  ILE C C   1 
ATOM   783  O O   . ILE C 1 13 ? -16.686 -0.397  3.571   1.00 21.93 ? 13  ILE C O   1 
ATOM   784  C CB  . ILE C 1 13 ? -13.824 -1.236  5.034   1.00 25.39 ? 13  ILE C CB  1 
ATOM   785  C CG1 . ILE C 1 13 ? -13.174 -1.311  6.421   1.00 27.17 ? 13  ILE C CG1 1 
ATOM   786  C CG2 . ILE C 1 13 ? -13.682 0.169   4.438   1.00 25.70 ? 13  ILE C CG2 1 
ATOM   787  C CD1 . ILE C 1 13 ? -11.666 -1.380  6.373   1.00 29.44 ? 13  ILE C CD1 1 
ATOM   788  N N   . LEU C 1 14 ? -15.812 -2.350  2.837   1.00 24.04 ? 14  LEU C N   1 
ATOM   789  C CA  . LEU C 1 14 ? -16.464 -2.257  1.538   1.00 27.41 ? 14  LEU C CA  1 
ATOM   790  C C   . LEU C 1 14 ? -17.973 -2.176  1.691   1.00 29.10 ? 14  LEU C C   1 
ATOM   791  O O   . LEU C 1 14 ? -18.629 -1.372  1.019   1.00 28.55 ? 14  LEU C O   1 
ATOM   792  C CB  . LEU C 1 14 ? -16.098 -3.461  0.674   1.00 24.26 ? 14  LEU C CB  1 
ATOM   793  C CG  . LEU C 1 14 ? -14.675 -3.498  0.128   1.00 23.81 ? 14  LEU C CG  1 
ATOM   794  C CD1 . LEU C 1 14 ? -14.515 -4.785  -0.657  1.00 21.20 ? 14  LEU C CD1 1 
ATOM   795  C CD2 . LEU C 1 14 ? -14.414 -2.285  -0.740  1.00 16.91 ? 14  LEU C CD2 1 
ATOM   796  N N   . ASP C 1 15 ? -18.542 -2.997  2.575   1.00 28.83 ? 15  ASP C N   1 
ATOM   797  C CA  . ASP C 1 15 ? -19.993 -3.002  2.719   1.00 30.29 ? 15  ASP C CA  1 
ATOM   798  C C   . ASP C 1 15 ? -20.498 -1.698  3.326   1.00 28.91 ? 15  ASP C C   1 
ATOM   799  O O   . ASP C 1 15 ? -21.543 -1.184  2.905   1.00 29.63 ? 15  ASP C O   1 
ATOM   800  C CB  . ASP C 1 15 ? -20.437 -4.211  3.542   1.00 29.94 ? 15  ASP C CB  1 
ATOM   801  C CG  . ASP C 1 15 ? -20.301 -5.516  2.769   1.00 36.66 ? 15  ASP C CG  1 
ATOM   802  O OD1 . ASP C 1 15 ? -20.091 -5.453  1.533   1.00 42.61 ? 15  ASP C OD1 1 
ATOM   803  O OD2 . ASP C 1 15 ? -20.408 -6.603  3.383   1.00 41.32 ? 15  ASP C OD2 1 
ATOM   804  N N   . GLU C 1 16 ? -19.769 -1.131  4.296   1.00 27.57 ? 16  GLU C N   1 
ATOM   805  C CA  . GLU C 1 16 ? -20.181 0.174   4.822   1.00 30.31 ? 16  GLU C CA  1 
ATOM   806  C C   . GLU C 1 16 ? -20.095 1.249   3.745   1.00 32.17 ? 16  GLU C C   1 
ATOM   807  O O   . GLU C 1 16 ? -21.042 2.017   3.547   1.00 31.16 ? 16  GLU C O   1 
ATOM   808  C CB  . GLU C 1 16 ? -19.351 0.592   6.038   1.00 30.57 ? 16  GLU C CB  1 
ATOM   809  C CG  . GLU C 1 16 ? -19.009 -0.511  7.027   1.00 42.87 ? 16  GLU C CG  1 
ATOM   810  C CD  . GLU C 1 16 ? -20.222 -1.330  7.484   1.00 50.65 ? 16  GLU C CD  1 
ATOM   811  O OE1 . GLU C 1 16 ? -21.195 -0.726  8.002   1.00 55.20 ? 16  GLU C OE1 1 
ATOM   812  O OE2 . GLU C 1 16 ? -20.189 -2.584  7.336   1.00 43.64 ? 16  GLU C OE2 1 
ATOM   813  N N   . LEU C 1 17 ? -18.956 1.323   3.048   1.00 28.53 ? 17  LEU C N   1 
ATOM   814  C CA  . LEU C 1 17 ? -18.789 2.294   1.964   1.00 27.45 ? 17  LEU C CA  1 
ATOM   815  C C   . LEU C 1 17 ? -19.911 2.192   0.935   1.00 29.36 ? 17  LEU C C   1 
ATOM   816  O O   . LEU C 1 17 ? -20.459 3.209   0.492   1.00 28.93 ? 17  LEU C O   1 
ATOM   817  C CB  . LEU C 1 17 ? -17.440 2.090   1.276   1.00 24.64 ? 17  LEU C CB  1 
ATOM   818  C CG  . LEU C 1 17 ? -16.196 2.601   2.003   1.00 26.95 ? 17  LEU C CG  1 
ATOM   819  C CD1 . LEU C 1 17 ? -14.954 2.430   1.105   1.00 27.49 ? 17  LEU C CD1 1 
ATOM   820  C CD2 . LEU C 1 17 ? -16.377 4.061   2.436   1.00 22.34 ? 17  LEU C CD2 1 
ATOM   821  N N   . LEU C 1 18 ? -20.247 0.968   0.529   1.00 26.52 ? 18  LEU C N   1 
ATOM   822  C CA  . LEU C 1 18 ? -21.320 0.766   -0.439  1.00 31.05 ? 18  LEU C CA  1 
ATOM   823  C C   . LEU C 1 18 ? -22.678 1.179   0.136   1.00 29.21 ? 18  LEU C C   1 
ATOM   824  O O   . LEU C 1 18 ? -23.498 1.780   -0.568  1.00 28.28 ? 18  LEU C O   1 
ATOM   825  C CB  . LEU C 1 18 ? -21.330 -0.700  -0.889  1.00 25.29 ? 18  LEU C CB  1 
ATOM   826  C CG  . LEU C 1 18 ? -22.327 -1.163  -1.955  1.00 29.50 ? 18  LEU C CG  1 
ATOM   827  C CD1 . LEU C 1 18 ? -22.083 -0.475  -3.278  1.00 27.27 ? 18  LEU C CD1 1 
ATOM   828  C CD2 . LEU C 1 18 ? -22.264 -2.677  -2.124  1.00 28.79 ? 18  LEU C CD2 1 
ATOM   829  N N   . LYS C 1 19 ? -22.918 0.882   1.420   1.00 29.43 ? 19  LYS C N   1 
ATOM   830  C CA  . LYS C 1 19 ? -24.202 1.189   2.048   1.00 31.31 ? 19  LYS C CA  1 
ATOM   831  C C   . LYS C 1 19 ? -24.478 2.690   2.062   1.00 34.53 ? 19  LYS C C   1 
ATOM   832  O O   . LYS C 1 19 ? -25.632 3.119   1.919   1.00 34.48 ? 19  LYS C O   1 
ATOM   833  C CB  . LYS C 1 19 ? -24.224 0.632   3.475   1.00 33.89 ? 19  LYS C CB  1 
ATOM   834  C CG  . LYS C 1 19 ? -25.613 0.372   4.026   1.00 38.75 ? 19  LYS C CG  1 
ATOM   835  C CD  . LYS C 1 19 ? -25.545 -0.148  5.465   1.00 52.18 ? 19  LYS C CD  1 
ATOM   836  C CE  . LYS C 1 19 ? -25.854 0.944   6.489   1.00 56.18 ? 19  LYS C CE  1 
ATOM   837  N NZ  . LYS C 1 19 ? -26.625 0.413   7.655   1.00 56.29 ? 19  LYS C NZ  1 
ATOM   838  N N   . ARG C 1 20 ? -23.435 3.500   2.235   1.00 29.80 ? 20  ARG C N   1 
ATOM   839  C CA  . ARG C 1 20 ? -23.551 4.942   2.391   1.00 34.31 ? 20  ARG C CA  1 
ATOM   840  C C   . ARG C 1 20 ? -23.401 5.710   1.081   1.00 31.70 ? 20  ARG C C   1 
ATOM   841  O O   . ARG C 1 20 ? -23.256 6.936   1.107   1.00 33.77 ? 20  ARG C O   1 
ATOM   842  C CB  . ARG C 1 20 ? -22.518 5.438   3.406   1.00 33.12 ? 20  ARG C CB  1 
ATOM   843  C CG  . ARG C 1 20 ? -22.738 4.865   4.791   1.00 34.56 ? 20  ARG C CG  1 
ATOM   844  C CD  . ARG C 1 20 ? -21.453 4.801   5.578   1.00 39.28 ? 20  ARG C CD  1 
ATOM   845  N NE  . ARG C 1 20 ? -21.678 4.204   6.889   1.00 50.74 ? 20  ARG C NE  1 
ATOM   846  C CZ  . ARG C 1 20 ? -22.016 4.888   7.974   1.00 54.54 ? 20  ARG C CZ  1 
ATOM   847  N NH1 . ARG C 1 20 ? -22.178 6.203   7.939   1.00 53.23 ? 20  ARG C NH1 1 
ATOM   848  N NH2 . ARG C 1 20 ? -22.198 4.237   9.121   1.00 54.00 ? 20  ARG C NH2 1 
ATOM   849  N N   . GLY C 1 21 ? -23.460 5.033   -0.058  1.00 32.45 ? 21  GLY C N   1 
ATOM   850  C CA  . GLY C 1 21 ? -23.403 5.737   -1.321  1.00 31.71 ? 21  GLY C CA  1 
ATOM   851  C C   . GLY C 1 21 ? -22.032 6.241   -1.711  1.00 30.76 ? 21  GLY C C   1 
ATOM   852  O O   . GLY C 1 21 ? -21.931 7.059   -2.634  1.00 30.37 ? 21  GLY C O   1 
ATOM   853  N N   . LEU C 1 22 ? -20.974 5.785   -1.043  1.00 29.68 ? 22  LEU C N   1 
ATOM   854  C CA  . LEU C 1 22 ? -19.648 6.335   -1.279  1.00 29.12 ? 22  LEU C CA  1 
ATOM   855  C C   . LEU C 1 22 ? -18.861 5.566   -2.333  1.00 25.99 ? 22  LEU C C   1 
ATOM   856  O O   . LEU C 1 22 ? -17.959 6.141   -2.944  1.00 24.30 ? 22  LEU C O   1 
ATOM   857  C CB  . LEU C 1 22 ? -18.860 6.387   0.040   1.00 26.26 ? 22  LEU C CB  1 
ATOM   858  C CG  . LEU C 1 22 ? -19.505 7.193   1.181   1.00 30.65 ? 22  LEU C CG  1 
ATOM   859  C CD1 . LEU C 1 22 ? -18.691 7.088   2.468   1.00 33.54 ? 22  LEU C CD1 1 
ATOM   860  C CD2 . LEU C 1 22 ? -19.678 8.653   0.804   1.00 30.90 ? 22  LEU C CD2 1 
ATOM   861  N N   . ILE C 1 23 ? -19.166 4.285   -2.562  1.00 25.82 ? 23  ILE C N   1 
ATOM   862  C CA  . ILE C 1 23 ? -18.561 3.535   -3.655  1.00 24.05 ? 23  ILE C CA  1 
ATOM   863  C C   . ILE C 1 23 ? -19.680 2.920   -4.474  1.00 25.51 ? 23  ILE C C   1 
ATOM   864  O O   . ILE C 1 23 ? -20.803 2.742   -4.002  1.00 27.64 ? 23  ILE C O   1 
ATOM   865  C CB  . ILE C 1 23 ? -17.574 2.430   -3.192  1.00 28.37 ? 23  ILE C CB  1 
ATOM   866  C CG1 . ILE C 1 23 ? -18.285 1.354   -2.365  1.00 24.17 ? 23  ILE C CG1 1 
ATOM   867  C CG2 . ILE C 1 23 ? -16.380 3.027   -2.436  1.00 25.87 ? 23  ILE C CG2 1 
ATOM   868  C CD1 . ILE C 1 23 ? -17.360 0.247   -1.916  1.00 24.06 ? 23  ILE C CD1 1 
ATOM   869  N N   . ASP C 1 24 ? -19.362 2.596   -5.665  1.00 27.47 ? 24  ASP C N   1 
ATOM   870  C CA  . ASP C 1 24 ? -20.305 1.958   -6.557  1.00 29.18 ? 24  ASP C CA  1 
ATOM   871  C C   . ASP C 1 24 ? -20.153 0.443   -6.491  1.00 29.15 ? 24  ASP C C   1 
ATOM   872  O O   . ASP C 1 24 ? -19.072 -0.070  -6.172  1.00 25.55 ? 24  ASP C O   1 
ATOM   873  C CB  . ASP C 1 24 ? -20.085 2.450   -7.985  1.00 32.61 ? 24  ASP C CB  1 
ATOM   874  C CG  . ASP C 1 24 ? -20.569 3.892   -8.187  1.00 35.33 ? 24  ASP C CG  1 
ATOM   875  O OD1 . ASP C 1 24 ? -21.521 4.319   -7.485  1.00 27.53 ? 24  ASP C OD1 1 
ATOM   876  O OD2 . ASP C 1 24 ? -19.969 4.603   -9.024  1.00 35.48 ? 24  ASP C OD2 1 
ATOM   877  N N   . PRO C 1 25 ? -21.240 -0.279  -6.769  1.00 28.42 ? 25  PRO C N   1 
ATOM   878  C CA  . PRO C 1 25 ? -21.196 -1.742  -6.645  1.00 27.31 ? 25  PRO C CA  1 
ATOM   879  C C   . PRO C 1 25 ? -20.150 -2.401  -7.517  1.00 29.81 ? 25  PRO C C   1 
ATOM   880  O O   . PRO C 1 25 ? -19.616 -3.447  -7.124  1.00 25.65 ? 25  PRO C O   1 
ATOM   881  C CB  . PRO C 1 25 ? -22.617 -2.179  -7.046  1.00 28.38 ? 25  PRO C CB  1 
ATOM   882  C CG  . PRO C 1 25 ? -23.250 -0.983  -7.668  1.00 29.73 ? 25  PRO C CG  1 
ATOM   883  C CD  . PRO C 1 25 ? -22.595 0.210   -7.070  1.00 28.89 ? 25  PRO C CD  1 
ATOM   884  N N   . GLU C 1 26 ? -19.842 -1.854  -8.696  1.00 23.29 ? 26  GLU C N   1 
ATOM   885  C CA  . GLU C 1 26 ? -18.830 -2.515  -9.508  1.00 26.77 ? 26  GLU C CA  1 
ATOM   886  C C   . GLU C 1 26 ? -17.466 -2.433  -8.836  1.00 25.46 ? 26  GLU C C   1 
ATOM   887  O O   . GLU C 1 26 ? -16.692 -3.398  -8.860  1.00 23.09 ? 26  GLU C O   1 
ATOM   888  C CB  . GLU C 1 26 ? -18.792 -1.918  -10.908 1.00 26.39 ? 26  GLU C CB  1 
ATOM   889  C CG  . GLU C 1 26 ? -17.872 -2.651  -11.875 1.00 34.24 ? 26  GLU C CG  1 
ATOM   890  C CD  . GLU C 1 26 ? -18.093 -4.169  -11.937 1.00 35.55 ? 26  GLU C CD  1 
ATOM   891  O OE1 . GLU C 1 26 ? -19.178 -4.666  -11.553 1.00 42.32 ? 26  GLU C OE1 1 
ATOM   892  O OE2 . GLU C 1 26 ? -17.175 -4.872  -12.401 1.00 36.23 ? 26  GLU C OE2 1 
ATOM   893  N N   . LEU C 1 27 ? -17.180 -1.303  -8.186  1.00 25.87 ? 27  LEU C N   1 
ATOM   894  C CA  . LEU C 1 27 ? -15.936 -1.166  -7.438  1.00 26.15 ? 27  LEU C CA  1 
ATOM   895  C C   . LEU C 1 27 ? -15.876 -2.155  -6.279  1.00 25.01 ? 27  LEU C C   1 
ATOM   896  O O   . LEU C 1 27 ? -14.874 -2.858  -6.099  1.00 24.98 ? 27  LEU C O   1 
ATOM   897  C CB  . LEU C 1 27 ? -15.791 0.269   -6.935  1.00 24.98 ? 27  LEU C CB  1 
ATOM   898  C CG  . LEU C 1 27 ? -14.581 0.535   -6.048  1.00 27.21 ? 27  LEU C CG  1 
ATOM   899  C CD1 . LEU C 1 27 ? -13.325 -0.021  -6.686  1.00 26.18 ? 27  LEU C CD1 1 
ATOM   900  C CD2 . LEU C 1 27 ? -14.431 2.032   -5.802  1.00 32.04 ? 27  LEU C CD2 1 
ATOM   901  N N   . ALA C 1 28 ? -16.935 -2.211  -5.470  1.00 21.52 ? 28  ALA C N   1 
ATOM   902  C CA  . ALA C 1 28 ? -16.981 -3.201  -4.397  1.00 24.06 ? 28  ALA C CA  1 
ATOM   903  C C   . ALA C 1 28 ? -16.786 -4.616  -4.934  1.00 25.57 ? 28  ALA C C   1 
ATOM   904  O O   . ALA C 1 28 ? -16.101 -5.437  -4.310  1.00 23.95 ? 28  ALA C O   1 
ATOM   905  C CB  . ALA C 1 28 ? -18.309 -3.098  -3.648  1.00 23.61 ? 28  ALA C CB  1 
ATOM   906  N N   . ARG C 1 29 ? -17.388 -4.925  -6.085  1.00 25.79 ? 29  ARG C N   1 
ATOM   907  C CA  . ARG C 1 29 ? -17.291 -6.276  -6.632  1.00 27.99 ? 29  ARG C CA  1 
ATOM   908  C C   . ARG C 1 29 ? -15.862 -6.599  -7.043  1.00 23.11 ? 29  ARG C C   1 
ATOM   909  O O   . ARG C 1 29 ? -15.352 -7.676  -6.727  1.00 21.55 ? 29  ARG C O   1 
ATOM   910  C CB  . ARG C 1 29 ? -18.239 -6.459  -7.827  1.00 22.57 ? 29  ARG C CB  1 
ATOM   911  C CG  . ARG C 1 29 ? -18.328 -7.939  -8.289  1.00 25.25 ? 29  ARG C CG  1 
ATOM   912  C CD  . ARG C 1 29 ? -18.849 -8.107  -9.725  1.00 34.10 ? 29  ARG C CD  1 
ATOM   913  N NE  . ARG C 1 29 ? -17.968 -7.513  -10.727 1.00 32.70 ? 29  ARG C NE  1 
ATOM   914  C CZ  . ARG C 1 29 ? -16.803 -8.030  -11.099 1.00 34.21 ? 29  ARG C CZ  1 
ATOM   915  N NH1 . ARG C 1 29 ? -16.353 -9.168  -10.581 1.00 33.58 ? 29  ARG C NH1 1 
ATOM   916  N NH2 . ARG C 1 29 ? -16.064 -7.386  -12.000 1.00 30.92 ? 29  ARG C NH2 1 
ATOM   917  N N   . ILE C 1 30 ? -15.218 -5.702  -7.797  1.00 25.18 ? 30  ILE C N   1 
ATOM   918  C CA  . ILE C 1 30 ? -13.813 -5.915  -8.148  1.00 26.30 ? 30  ILE C CA  1 
ATOM   919  C C   . ILE C 1 30 ? -12.985 -6.117  -6.887  1.00 22.52 ? 30  ILE C C   1 
ATOM   920  O O   . ILE C 1 30 ? -12.132 -7.013  -6.820  1.00 20.88 ? 30  ILE C O   1 
ATOM   921  C CB  . ILE C 1 30 ? -13.271 -4.740  -8.984  1.00 25.58 ? 30  ILE C CB  1 
ATOM   922  C CG1 . ILE C 1 30 ? -14.101 -4.528  -10.239 1.00 23.66 ? 30  ILE C CG1 1 
ATOM   923  C CG2 . ILE C 1 30 ? -11.810 -4.978  -9.387  1.00 24.69 ? 30  ILE C CG2 1 
ATOM   924  C CD1 . ILE C 1 30 ? -13.669 -3.305  -11.013 1.00 23.41 ? 30  ILE C CD1 1 
ATOM   925  N N   . ALA C 1 31 ? -13.223 -5.283  -5.869  1.00 21.92 ? 31  ALA C N   1 
ATOM   926  C CA  . ALA C 1 31 ? -12.432 -5.389  -4.647  1.00 22.73 ? 31  ALA C CA  1 
ATOM   927  C C   . ALA C 1 31 ? -12.643 -6.743  -3.974  1.00 23.26 ? 31  ALA C C   1 
ATOM   928  O O   . ALA C 1 31 ? -11.687 -7.366  -3.499  1.00 22.87 ? 31  ALA C O   1 
ATOM   929  C CB  . ALA C 1 31 ? -12.773 -4.240  -3.697  1.00 20.34 ? 31  ALA C CB  1 
ATOM   930  N N   . ARG C 1 32 ? -13.886 -7.233  -3.958  1.00 22.29 ? 32  ARG C N   1 
ATOM   931  C CA  . ARG C 1 32 ? -14.147 -8.541  -3.373  1.00 25.29 ? 32  ARG C CA  1 
ATOM   932  C C   . ARG C 1 32 ? -13.527 -9.653  -4.199  1.00 25.03 ? 32  ARG C C   1 
ATOM   933  O O   . ARG C 1 32 ? -13.077 -10.664 -3.645  1.00 23.53 ? 32  ARG C O   1 
ATOM   934  C CB  . ARG C 1 32 ? -15.646 -8.749  -3.231  1.00 23.48 ? 32  ARG C CB  1 
ATOM   935  C CG  . ARG C 1 32 ? -16.220 -7.949  -2.078  1.00 26.43 ? 32  ARG C CG  1 
ATOM   936  C CD  . ARG C 1 32 ? -17.725 -8.005  -2.128  1.00 32.44 ? 32  ARG C CD  1 
ATOM   937  N NE  . ARG C 1 32 ? -18.125 -9.391  -1.929  1.00 34.94 ? 32  ARG C NE  1 
ATOM   938  C CZ  . ARG C 1 32 ? -18.340 -9.939  -0.739  1.00 36.67 ? 32  ARG C CZ  1 
ATOM   939  N NH1 . ARG C 1 32 ? -18.240 -9.228  0.377   1.00 30.00 ? 32  ARG C NH1 1 
ATOM   940  N NH2 . ARG C 1 32 ? -18.663 -11.231 -0.669  1.00 32.67 ? 32  ARG C NH2 1 
ATOM   941  N N   . GLU C 1 33 ? -13.481 -9.475  -5.519  1.00 23.19 ? 33  GLU C N   1 
ATOM   942  C CA  . GLU C 1 33 ? -12.802 -10.435 -6.379  1.00 24.87 ? 33  GLU C CA  1 
ATOM   943  C C   . GLU C 1 33 ? -11.326 -10.540 -6.008  1.00 23.85 ? 33  GLU C C   1 
ATOM   944  O O   . GLU C 1 33 ? -10.783 -11.642 -5.829  1.00 25.37 ? 33  GLU C O   1 
ATOM   945  C CB  . GLU C 1 33 ? -12.975 -10.002 -7.836  1.00 25.83 ? 33  GLU C CB  1 
ATOM   946  C CG  . GLU C 1 33 ? -12.373 -10.951 -8.839  1.00 31.21 ? 33  GLU C CG  1 
ATOM   947  C CD  . GLU C 1 33 ? -12.682 -10.537 -10.258 1.00 36.15 ? 33  GLU C CD  1 
ATOM   948  O OE1 . GLU C 1 33 ? -13.866 -10.269 -10.555 1.00 34.01 ? 33  GLU C OE1 1 
ATOM   949  O OE2 . GLU C 1 33 ? -11.740 -10.490 -11.075 1.00 46.34 ? 33  GLU C OE2 1 
ATOM   950  N N   . VAL C 1 34 ? -10.666 -9.386  -5.887  1.00 23.48 ? 34  VAL C N   1 
ATOM   951  C CA  . VAL C 1 34 ? -9.254  -9.342  -5.501  1.00 24.11 ? 34  VAL C CA  1 
ATOM   952  C C   . VAL C 1 34 ? -9.048  -9.955  -4.121  1.00 23.30 ? 34  VAL C C   1 
ATOM   953  O O   . VAL C 1 34 ? -8.082  -10.695 -3.889  1.00 23.52 ? 34  VAL C O   1 
ATOM   954  C CB  . VAL C 1 34 ? -8.745  -7.890  -5.555  1.00 22.26 ? 34  VAL C CB  1 
ATOM   955  C CG1 . VAL C 1 34 ? -7.300  -7.817  -5.085  1.00 27.17 ? 34  VAL C CG1 1 
ATOM   956  C CG2 . VAL C 1 34 ? -8.875  -7.355  -6.969  1.00 25.36 ? 34  VAL C CG2 1 
ATOM   957  N N   . LEU C 1 35 ? -9.934  -9.642  -3.174  1.00 25.63 ? 35  LEU C N   1 
ATOM   958  C CA  . LEU C 1 35 ? -9.814  -10.208 -1.832  1.00 23.53 ? 35  LEU C CA  1 
ATOM   959  C C   . LEU C 1 35 ? -9.956  -11.728 -1.853  1.00 24.60 ? 35  LEU C C   1 
ATOM   960  O O   . LEU C 1 35 ? -9.283  -12.432 -1.091  1.00 23.15 ? 35  LEU C O   1 
ATOM   961  C CB  . LEU C 1 35 ? -10.860 -9.588  -0.912  1.00 21.50 ? 35  LEU C CB  1 
ATOM   962  C CG  . LEU C 1 35 ? -10.614 -8.147  -0.498  1.00 24.21 ? 35  LEU C CG  1 
ATOM   963  C CD1 . LEU C 1 35 ? -11.904 -7.556  0.023   1.00 25.25 ? 35  LEU C CD1 1 
ATOM   964  C CD2 . LEU C 1 35 ? -9.500  -8.050  0.556   1.00 18.08 ? 35  LEU C CD2 1 
ATOM   965  N N   . GLU C 1 36 ? -10.829 -12.255 -2.717  1.00 25.13 ? 36  GLU C N   1 
ATOM   966  C CA  . GLU C 1 36 ? -10.953 -13.704 -2.841  1.00 24.52 ? 36  GLU C CA  1 
ATOM   967  C C   . GLU C 1 36 ? -9.690  -14.309 -3.438  1.00 25.66 ? 36  GLU C C   1 
ATOM   968  O O   . GLU C 1 36 ? -9.253  -15.391 -3.021  1.00 26.45 ? 36  GLU C O   1 
ATOM   969  C CB  . GLU C 1 36 ? -12.172 -14.058 -3.694  1.00 23.46 ? 36  GLU C CB  1 
ATOM   970  C CG  . GLU C 1 36 ? -12.309 -15.552 -4.053  1.00 23.92 ? 36  GLU C CG  1 
ATOM   971  C CD  . GLU C 1 36 ? -12.327 -16.485 -2.848  1.00 26.42 ? 36  GLU C CD  1 
ATOM   972  O OE1 . GLU C 1 36 ? -12.635 -16.024 -1.719  1.00 22.36 ? 36  GLU C OE1 1 
ATOM   973  O OE2 . GLU C 1 36 ? -12.047 -17.701 -3.040  1.00 30.62 ? 36  GLU C OE2 1 
ATOM   974  N N   . ARG C 1 37 ? -9.095  -13.626 -4.418  1.00 24.21 ? 37  ARG C N   1 
ATOM   975  C CA  . ARG C 1 37 ? -7.802  -14.063 -4.934  1.00 26.26 ? 37  ARG C CA  1 
ATOM   976  C C   . ARG C 1 37 ? -6.765  -14.130 -3.814  1.00 28.64 ? 37  ARG C C   1 
ATOM   977  O O   . ARG C 1 37 ? -6.000  -15.097 -3.722  1.00 25.94 ? 37  ARG C O   1 
ATOM   978  C CB  . ARG C 1 37 ? -7.336  -13.128 -6.050  1.00 28.36 ? 37  ARG C CB  1 
ATOM   979  C CG  . ARG C 1 37 ? -6.335  -13.750 -7.030  1.00 38.03 ? 37  ARG C CG  1 
ATOM   980  C CD  . ARG C 1 37 ? -5.634  -12.674 -7.868  1.00 40.74 ? 37  ARG C CD  1 
ATOM   981  N NE  . ARG C 1 37 ? -6.596  -11.775 -8.500  1.00 43.02 ? 37  ARG C NE  1 
ATOM   982  C CZ  . ARG C 1 37 ? -6.270  -10.705 -9.219  1.00 46.30 ? 37  ARG C CZ  1 
ATOM   983  N NH1 . ARG C 1 37 ? -5.002  -10.386 -9.453  1.00 38.29 ? 37  ARG C NH1 1 
ATOM   984  N NH2 . ARG C 1 37 ? -7.241  -9.933  -9.714  1.00 39.03 ? 37  ARG C NH2 1 
ATOM   985  N N   . ALA C 1 38 ? -6.755  -13.118 -2.938  1.00 23.38 ? 38  ALA C N   1 
ATOM   986  C CA  . ALA C 1 38 ? -5.821  -13.098 -1.813  1.00 26.40 ? 38  ALA C CA  1 
ATOM   987  C C   . ALA C 1 38 ? -6.091  -14.245 -0.841  1.00 28.66 ? 38  ALA C C   1 
ATOM   988  O O   . ALA C 1 38 ? -5.150  -14.882 -0.352  1.00 27.34 ? 38  ALA C O   1 
ATOM   989  C CB  . ALA C 1 38 ? -5.902  -11.753 -1.080  1.00 21.10 ? 38  ALA C CB  1 
ATOM   990  N N   . ARG C 1 39 ? -7.370  -14.512 -0.541  1.00 27.62 ? 39  ARG C N   1 
ATOM   991  C CA  . ARG C 1 39 ? -7.721  -15.655 0.303   1.00 29.04 ? 39  ARG C CA  1 
ATOM   992  C C   . ARG C 1 39 ? -7.174  -16.949 -0.283  1.00 29.99 ? 39  ARG C C   1 
ATOM   993  O O   . ARG C 1 39 ? -6.540  -17.744 0.419   1.00 27.71 ? 39  ARG C O   1 
ATOM   994  C CB  . ARG C 1 39 ? -9.243  -15.749 0.477   1.00 29.46 ? 39  ARG C CB  1 
ATOM   995  C CG  . ARG C 1 39 ? -9.692  -16.598 1.679   1.00 33.80 ? 39  ARG C CG  1 
ATOM   996  C CD  . ARG C 1 39 ? -11.188 -16.925 1.627   1.00 33.48 ? 39  ARG C CD  1 
ATOM   997  N NE  . ARG C 1 39 ? -11.522 -17.666 0.418   1.00 28.56 ? 39  ARG C NE  1 
ATOM   998  C CZ  . ARG C 1 39 ? -11.549 -18.988 0.326   1.00 33.00 ? 39  ARG C CZ  1 
ATOM   999  N NH1 . ARG C 1 39 ? -11.360 -19.761 1.383   1.00 36.74 ? 39  ARG C NH1 1 
ATOM   1000 N NH2 . ARG C 1 39 ? -11.760 -19.549 -0.861  1.00 28.58 ? 39  ARG C NH2 1 
ATOM   1001 N N   . LYS C 1 40 ? -7.387  -17.162 -1.586  1.00 26.79 ? 40  LYS C N   1 
ATOM   1002 C CA  . LYS C 1 40 ? -6.893  -18.389 -2.207  1.00 31.18 ? 40  LYS C CA  1 
ATOM   1003 C C   . LYS C 1 40 ? -5.374  -18.463 -2.133  1.00 33.75 ? 40  LYS C C   1 
ATOM   1004 O O   . LYS C 1 40 ? -4.803  -19.538 -1.908  1.00 28.75 ? 40  LYS C O   1 
ATOM   1005 C CB  . LYS C 1 40 ? -7.375  -18.479 -3.658  1.00 30.01 ? 40  LYS C CB  1 
ATOM   1006 C CG  . LYS C 1 40 ? -8.867  -18.798 -3.793  1.00 34.05 ? 40  LYS C CG  1 
ATOM   1007 C CD  . LYS C 1 40 ? -9.291  -19.049 -5.247  1.00 31.10 ? 40  LYS C CD  1 
ATOM   1008 C CE  . LYS C 1 40 ? -10.690 -19.661 -5.297  1.00 33.30 ? 40  LYS C CE  1 
ATOM   1009 N NZ  . LYS C 1 40 ? -11.745 -18.607 -5.236  1.00 25.60 ? 40  LYS C NZ  1 
ATOM   1010 N N   . LEU C 1 41 ? -4.698  -17.324 -2.308  1.00 33.46 ? 41  LEU C N   1 
ATOM   1011 C CA  . LEU C 1 41 ? -3.243  -17.329 -2.228  1.00 34.10 ? 41  LEU C CA  1 
ATOM   1012 C C   . LEU C 1 41 ? -2.759  -17.586 -0.809  1.00 34.08 ? 41  LEU C C   1 
ATOM   1013 O O   . LEU C 1 41 ? -1.693  -18.176 -0.619  1.00 32.93 ? 41  LEU C O   1 
ATOM   1014 C CB  . LEU C 1 41 ? -2.679  -16.001 -2.738  1.00 31.87 ? 41  LEU C CB  1 
ATOM   1015 C CG  . LEU C 1 41 ? -2.289  -15.933 -4.216  1.00 43.65 ? 41  LEU C CG  1 
ATOM   1016 C CD1 . LEU C 1 41 ? -1.216  -14.853 -4.420  1.00 41.79 ? 41  LEU C CD1 1 
ATOM   1017 C CD2 . LEU C 1 41 ? -1.816  -17.296 -4.732  1.00 39.40 ? 41  LEU C CD2 1 
ATOM   1018 N N   . GLY C 1 42 ? -3.523  -17.152 0.193   1.00 36.12 ? 42  GLY C N   1 
ATOM   1019 C CA  . GLY C 1 42 ? -3.090  -17.269 1.568   1.00 31.81 ? 42  GLY C CA  1 
ATOM   1020 C C   . GLY C 1 42 ? -1.881  -16.437 1.924   1.00 31.57 ? 42  GLY C C   1 
ATOM   1021 O O   . GLY C 1 42 ? -1.210  -16.744 2.909   1.00 33.25 ? 42  GLY C O   1 
ATOM   1022 N N   . ASN C 1 43 ? -1.568  -15.401 1.145   1.00 32.85 ? 43  ASN C N   1 
ATOM   1023 C CA  . ASN C 1 43 ? -0.445  -14.519 1.447   1.00 31.55 ? 43  ASN C CA  1 
ATOM   1024 C C   . ASN C 1 43 ? -0.959  -13.359 2.295   1.00 33.42 ? 43  ASN C C   1 
ATOM   1025 O O   . ASN C 1 43 ? -1.773  -12.553 1.827   1.00 31.08 ? 43  ASN C O   1 
ATOM   1026 C CB  . ASN C 1 43 ? 0.224   -14.010 0.167   1.00 30.87 ? 43  ASN C CB  1 
ATOM   1027 C CG  . ASN C 1 43 ? 1.539   -13.264 0.441   1.00 35.26 ? 43  ASN C CG  1 
ATOM   1028 O OD1 . ASN C 1 43 ? 1.529   -12.109 0.871   1.00 31.55 ? 43  ASN C OD1 1 
ATOM   1029 N ND2 . ASN C 1 43 ? 2.673   -13.929 0.194   1.00 31.94 ? 43  ASN C ND2 1 
ATOM   1030 N N   . GLU C 1 44 ? -0.485  -13.284 3.541   1.00 31.22 ? 44  GLU C N   1 
ATOM   1031 C CA  . GLU C 1 44 ? -0.990  -12.287 4.480   1.00 32.36 ? 44  GLU C CA  1 
ATOM   1032 C C   . GLU C 1 44 ? -0.651  -10.865 4.033   1.00 31.71 ? 44  GLU C C   1 
ATOM   1033 O O   . GLU C 1 44 ? -1.457  -9.943  4.207   1.00 27.61 ? 44  GLU C O   1 
ATOM   1034 C CB  . GLU C 1 44 ? -0.422  -12.555 5.869   1.00 28.16 ? 44  GLU C CB  1 
ATOM   1035 C CG  . GLU C 1 44 ? -0.482  -11.350 6.790   1.00 38.12 ? 44  GLU C CG  1 
ATOM   1036 C CD  . GLU C 1 44 ? -0.185  -11.709 8.229   1.00 46.75 ? 44  GLU C CD  1 
ATOM   1037 O OE1 . GLU C 1 44 ? -0.016  -12.919 8.516   1.00 49.82 ? 44  GLU C OE1 1 
ATOM   1038 O OE2 . GLU C 1 44 ? -0.135  -10.785 9.069   1.00 43.79 ? 44  GLU C OE2 1 
ATOM   1039 N N   . GLU C 1 45 ? 0.538   -10.672 3.468   1.00 26.10 ? 45  GLU C N   1 
ATOM   1040 C CA  . GLU C 1 45 ? 0.969   -9.336  3.088   1.00 28.75 ? 45  GLU C CA  1 
ATOM   1041 C C   . GLU C 1 45 ? 0.159   -8.806  1.912   1.00 26.02 ? 45  GLU C C   1 
ATOM   1042 O O   . GLU C 1 45 ? -0.221  -7.632  1.903   1.00 21.84 ? 45  GLU C O   1 
ATOM   1043 C CB  . GLU C 1 45 ? 2.468   -9.342  2.773   1.00 26.74 ? 45  GLU C CB  1 
ATOM   1044 C CG  . GLU C 1 45 ? 3.363   -9.418  4.018   1.00 30.03 ? 45  GLU C CG  1 
ATOM   1045 C CD  . GLU C 1 45 ? 3.218   -8.211  4.943   1.00 28.88 ? 45  GLU C CD  1 
ATOM   1046 O OE1 . GLU C 1 45 ? 2.772   -7.138  4.483   1.00 26.40 ? 45  GLU C OE1 1 
ATOM   1047 O OE2 . GLU C 1 45 ? 3.557   -8.324  6.141   1.00 28.04 ? 45  GLU C OE2 1 
ATOM   1048 N N   . ALA C 1 46 ? -0.131  -9.657  0.924   1.00 26.05 ? 46  ALA C N   1 
ATOM   1049 C CA  . ALA C 1 46 ? -0.995  -9.253  -0.184  1.00 28.32 ? 46  ALA C CA  1 
ATOM   1050 C C   . ALA C 1 46 ? -2.382  -8.852  0.314   1.00 23.55 ? 46  ALA C C   1 
ATOM   1051 O O   . ALA C 1 46 ? -2.958  -7.839  -0.122  1.00 22.70 ? 46  ALA C O   1 
ATOM   1052 C CB  . ALA C 1 46 ? -1.096  -10.398 -1.195  1.00 24.75 ? 46  ALA C CB  1 
ATOM   1053 N N   . ALA C 1 47 ? -2.945  -9.664  1.206   1.00 22.13 ? 47  ALA C N   1 
ATOM   1054 C CA  . ALA C 1 47 ? -4.220  -9.322  1.822   1.00 26.85 ? 47  ALA C CA  1 
ATOM   1055 C C   . ALA C 1 47 ? -4.142  -7.962  2.495   1.00 23.55 ? 47  ALA C C   1 
ATOM   1056 O O   . ALA C 1 47 ? -5.026  -7.120  2.308   1.00 21.87 ? 47  ALA C O   1 
ATOM   1057 C CB  . ALA C 1 47 ? -4.621  -10.395 2.835   1.00 25.44 ? 47  ALA C CB  1 
ATOM   1058 N N   . ARG C 1 48 ? -3.079  -7.734  3.285   1.00 26.72 ? 48  ARG C N   1 
ATOM   1059 C CA  . ARG C 1 48 ? -2.920  -6.457  3.979   1.00 28.63 ? 48  ARG C CA  1 
ATOM   1060 C C   . ARG C 1 48 ? -2.807  -5.312  2.993   1.00 24.90 ? 48  ARG C C   1 
ATOM   1061 O O   . ARG C 1 48 ? -3.277  -4.209  3.269   1.00 25.92 ? 48  ARG C O   1 
ATOM   1062 C CB  . ARG C 1 48 ? -1.687  -6.461  4.892   1.00 26.52 ? 48  ARG C CB  1 
ATOM   1063 C CG  . ARG C 1 48 ? -1.963  -6.908  6.303   1.00 32.03 ? 48  ARG C CG  1 
ATOM   1064 C CD  . ARG C 1 48 ? -0.746  -6.842  7.188   1.00 35.13 ? 48  ARG C CD  1 
ATOM   1065 N NE  . ARG C 1 48 ? -0.599  -5.519  7.781   1.00 38.36 ? 48  ARG C NE  1 
ATOM   1066 C CZ  . ARG C 1 48 ? 0.056   -5.279  8.910   1.00 35.33 ? 48  ARG C CZ  1 
ATOM   1067 N NH1 . ARG C 1 48 ? 0.627   -6.254  9.594   1.00 34.59 ? 48  ARG C NH1 1 
ATOM   1068 N NH2 . ARG C 1 48 ? 0.138   -4.028  9.362   1.00 35.62 ? 48  ARG C NH2 1 
ATOM   1069 N N   . PHE C 1 49 ? -2.146  -5.543  1.858   1.00 24.09 ? 49  PHE C N   1 
ATOM   1070 C CA  . PHE C 1 49 ? -2.032  -4.497  0.849   1.00 25.43 ? 49  PHE C CA  1 
ATOM   1071 C C   . PHE C 1 49 ? -3.408  -4.092  0.336   1.00 22.49 ? 49  PHE C C   1 
ATOM   1072 O O   . PHE C 1 49 ? -3.708  -2.899  0.193   1.00 22.87 ? 49  PHE C O   1 
ATOM   1073 C CB  . PHE C 1 49 ? -1.153  -4.978  -0.303  1.00 21.72 ? 49  PHE C CB  1 
ATOM   1074 C CG  . PHE C 1 49 ? -0.873  -3.912  -1.346  1.00 23.90 ? 49  PHE C CG  1 
ATOM   1075 C CD1 . PHE C 1 49 ? 0.068   -2.919  -1.107  1.00 24.10 ? 49  PHE C CD1 1 
ATOM   1076 C CD2 . PHE C 1 49 ? -1.544  -3.913  -2.564  1.00 19.01 ? 49  PHE C CD2 1 
ATOM   1077 C CE1 . PHE C 1 49 ? 0.322   -1.943  -2.062  1.00 25.13 ? 49  PHE C CE1 1 
ATOM   1078 C CE2 . PHE C 1 49 ? -1.298  -2.964  -3.517  1.00 16.66 ? 49  PHE C CE2 1 
ATOM   1079 C CZ  . PHE C 1 49 ? -0.365  -1.968  -3.275  1.00 22.26 ? 49  PHE C CZ  1 
ATOM   1080 N N   . VAL C 1 50 ? -4.258  -5.077  0.046   1.00 23.11 ? 50  VAL C N   1 
ATOM   1081 C CA  . VAL C 1 50 ? -5.607  -4.747  -0.415  1.00 22.07 ? 50  VAL C CA  1 
ATOM   1082 C C   . VAL C 1 50 ? -6.381  -4.026  0.687   1.00 24.08 ? 50  VAL C C   1 
ATOM   1083 O O   . VAL C 1 50 ? -7.155  -3.098  0.422   1.00 22.39 ? 50  VAL C O   1 
ATOM   1084 C CB  . VAL C 1 50 ? -6.339  -6.011  -0.897  1.00 20.90 ? 50  VAL C CB  1 
ATOM   1085 C CG1 . VAL C 1 50 ? -7.767  -5.668  -1.348  1.00 15.70 ? 50  VAL C CG1 1 
ATOM   1086 C CG2 . VAL C 1 50 ? -5.573  -6.653  -2.036  1.00 21.43 ? 50  VAL C CG2 1 
ATOM   1087 N N   . LEU C 1 51 ? -6.175  -4.429  1.944   1.00 22.14 ? 51  LEU C N   1 
ATOM   1088 C CA  . LEU C 1 51 ? -6.850  -3.746  3.039   1.00 23.55 ? 51  LEU C CA  1 
ATOM   1089 C C   . LEU C 1 51 ? -6.370  -2.309  3.168   1.00 23.73 ? 51  LEU C C   1 
ATOM   1090 O O   . LEU C 1 51 ? -7.167  -1.409  3.438   1.00 22.79 ? 51  LEU C O   1 
ATOM   1091 C CB  . LEU C 1 51 ? -6.633  -4.491  4.358   1.00 25.29 ? 51  LEU C CB  1 
ATOM   1092 C CG  . LEU C 1 51 ? -7.097  -3.741  5.618   1.00 24.21 ? 51  LEU C CG  1 
ATOM   1093 C CD1 . LEU C 1 51 ? -8.608  -3.542  5.653   1.00 22.19 ? 51  LEU C CD1 1 
ATOM   1094 C CD2 . LEU C 1 51 ? -6.638  -4.472  6.859   1.00 27.20 ? 51  LEU C CD2 1 
ATOM   1095 N N   . GLU C 1 52 ? -5.060  -2.087  3.014   1.00 24.53 ? 52  GLU C N   1 
ATOM   1096 C CA  . GLU C 1 52 ? -4.519  -0.735  3.054   1.00 23.92 ? 52  GLU C CA  1 
ATOM   1097 C C   . GLU C 1 52 ? -5.095  0.101   1.925   1.00 20.85 ? 52  GLU C C   1 
ATOM   1098 O O   . GLU C 1 52 ? -5.370  1.292   2.102   1.00 21.54 ? 52  GLU C O   1 
ATOM   1099 C CB  . GLU C 1 52 ? -2.990  -0.771  2.966   1.00 23.83 ? 52  GLU C CB  1 
ATOM   1100 C CG  . GLU C 1 52 ? -2.289  -1.365  4.185   1.00 24.65 ? 52  GLU C CG  1 
ATOM   1101 C CD  . GLU C 1 52 ? -0.883  -1.900  3.881   1.00 25.73 ? 52  GLU C CD  1 
ATOM   1102 O OE1 . GLU C 1 52 ? -0.395  -1.761  2.731   1.00 25.32 ? 52  GLU C OE1 1 
ATOM   1103 O OE2 . GLU C 1 52 ? -0.254  -2.459  4.809   1.00 26.43 ? 52  GLU C OE2 1 
ATOM   1104 N N   . LEU C 1 53 ? -5.298  -0.507  0.757   1.00 20.40 ? 53  LEU C N   1 
ATOM   1105 C CA  . LEU C 1 53 ? -5.932  0.232   -0.335  1.00 20.79 ? 53  LEU C CA  1 
ATOM   1106 C C   . LEU C 1 53 ? -7.375  0.595   0.017   1.00 21.39 ? 53  LEU C C   1 
ATOM   1107 O O   . LEU C 1 53 ? -7.810  1.728   -0.209  1.00 21.07 ? 53  LEU C O   1 
ATOM   1108 C CB  . LEU C 1 53 ? -5.872  -0.578  -1.632  1.00 15.63 ? 53  LEU C CB  1 
ATOM   1109 C CG  . LEU C 1 53 ? -6.668  -0.094  -2.854  1.00 20.47 ? 53  LEU C CG  1 
ATOM   1110 C CD1 . LEU C 1 53 ? -6.319  1.333   -3.286  1.00 20.35 ? 53  LEU C CD1 1 
ATOM   1111 C CD2 . LEU C 1 53 ? -6.483  -1.064  -4.021  1.00 20.30 ? 53  LEU C CD2 1 
ATOM   1112 N N   . ILE C 1 54 ? -8.122  -0.349  0.597   1.00 20.39 ? 54  ILE C N   1 
ATOM   1113 C CA  . ILE C 1 54 ? -9.521  -0.087  0.940   1.00 21.50 ? 54  ILE C CA  1 
ATOM   1114 C C   . ILE C 1 54 ? -9.631  0.943   2.071   1.00 22.32 ? 54  ILE C C   1 
ATOM   1115 O O   . ILE C 1 54 ? -10.521 1.807   2.062   1.00 24.49 ? 54  ILE C O   1 
ATOM   1116 C CB  . ILE C 1 54 ? -10.217 -1.414  1.284   1.00 23.21 ? 54  ILE C CB  1 
ATOM   1117 C CG1 . ILE C 1 54 ? -10.424 -2.234  0.012   1.00 20.64 ? 54  ILE C CG1 1 
ATOM   1118 C CG2 . ILE C 1 54 ? -11.540 -1.179  2.011   1.00 22.34 ? 54  ILE C CG2 1 
ATOM   1119 C CD1 . ILE C 1 54 ? -10.766 -3.696  0.275   1.00 19.33 ? 54  ILE C CD1 1 
ATOM   1120 N N   . GLU C 1 55 ? -8.722  0.892   3.050   1.00 23.43 ? 55  GLU C N   1 
ATOM   1121 C CA  . GLU C 1 55 ? -8.711  1.902   4.112   1.00 25.40 ? 55  GLU C CA  1 
ATOM   1122 C C   . GLU C 1 55 ? -8.336  3.272   3.562   1.00 25.78 ? 55  GLU C C   1 
ATOM   1123 O O   . GLU C 1 55 ? -8.897  4.294   3.986   1.00 27.37 ? 55  GLU C O   1 
ATOM   1124 C CB  . GLU C 1 55 ? -7.744  1.494   5.233   1.00 27.50 ? 55  GLU C CB  1 
ATOM   1125 C CG  . GLU C 1 55 ? -8.286  0.427   6.176   1.00 31.40 ? 55  GLU C CG  1 
ATOM   1126 C CD  . GLU C 1 55 ? -7.216  -0.197  7.076   1.00 36.27 ? 55  GLU C CD  1 
ATOM   1127 O OE1 . GLU C 1 55 ? -6.009  0.046   6.853   1.00 39.18 ? 55  GLU C OE1 1 
ATOM   1128 O OE2 . GLU C 1 55 ? -7.585  -0.946  8.008   1.00 35.34 ? 55  GLU C OE2 1 
ATOM   1129 N N   . ARG C 1 56 ? -7.390  3.317   2.615   1.00 24.19 ? 56  ARG C N   1 
ATOM   1130 C CA  . ARG C 1 56 ? -7.082  4.570   1.940   1.00 23.59 ? 56  ARG C CA  1 
ATOM   1131 C C   . ARG C 1 56 ? -8.316  5.121   1.238   1.00 28.22 ? 56  ARG C C   1 
ATOM   1132 O O   . ARG C 1 56 ? -8.593  6.325   1.311   1.00 26.08 ? 56  ARG C O   1 
ATOM   1133 C CB  . ARG C 1 56 ? -5.941  4.368   0.939   1.00 24.64 ? 56  ARG C CB  1 
ATOM   1134 C CG  . ARG C 1 56 ? -5.592  5.617   0.138   1.00 26.65 ? 56  ARG C CG  1 
ATOM   1135 C CD  . ARG C 1 56 ? -4.146  5.583   -0.362  1.00 30.48 ? 56  ARG C CD  1 
ATOM   1136 N NE  . ARG C 1 56 ? -3.198  5.751   0.734   1.00 27.65 ? 56  ARG C NE  1 
ATOM   1137 C CZ  . ARG C 1 56 ? -2.528  4.759   1.305   1.00 26.18 ? 56  ARG C CZ  1 
ATOM   1138 N NH1 . ARG C 1 56 ? -2.619  3.515   0.858   1.00 22.36 ? 56  ARG C NH1 1 
ATOM   1139 N NH2 . ARG C 1 56 ? -1.752  5.019   2.352   1.00 24.80 ? 56  ARG C NH2 1 
ATOM   1140 N N   . LEU C 1 57 ? -9.067  4.252   0.549   1.00 27.96 ? 57  LEU C N   1 
ATOM   1141 C CA  . LEU C 1 57 ? -10.301 4.682   -0.108  1.00 28.27 ? 57  LEU C CA  1 
ATOM   1142 C C   . LEU C 1 57 ? -11.311 5.228   0.897   1.00 27.19 ? 57  LEU C C   1 
ATOM   1143 O O   . LEU C 1 57 ? -11.985 6.227   0.630   1.00 29.53 ? 57  LEU C O   1 
ATOM   1144 C CB  . LEU C 1 57 ? -10.918 3.521   -0.883  1.00 26.30 ? 57  LEU C CB  1 
ATOM   1145 C CG  . LEU C 1 57 ? -11.011 3.697   -2.397  1.00 34.28 ? 57  LEU C CG  1 
ATOM   1146 C CD1 . LEU C 1 57 ? -11.818 2.550   -3.004  1.00 34.95 ? 57  LEU C CD1 1 
ATOM   1147 C CD2 . LEU C 1 57 ? -11.642 5.024   -2.758  1.00 33.25 ? 57  LEU C CD2 1 
ATOM   1148 N N   . ARG C 1 58 ? -11.446 4.571   2.053   1.00 28.62 ? 58  ARG C N   1 
ATOM   1149 C CA  . ARG C 1 58 ? -12.389 5.055   3.057   1.00 28.65 ? 58  ARG C CA  1 
ATOM   1150 C C   . ARG C 1 58 ? -11.971 6.419   3.585   1.00 32.46 ? 58  ARG C C   1 
ATOM   1151 O O   . ARG C 1 58 ? -12.808 7.313   3.754   1.00 36.11 ? 58  ARG C O   1 
ATOM   1152 C CB  . ARG C 1 58 ? -12.507 4.072   4.217   1.00 31.28 ? 58  ARG C CB  1 
ATOM   1153 C CG  . ARG C 1 58 ? -13.298 4.665   5.376   1.00 37.89 ? 58  ARG C CG  1 
ATOM   1154 C CD  . ARG C 1 58 ? -13.816 3.602   6.299   1.00 33.58 ? 58  ARG C CD  1 
ATOM   1155 N NE  . ARG C 1 58 ? -12.739 3.007   7.078   1.00 34.65 ? 58  ARG C NE  1 
ATOM   1156 C CZ  . ARG C 1 58 ? -12.914 2.053   7.983   1.00 41.21 ? 58  ARG C CZ  1 
ATOM   1157 N NH1 . ARG C 1 58 ? -14.116 1.550   8.231   1.00 38.91 ? 58  ARG C NH1 1 
ATOM   1158 N NH2 . ARG C 1 58 ? -11.859 1.590   8.650   1.00 41.06 ? 58  ARG C NH2 1 
ATOM   1159 N N   . ARG C 1 59 ? -10.674 6.603   3.840   1.00 31.98 ? 59  ARG C N   1 
ATOM   1160 C CA  . ARG C 1 59 ? -10.196 7.904   4.291   1.00 31.85 ? 59  ARG C CA  1 
ATOM   1161 C C   . ARG C 1 59 ? -10.431 8.975   3.233   1.00 35.10 ? 59  ARG C C   1 
ATOM   1162 O O   . ARG C 1 59 ? -10.822 10.103  3.559   1.00 32.26 ? 59  ARG C O   1 
ATOM   1163 C CB  . ARG C 1 59 ? -8.718  7.816   4.663   1.00 30.24 ? 59  ARG C CB  1 
ATOM   1164 C CG  . ARG C 1 59 ? -8.495  7.073   5.961   1.00 29.76 ? 59  ARG C CG  1 
ATOM   1165 C CD  . ARG C 1 59 ? -7.087  7.270   6.460   1.00 34.67 ? 59  ARG C CD  1 
ATOM   1166 N NE  . ARG C 1 59 ? -6.115  6.846   5.462   1.00 36.74 ? 59  ARG C NE  1 
ATOM   1167 C CZ  . ARG C 1 59 ? -5.552  5.648   5.446   1.00 29.40 ? 59  ARG C CZ  1 
ATOM   1168 N NH1 . ARG C 1 59 ? -5.834  4.742   6.368   1.00 29.42 ? 59  ARG C NH1 1 
ATOM   1169 N NH2 . ARG C 1 59 ? -4.684  5.352   4.483   1.00 26.70 ? 59  ARG C NH2 1 
ATOM   1170 N N   . GLU C 1 60 ? -10.240 8.631   1.957   1.00 31.59 ? 60  GLU C N   1 
ATOM   1171 C CA  . GLU C 1 60 ? -10.407 9.610   0.892   1.00 33.51 ? 60  GLU C CA  1 
ATOM   1172 C C   . GLU C 1 60 ? -11.871 9.932   0.607   1.00 36.10 ? 60  GLU C C   1 
ATOM   1173 O O   . GLU C 1 60 ? -12.164 11.003  0.062   1.00 29.25 ? 60  GLU C O   1 
ATOM   1174 C CB  . GLU C 1 60 ? -9.733  9.116   -0.396  1.00 30.84 ? 60  GLU C CB  1 
ATOM   1175 C CG  . GLU C 1 60 ? -8.208  8.885   -0.273  1.00 33.53 ? 60  GLU C CG  1 
ATOM   1176 C CD  . GLU C 1 60 ? -7.385  10.094  -0.705  1.00 39.04 ? 60  GLU C CD  1 
ATOM   1177 O OE1 . GLU C 1 60 ? -7.763  11.235  -0.368  1.00 43.87 ? 60  GLU C OE1 1 
ATOM   1178 O OE2 . GLU C 1 60 ? -6.356  9.905   -1.383  1.00 43.96 ? 60  GLU C OE2 1 
ATOM   1179 N N   . LEU C 1 61 ? -12.797 9.034   0.939   1.00 34.95 ? 61  LEU C N   1 
ATOM   1180 C CA  . LEU C 1 61 ? -14.197 9.279   0.619   1.00 38.23 ? 61  LEU C CA  1 
ATOM   1181 C C   . LEU C 1 61 ? -14.984 9.856   1.782   1.00 39.80 ? 61  LEU C C   1 
ATOM   1182 O O   . LEU C 1 61 ? -16.106 10.332  1.570   1.00 43.48 ? 61  LEU C O   1 
ATOM   1183 C CB  . LEU C 1 61 ? -14.877 7.992   0.138   1.00 32.33 ? 61  LEU C CB  1 
ATOM   1184 C CG  . LEU C 1 61 ? -14.300 7.404   -1.145  1.00 37.26 ? 61  LEU C CG  1 
ATOM   1185 C CD1 . LEU C 1 61 ? -14.838 6.000   -1.373  1.00 31.41 ? 61  LEU C CD1 1 
ATOM   1186 C CD2 . LEU C 1 61 ? -14.569 8.298   -2.339  1.00 34.73 ? 61  LEU C CD2 1 
ATOM   1187 N N   . SER C 1 62 ? -14.430 9.837   2.990   1.00 45.51 ? 62  SER C N   1 
ATOM   1188 C CA  . SER C 1 62 ? -15.152 10.298  4.169   1.00 48.15 ? 62  SER C CA  1 
ATOM   1189 C C   . SER C 1 62 ? -14.619 11.637  4.666   1.00 52.34 ? 62  SER C C   1 
ATOM   1190 O O   . SER C 1 62 ? -15.389 12.576  4.874   1.00 65.66 ? 62  SER C O   1 
ATOM   1191 C CB  . SER C 1 62 ? -15.064 9.253   5.275   1.00 48.12 ? 62  SER C CB  1 
ATOM   1192 O OG  . SER C 1 62 ? -15.892 8.149   4.969   1.00 47.36 ? 62  SER C OG  1 
HETATM 1193 N N   . DAS D 2 1  ? 6.736   -9.937  -3.710  1.00 34.44 ? 1   DAS D N   1 
HETATM 1194 C CA  . DAS D 2 1  ? 5.974   -10.324 -4.895  1.00 30.86 ? 1   DAS D CA  1 
HETATM 1195 C C   . DAS D 2 1  ? 4.484   -10.138 -4.652  1.00 32.57 ? 1   DAS D C   1 
HETATM 1196 O O   . DAS D 2 1  ? 3.923   -9.090  -4.978  1.00 29.25 ? 1   DAS D O   1 
HETATM 1197 C CB  . DAS D 2 1  ? 6.420   -9.523  -6.124  1.00 32.01 ? 1   DAS D CB  1 
HETATM 1198 C CG  . DAS D 2 1  ? 5.801   -10.045 -7.417  1.00 34.19 ? 1   DAS D CG  1 
HETATM 1199 O OD1 . DAS D 2 1  ? 6.234   -9.602  -8.506  1.00 36.57 ? 1   DAS D OD1 1 
HETATM 1200 O OD2 . DAS D 2 1  ? 4.880   -10.895 -7.346  1.00 30.95 ? 1   DAS D OD2 1 
HETATM 1201 N N   . DGL D 2 2  ? 3.855   -11.177 -4.107  1.00 31.46 ? 2   DGL D N   1 
HETATM 1202 C CA  . DGL D 2 2  ? 2.461   -11.120 -3.704  1.00 31.89 ? 2   DGL D CA  1 
HETATM 1203 C C   . DGL D 2 2  ? 1.552   -10.910 -4.913  1.00 31.75 ? 2   DGL D C   1 
HETATM 1204 O O   . DGL D 2 2  ? 0.540   -10.194 -4.850  1.00 30.82 ? 2   DGL D O   1 
HETATM 1205 C CB  . DGL D 2 2  ? 2.074   -12.396 -2.923  1.00 34.50 ? 2   DGL D CB  1 
HETATM 1206 C CG  . DGL D 2 2  ? 2.360   -13.737 -3.628  1.00 39.39 ? 2   DGL D CG  1 
HETATM 1207 C CD  . DGL D 2 2  ? 3.648   -14.430 -3.144  1.00 45.95 ? 2   DGL D CD  1 
HETATM 1208 O OE1 . DGL D 2 2  ? 4.580   -13.741 -2.659  1.00 45.52 ? 2   DGL D OE1 1 
HETATM 1209 O OE2 . DGL D 2 2  ? 3.725   -15.676 -3.245  1.00 51.16 ? 2   DGL D OE2 1 
HETATM 1210 N N   . DHI D 2 3  ? 1.928   -11.535 -6.021  1.00 30.36 ? 3   DHI D N   1 
HETATM 1211 C CA  . DHI D 2 3  ? 1.193   -11.382 -7.260  1.00 31.35 ? 3   DHI D CA  1 
HETATM 1212 C C   . DHI D 2 3  ? 1.183   -9.928  -7.730  1.00 25.55 ? 3   DHI D C   1 
HETATM 1213 O O   . DHI D 2 3  ? 0.136   -9.421  -8.128  1.00 26.96 ? 3   DHI D O   1 
HETATM 1214 C CB  . DHI D 2 3  ? 1.762   -12.320 -8.329  1.00 35.06 ? 3   DHI D CB  1 
HETATM 1215 C CG  . DHI D 2 3  ? 1.638   -13.766 -7.967  1.00 43.07 ? 3   DHI D CG  1 
HETATM 1216 N ND1 . DHI D 2 3  ? 2.625   -14.453 -7.290  1.00 44.63 ? 3   DHI D ND1 1 
HETATM 1217 C CD2 . DHI D 2 3  ? 0.625   -14.647 -8.155  1.00 43.40 ? 3   DHI D CD2 1 
HETATM 1218 C CE1 . DHI D 2 3  ? 2.231   -15.699 -7.089  1.00 50.08 ? 3   DHI D CE1 1 
HETATM 1219 N NE2 . DHI D 2 3  ? 1.023   -15.843 -7.606  1.00 49.67 ? 3   DHI D NE2 1 
HETATM 1220 N N   . DGL D 2 4  ? 2.337   -9.265  -7.671  1.00 21.85 ? 4   DGL D N   1 
HETATM 1221 C CA  . DGL D 2 4  ? 2.424   -7.845  -8.014  1.00 23.83 ? 4   DGL D CA  1 
HETATM 1222 C C   . DGL D 2 4  ? 1.461   -7.020  -7.146  1.00 20.93 ? 4   DGL D C   1 
HETATM 1223 O O   . DGL D 2 4  ? 0.757   -6.151  -7.645  1.00 20.06 ? 4   DGL D O   1 
HETATM 1224 C CB  . DGL D 2 4  ? 3.864   -7.334  -7.858  1.00 23.28 ? 4   DGL D CB  1 
HETATM 1225 C CG  . DGL D 2 4  ? 4.026   -5.830  -8.079  1.00 24.52 ? 4   DGL D CG  1 
HETATM 1226 C CD  . DGL D 2 4  ? 3.863   -5.408  -9.544  1.00 23.02 ? 4   DGL D CD  1 
HETATM 1227 O OE1 . DGL D 2 4  ? 3.947   -4.200  -9.819  1.00 25.76 ? 4   DGL D OE1 1 
HETATM 1228 O OE2 . DGL D 2 4  ? 3.671   -6.267  -10.426 1.00 26.30 ? 4   DGL D OE2 1 
HETATM 1229 N N   . DLE D 2 5  ? 1.409   -7.314  -5.851  1.00 21.97 ? 5   DLE D N   1 
HETATM 1230 C CA  . DLE D 2 5  ? 0.490   -6.598  -4.965  1.00 25.00 ? 5   DLE D CA  1 
HETATM 1231 C CB  . DLE D 2 5  ? 0.687   -6.996  -3.497  1.00 21.05 ? 5   DLE D CB  1 
HETATM 1232 C CG  . DLE D 2 5  ? 2.077   -6.770  -2.889  1.00 25.32 ? 5   DLE D CG  1 
HETATM 1233 C CD1 . DLE D 2 5  ? 2.485   -5.290  -2.889  1.00 22.25 ? 5   DLE D CD1 1 
HETATM 1234 C CD2 . DLE D 2 5  ? 2.110   -7.341  -1.478  1.00 23.91 ? 5   DLE D CD2 1 
HETATM 1235 C C   . DLE D 2 5  ? -0.971  -6.793  -5.398  1.00 21.49 ? 5   DLE D C   1 
HETATM 1236 O O   . DLE D 2 5  ? -1.704  -5.810  -5.561  1.00 21.91 ? 5   DLE D O   1 
HETATM 1237 N N   . DLE D 2 6  ? -1.390  -8.042  -5.598  1.00 22.28 ? 6   DLE D N   1 
HETATM 1238 C CA  . DLE D 2 6  ? -2.786  -8.302  -6.007  1.00 23.99 ? 6   DLE D CA  1 
HETATM 1239 C CB  . DLE D 2 6  ? -3.108  -9.802  -6.018  1.00 22.66 ? 6   DLE D CB  1 
HETATM 1240 C CG  . DLE D 2 6  ? -3.009  -10.572 -4.686  1.00 29.30 ? 6   DLE D CG  1 
HETATM 1241 C CD1 . DLE D 2 6  ? -3.899  -9.981  -3.600  1.00 24.21 ? 6   DLE D CD1 1 
HETATM 1242 C CD2 . DLE D 2 6  ? -3.350  -12.044 -4.885  1.00 26.30 ? 6   DLE D CD2 1 
HETATM 1243 C C   . DLE D 2 6  ? -3.128  -7.669  -7.370  1.00 24.23 ? 6   DLE D C   1 
HETATM 1244 O O   . DLE D 2 6  ? -4.209  -7.107  -7.561  1.00 22.36 ? 6   DLE D O   1 
HETATM 1245 N N   . DGL D 2 7  ? -2.196  -7.752  -8.308  1.00 22.01 ? 7   DGL D N   1 
HETATM 1246 C CA  . DGL D 2 7  ? -2.409  -7.205  -9.637  1.00 27.04 ? 7   DGL D CA  1 
HETATM 1247 C C   . DGL D 2 7  ? -2.514  -5.673  -9.576  1.00 23.10 ? 7   DGL D C   1 
HETATM 1248 O O   . DGL D 2 7  ? -3.361  -5.069  -10.244 1.00 23.77 ? 7   DGL D O   1 
HETATM 1249 C CB  . DGL D 2 7  ? -1.258  -7.628  -10.541 1.00 25.63 ? 7   DGL D CB  1 
HETATM 1250 C CG  . DGL D 2 7  ? -1.529  -7.472  -12.012 1.00 33.21 ? 7   DGL D CG  1 
HETATM 1251 C CD  . DGL D 2 7  ? -2.242  -8.669  -12.619 1.00 42.10 ? 7   DGL D CD  1 
HETATM 1252 O OE1 . DGL D 2 7  ? -2.291  -8.752  -13.873 1.00 42.36 ? 7   DGL D OE1 1 
HETATM 1253 O OE2 . DGL D 2 7  ? -2.749  -9.525  -11.851 1.00 42.48 ? 7   DGL D OE2 1 
HETATM 1254 N N   . DTH D 2 8  ? -1.665  -5.050  -8.757  1.00 20.42 ? 8   DTH D N   1 
HETATM 1255 C CA  . DTH D 2 8  ? -1.709  -3.596  -8.578  1.00 21.18 ? 8   DTH D CA  1 
HETATM 1256 C CB  . DTH D 2 8  ? -0.556  -3.084  -7.693  1.00 20.35 ? 8   DTH D CB  1 
HETATM 1257 C CG2 . DTH D 2 8  ? -0.665  -1.587  -7.491  1.00 21.88 ? 8   DTH D CG2 1 
HETATM 1258 O OG1 . DTH D 2 8  ? 0.705   -3.381  -8.317  1.00 25.33 ? 8   DTH D OG1 1 
HETATM 1259 C C   . DTH D 2 8  ? -3.043  -3.184  -7.969  1.00 21.80 ? 8   DTH D C   1 
HETATM 1260 O O   . DTH D 2 8  ? -3.681  -2.236  -8.444  1.00 20.10 ? 8   DTH D O   1 
HETATM 1261 N N   . DAL D 2 9  ? -3.468  -3.905  -6.935  1.00 20.38 ? 9   DAL D N   1 
HETATM 1262 C CA  . DAL D 2 9  ? -4.748  -3.609  -6.275  1.00 22.08 ? 9   DAL D CA  1 
HETATM 1263 C CB  . DAL D 2 9  ? -4.932  -4.482  -5.042  1.00 18.16 ? 9   DAL D CB  1 
HETATM 1264 C C   . DAL D 2 9  ? -5.940  -3.752  -7.239  1.00 21.65 ? 9   DAL D C   1 
HETATM 1265 O O   . DAL D 2 9  ? -6.837  -2.906  -7.260  1.00 20.17 ? 9   DAL D O   1 
HETATM 1266 N N   . DAL D 2 10 ? -5.924  -4.808  -8.050  1.00 21.66 ? 10  DAL D N   1 
HETATM 1267 C CA  . DAL D 2 10 ? -6.985  -5.053  -9.011  1.00 23.05 ? 10  DAL D CA  1 
HETATM 1268 C CB  . DAL D 2 10 ? -6.777  -6.414  -9.712  1.00 20.11 ? 10  DAL D CB  1 
HETATM 1269 C C   . DAL D 2 10 ? -7.043  -3.913  -10.029 1.00 27.51 ? 10  DAL D C   1 
HETATM 1270 O O   . DAL D 2 10 ? -8.124  -3.358  -10.292 1.00 25.44 ? 10  DAL D O   1 
HETATM 1271 N N   . DAR D 2 11 ? -5.884  -3.553  -10.582 1.00 23.94 ? 11  DAR D N   1 
HETATM 1272 C CA  . DAR D 2 11 ? -5.830  -2.462  -11.552 1.00 25.42 ? 11  DAR D CA  1 
HETATM 1273 C CB  . DAR D 2 11 ? -4.413  -2.286  -12.098 1.00 24.16 ? 11  DAR D CB  1 
HETATM 1274 C CG  . DAR D 2 11 ? -4.254  -1.105  -13.030 1.00 24.05 ? 11  DAR D CG  1 
HETATM 1275 C CD  . DAR D 2 11 ? -2.842  -1.074  -13.630 1.00 28.75 ? 11  DAR D CD  1 
HETATM 1276 N NE  . DAR D 2 11 ? -1.797  -0.983  -12.614 1.00 23.08 ? 11  DAR D NE  1 
HETATM 1277 C CZ  . DAR D 2 11 ? -1.310  0.166   -12.170 1.00 27.12 ? 11  DAR D CZ  1 
HETATM 1278 N NH1 . DAR D 2 11 ? -0.309  0.206   -11.302 1.00 25.38 ? 11  DAR D NH1 1 
HETATM 1279 N NH2 . DAR D 2 11 ? -1.843  1.307   -12.607 1.00 20.05 ? 11  DAR D NH2 1 
HETATM 1280 C C   . DAR D 2 11 ? -6.311  -1.157  -10.939 1.00 24.93 ? 11  DAR D C   1 
HETATM 1281 O O   . DAR D 2 11 ? -7.007  -0.376  -11.588 1.00 22.97 ? 11  DAR D O   1 
HETATM 1282 N N   . DTR D 2 12 ? -5.943  -0.916  -9.686  1.00 23.86 ? 12  DTR D N   1 
HETATM 1283 C CA  . DTR D 2 12 ? -6.372  0.314   -9.033  1.00 24.75 ? 12  DTR D CA  1 
HETATM 1284 C CB  . DTR D 2 12 ? -5.615  0.531   -7.733  1.00 22.14 ? 12  DTR D CB  1 
HETATM 1285 C CG  . DTR D 2 12 ? -4.234  1.021   -7.937  1.00 23.11 ? 12  DTR D CG  1 
HETATM 1286 C CD1 . DTR D 2 12 ? -3.684  1.475   -9.104  1.00 25.91 ? 12  DTR D CD1 1 
HETATM 1287 N NE1 . DTR D 2 12 ? -2.377  1.839   -8.904  1.00 25.41 ? 12  DTR D NE1 1 
HETATM 1288 C CE2 . DTR D 2 12 ? -2.059  1.626   -7.588  1.00 25.58 ? 12  DTR D CE2 1 
HETATM 1289 C CZ2 . DTR D 2 12 ? -0.860  1.832   -6.912  1.00 20.45 ? 12  DTR D CZ2 1 
HETATM 1290 C CH2 . DTR D 2 12 ? -0.823  1.515   -5.578  1.00 22.29 ? 12  DTR D CH2 1 
HETATM 1291 C CZ3 . DTR D 2 12 ? -1.951  0.997   -4.909  1.00 21.80 ? 12  DTR D CZ3 1 
HETATM 1292 C CE3 . DTR D 2 12 ? -3.147  0.788   -5.582  1.00 20.48 ? 12  DTR D CE3 1 
HETATM 1293 C CD2 . DTR D 2 12 ? -3.209  1.102   -6.949  1.00 24.22 ? 12  DTR D CD2 1 
HETATM 1294 C C   . DTR D 2 12 ? -7.884  0.347   -8.792  1.00 23.61 ? 12  DTR D C   1 
HETATM 1295 O O   . DTR D 2 12 ? -8.532  1.364   -9.040  1.00 24.86 ? 12  DTR D O   1 
HETATM 1296 N N   . DPN D 2 13 ? -8.446  -0.753  -8.298  1.00 24.57 ? 13  DPN D N   1 
HETATM 1297 C CA  . DPN D 2 13 ? -9.897  -0.822  -8.108  1.00 23.13 ? 13  DPN D CA  1 
HETATM 1298 C C   . DPN D 2 13 ? -10.588 -0.559  -9.447  1.00 25.19 ? 13  DPN D C   1 
HETATM 1299 O O   . DPN D 2 13 ? -11.594 0.143   -9.512  1.00 24.47 ? 13  DPN D O   1 
HETATM 1300 C CB  . DPN D 2 13 ? -10.319 -2.191  -7.585  1.00 17.05 ? 13  DPN D CB  1 
HETATM 1301 C CG  . DPN D 2 13 ? -9.995  -2.426  -6.129  1.00 18.93 ? 13  DPN D CG  1 
HETATM 1302 C CD1 . DPN D 2 13 ? -9.437  -3.622  -5.719  1.00 18.66 ? 13  DPN D CD1 1 
HETATM 1303 C CD2 . DPN D 2 13 ? -10.260 -1.453  -5.177  1.00 18.70 ? 13  DPN D CD2 1 
HETATM 1304 C CE1 . DPN D 2 13 ? -9.148  -3.854  -4.385  1.00 19.78 ? 13  DPN D CE1 1 
HETATM 1305 C CE2 . DPN D 2 13 ? -9.959  -1.662  -3.848  1.00 19.40 ? 13  DPN D CE2 1 
HETATM 1306 C CZ  . DPN D 2 13 ? -9.411  -2.871  -3.445  1.00 20.70 ? 13  DPN D CZ  1 
HETATM 1307 N N   . DTY D 2 14 ? -10.035 -1.133  -10.510 1.00 21.85 ? 14  DTY D N   1 
HETATM 1308 C CA  . DTY D 2 14 ? -10.603 -1.008  -11.842 1.00 24.95 ? 14  DTY D CA  1 
HETATM 1309 C C   . DTY D 2 14 ? -10.558 0.431   -12.397 1.00 27.60 ? 14  DTY D C   1 
HETATM 1310 O O   . DTY D 2 14 ? -11.549 0.948   -12.940 1.00 28.84 ? 14  DTY D O   1 
HETATM 1311 C CB  . DTY D 2 14 ? -9.857  -1.953  -12.779 1.00 24.97 ? 14  DTY D CB  1 
HETATM 1312 C CG  . DTY D 2 14 ? -10.162 -1.719  -14.235 1.00 28.34 ? 14  DTY D CG  1 
HETATM 1313 C CD1 . DTY D 2 14 ? -11.346 -2.181  -14.798 1.00 31.55 ? 14  DTY D CD1 1 
HETATM 1314 C CD2 . DTY D 2 14 ? -9.258  -1.048  -15.055 1.00 28.44 ? 14  DTY D CD2 1 
HETATM 1315 C CE1 . DTY D 2 14 ? -11.625 -1.976  -16.144 1.00 33.84 ? 14  DTY D CE1 1 
HETATM 1316 C CE2 . DTY D 2 14 ? -9.527  -0.831  -16.386 1.00 34.41 ? 14  DTY D CE2 1 
HETATM 1317 C CZ  . DTY D 2 14 ? -10.717 -1.295  -16.925 1.00 34.08 ? 14  DTY D CZ  1 
HETATM 1318 O OH  . DTY D 2 14 ? -10.982 -1.085  -18.252 1.00 43.95 ? 14  DTY D OH  1 
HETATM 1319 N N   . DGL D 2 15 ? -9.398  1.063   -12.272 1.00 25.36 ? 15  DGL D N   1 
HETATM 1320 C CA  . DGL D 2 15 ? -9.201  2.443   -12.709 1.00 28.11 ? 15  DGL D CA  1 
HETATM 1321 C C   . DGL D 2 15 ? -10.083 3.390   -11.906 1.00 29.02 ? 15  DGL D C   1 
HETATM 1322 O O   . DGL D 2 15 ? -10.646 4.340   -12.453 1.00 26.54 ? 15  DGL D O   1 
HETATM 1323 C CB  . DGL D 2 15 ? -7.718  2.839   -12.587 1.00 25.35 ? 15  DGL D CB  1 
HETATM 1324 C CG  . DGL D 2 15 ? -6.795  2.083   -13.568 1.00 29.62 ? 15  DGL D CG  1 
HETATM 1325 C CD  . DGL D 2 15 ? -5.307  2.420   -13.400 1.00 32.23 ? 15  DGL D CD  1 
HETATM 1326 O OE1 . DGL D 2 15 ? -4.954  3.153   -12.446 1.00 28.62 ? 15  DGL D OE1 1 
HETATM 1327 O OE2 . DGL D 2 15 ? -4.493  1.960   -14.241 1.00 35.13 ? 15  DGL D OE2 1 
HETATM 1328 N N   . DIL D 2 16 ? -10.213 3.133   -10.604 1.00 26.58 ? 16  DIL D N   1 
HETATM 1329 C CA  . DIL D 2 16 ? -11.057 3.966   -9.750  1.00 26.78 ? 16  DIL D CA  1 
HETATM 1330 C C   . DIL D 2 16 ? -12.533 3.797   -10.106 1.00 30.95 ? 16  DIL D C   1 
HETATM 1331 O O   . DIL D 2 16 ? -13.261 4.781   -10.219 1.00 34.99 ? 16  DIL D O   1 
HETATM 1332 C CB  . DIL D 2 16 ? -10.775 3.731   -8.248  1.00 26.92 ? 16  DIL D CB  1 
HETATM 1333 C CG1 . DIL D 2 16 ? -9.351  4.190   -7.893  1.00 23.37 ? 16  DIL D CG1 1 
HETATM 1334 C CG2 . DIL D 2 16 ? -11.834 4.443   -7.392  1.00 26.97 ? 16  DIL D CG2 1 
HETATM 1335 C CD1 . DIL D 2 16 ? -8.973  3.946   -6.460  1.00 25.18 ? 16  DIL D CD1 1 
HETATM 1336 N N   . DAL D 2 17 ? -12.964 2.557   -10.320 1.00 29.28 ? 17  DAL D N   1 
HETATM 1337 C CA  . DAL D 2 17 ? -14.340 2.290   -10.731 1.00 32.36 ? 17  DAL D CA  1 
HETATM 1338 C CB  . DAL D 2 17 ? -14.596 0.798   -10.785 1.00 22.69 ? 17  DAL D CB  1 
HETATM 1339 C C   . DAL D 2 17 ? -14.672 2.945   -12.083 1.00 36.71 ? 17  DAL D C   1 
HETATM 1340 O O   . DAL D 2 17 ? -15.708 3.585   -12.222 1.00 37.62 ? 17  DAL D O   1 
HETATM 1341 N N   . DLY D 2 18 ? -13.796 2.785   -13.072 1.00 36.38 ? 18  DLY D N   1 
HETATM 1342 C CA  . DLY D 2 18 ? -14.022 3.393   -14.382 1.00 37.44 ? 18  DLY D CA  1 
HETATM 1343 C C   . DLY D 2 18 ? -14.179 4.911   -14.309 1.00 40.35 ? 18  DLY D C   1 
HETATM 1344 O O   . DLY D 2 18 ? -15.001 5.488   -15.018 1.00 46.03 ? 18  DLY D O   1 
HETATM 1345 C CB  . DLY D 2 18 ? -12.874 3.074   -15.335 1.00 38.98 ? 18  DLY D CB  1 
HETATM 1346 C CG  . DLY D 2 18 ? -12.949 1.725   -15.989 1.00 37.83 ? 18  DLY D CG  1 
HETATM 1347 C CD  . DLY D 2 18 ? -12.183 1.751   -17.300 1.00 42.29 ? 18  DLY D CD  1 
HETATM 1348 C CE  . DLY D 2 18 ? -10.904 2.577   -17.203 1.00 43.48 ? 18  DLY D CE  1 
HETATM 1349 N NZ  . DLY D 2 18 ? -9.863  2.158   -18.189 1.00 45.02 ? 18  DLY D NZ  1 
HETATM 1350 N N   . DAR D 2 19 ? -13.384 5.557   -13.464 1.00 37.66 ? 19  DAR D N   1 
HETATM 1351 C CA  . DAR D 2 19 ? -13.403 7.008   -13.404 1.00 43.78 ? 19  DAR D CA  1 
HETATM 1352 C CB  . DAR D 2 19 ? -12.108 7.551   -12.803 1.00 38.83 ? 19  DAR D CB  1 
HETATM 1353 C CG  . DAR D 2 19 ? -12.253 7.936   -11.345 1.00 49.36 ? 19  DAR D CG  1 
HETATM 1354 C CD  . DAR D 2 19 ? -11.000 8.593   -10.791 1.00 56.30 ? 19  DAR D CD  1 
HETATM 1355 N NE  . DAR D 2 19 ? -11.327 9.552   -9.739  1.00 67.20 ? 19  DAR D NE  1 
HETATM 1356 C CZ  . DAR D 2 19 ? -11.523 10.847  -9.951  1.00 71.46 ? 19  DAR D CZ  1 
HETATM 1357 N NH1 . DAR D 2 19 ? -11.397 11.377  -11.157 1.00 69.66 ? 19  DAR D NH1 1 
HETATM 1358 N NH2 . DAR D 2 19 ? -11.856 11.630  -8.928  1.00 77.00 ? 19  DAR D NH2 1 
HETATM 1359 C C   . DAR D 2 19 ? -14.606 7.478   -12.594 1.00 50.08 ? 19  DAR D C   1 
HETATM 1360 O O   . DAR D 2 19 ? -15.694 7.665   -13.139 1.00 56.04 ? 19  DAR D O   1 
HETATM 1361 O O   . HOH E 3 .  ? 7.837   13.112  17.919  1.00 45.43 ? 101 HOH A O   1 
HETATM 1362 O O   . HOH E 3 .  ? 16.601  -9.105  12.087  1.00 43.54 ? 102 HOH A O   1 
HETATM 1363 O O   . HOH E 3 .  ? 17.073  7.366   6.245   1.00 36.29 ? 103 HOH A O   1 
HETATM 1364 O O   . HOH E 3 .  ? 2.909   13.117  -0.803  1.00 32.49 ? 104 HOH A O   1 
HETATM 1365 O O   . HOH E 3 .  ? 25.739  -1.617  10.529  1.00 26.36 ? 105 HOH A O   1 
HETATM 1366 O O   . HOH E 3 .  ? 10.990  -13.018 9.189   1.00 40.47 ? 106 HOH A O   1 
HETATM 1367 O O   . HOH E 3 .  ? 5.251   -8.259  0.343   1.00 35.46 ? 107 HOH A O   1 
HETATM 1368 O O   . HOH E 3 .  ? 22.810  -3.347  5.024   1.00 30.88 ? 108 HOH A O   1 
HETATM 1369 O O   . HOH E 3 .  ? 14.389  11.963  1.849   1.00 28.84 ? 109 HOH A O   1 
HETATM 1370 O O   . HOH E 3 .  ? -4.045  2.567   4.248   1.00 27.90 ? 110 HOH A O   1 
HETATM 1371 O O   . HOH E 3 .  ? 2.053   -1.355  7.974   1.00 27.21 ? 111 HOH A O   1 
HETATM 1372 O O   . HOH E 3 .  ? 12.903  13.888  2.743   1.00 33.27 ? 112 HOH A O   1 
HETATM 1373 O O   . HOH E 3 .  ? 15.742  19.711  -3.841  1.00 33.69 ? 113 HOH A O   1 
HETATM 1374 O O   . HOH E 3 .  ? 16.053  9.015   10.495  1.00 42.98 ? 114 HOH A O   1 
HETATM 1375 O O   . HOH E 3 .  ? 4.838   -12.423 2.250   1.00 42.57 ? 115 HOH A O   1 
HETATM 1376 O O   . HOH E 3 .  ? 12.698  14.135  6.985   1.00 31.94 ? 116 HOH A O   1 
HETATM 1377 O O   . HOH E 3 .  ? 3.425   -2.357  -0.192  1.00 22.34 ? 117 HOH A O   1 
HETATM 1378 O O   . HOH E 3 .  ? -7.101  11.080  3.519   1.00 34.93 ? 118 HOH A O   1 
HETATM 1379 O O   . HOH E 3 .  ? 18.104  -3.945  -0.534  1.00 26.05 ? 119 HOH A O   1 
HETATM 1380 O O   . HOH E 3 .  ? -2.717  15.595  2.029   1.00 34.31 ? 120 HOH A O   1 
HETATM 1381 O O   . HOH E 3 .  ? 2.401   0.236   0.178   1.00 20.44 ? 121 HOH A O   1 
HETATM 1382 O O   . HOH E 3 .  ? -3.418  10.393  -3.005  1.00 44.04 ? 122 HOH A O   1 
HETATM 1383 O O   . HOH E 3 .  ? 2.475   20.712  -4.449  1.00 48.99 ? 123 HOH A O   1 
HETATM 1384 O O   . HOH E 3 .  ? -2.958  3.165   8.875   1.00 46.03 ? 124 HOH A O   1 
HETATM 1385 O O   . HOH E 3 .  ? 9.089   -7.146  -0.227  1.00 35.12 ? 125 HOH A O   1 
HETATM 1386 O O   . HOH F 3 .  ? 7.087   -5.675  -10.548 1.00 24.47 ? 101 HOH B O   1 
HETATM 1387 O O   . HOH F 3 .  ? 2.529   1.303   -10.854 1.00 25.62 ? 102 HOH B O   1 
HETATM 1388 O O   . HOH F 3 .  ? 10.782  -1.879  -13.575 1.00 18.98 ? 103 HOH B O   1 
HETATM 1389 O O   . HOH F 3 .  ? 16.927  -6.262  0.678   1.00 34.73 ? 104 HOH B O   1 
HETATM 1390 O O   . HOH F 3 .  ? 17.262  -4.677  -12.820 1.00 42.42 ? 105 HOH B O   1 
HETATM 1391 O O   . HOH F 3 .  ? 4.802   2.397   -11.899 1.00 36.12 ? 106 HOH B O   1 
HETATM 1392 O O   . HOH F 3 .  ? 20.474  -1.422  -12.986 1.00 39.47 ? 107 HOH B O   1 
HETATM 1393 O O   . HOH F 3 .  ? 11.226  -8.649  -1.934  1.00 42.17 ? 108 HOH B O   1 
HETATM 1394 O O   . HOH F 3 .  ? -5.177  5.025   -8.558  1.00 27.85 ? 109 HOH B O   1 
HETATM 1395 O O   . HOH F 3 .  ? 3.777   4.123   -13.292 0.50 35.84 ? 110 HOH B O   1 
HETATM 1396 O O   . HOH F 3 .  ? 8.047   -5.893  -5.905  1.00 33.71 ? 111 HOH B O   1 
HETATM 1397 O O   . HOH F 3 .  ? -4.839  4.761   -6.220  1.00 33.53 ? 112 HOH B O   1 
HETATM 1398 O O   . HOH F 3 .  ? -6.199  5.145   -4.225  1.00 33.92 ? 113 HOH B O   1 
HETATM 1399 O O   . HOH G 3 .  ? -4.765  8.662   -2.423  1.00 32.50 ? 101 HOH C O   1 
HETATM 1400 O O   . HOH G 3 .  ? -16.377 1.351   8.115   1.00 40.54 ? 102 HOH C O   1 
HETATM 1401 O O   . HOH G 3 .  ? -18.231 -6.993  0.876   1.00 36.59 ? 103 HOH C O   1 
HETATM 1402 O O   . HOH G 3 .  ? -9.876  -19.627 4.041   1.00 45.24 ? 104 HOH C O   1 
HETATM 1403 O O   . HOH G 3 .  ? -15.336 -8.576  12.481  1.00 44.10 ? 105 HOH C O   1 
HETATM 1404 O O   . HOH G 3 .  ? -14.764 -13.449 3.982   1.00 36.86 ? 106 HOH C O   1 
HETATM 1405 O O   . HOH G 3 .  ? -27.853 2.193   1.369   1.00 28.47 ? 107 HOH C O   1 
HETATM 1406 O O   . HOH G 3 .  ? -4.713  2.253   6.930   1.00 34.06 ? 108 HOH C O   1 
HETATM 1407 O O   . HOH G 3 .  ? 1.772   -4.742  11.370  1.00 37.84 ? 109 HOH C O   1 
HETATM 1408 O O   . HOH G 3 .  ? -0.079  0.034   0.842   1.00 18.91 ? 110 HOH C O   1 
HETATM 1409 O O   . HOH G 3 .  ? 2.333   -2.190  5.389   1.00 25.82 ? 111 HOH C O   1 
HETATM 1410 O O   . HOH G 3 .  ? -13.372 -13.694 -0.362  1.00 30.34 ? 112 HOH C O   1 
HETATM 1411 O O   . HOH G 3 .  ? -23.275 3.129   -2.870  1.00 32.97 ? 113 HOH C O   1 
HETATM 1412 O O   . HOH G 3 .  ? -11.056 -10.418 -13.707 1.00 47.21 ? 114 HOH C O   1 
HETATM 1413 O O   . HOH G 3 .  ? -17.257 -15.852 4.479   1.00 32.44 ? 115 HOH C O   1 
HETATM 1414 O O   . HOH G 3 .  ? -13.625 -19.748 -6.893  1.00 29.47 ? 116 HOH C O   1 
HETATM 1415 O O   . HOH G 3 .  ? -17.209 3.695   -7.010  1.00 35.72 ? 117 HOH C O   1 
HETATM 1416 O O   . HOH G 3 .  ? -3.191  2.442   -1.696  1.00 26.49 ? 118 HOH C O   1 
HETATM 1417 O O   . HOH G 3 .  ? -14.681 -11.918 -1.678  1.00 28.67 ? 119 HOH C O   1 
HETATM 1418 O O   . HOH G 3 .  ? -8.140  13.653  -1.858  1.00 42.87 ? 120 HOH C O   1 
HETATM 1419 O O   . HOH G 3 .  ? 1.729   -15.150 4.595   1.00 34.48 ? 121 HOH C O   1 
HETATM 1420 O O   . HOH G 3 .  ? -2.381  -0.273  -0.732  1.00 22.18 ? 122 HOH C O   1 
HETATM 1421 O O   . HOH G 3 .  ? -11.466 -22.605 -0.283  1.00 44.18 ? 123 HOH C O   1 
HETATM 1422 O O   . HOH G 3 .  ? -10.071 -16.434 -6.915  1.00 25.83 ? 124 HOH C O   1 
HETATM 1423 O O   . HOH G 3 .  ? 2.853   -12.934 4.110   1.00 35.99 ? 125 HOH C O   1 
HETATM 1424 O O   . HOH G 3 .  ? -14.916 6.315   8.268   1.00 46.65 ? 126 HOH C O   1 
HETATM 1425 O O   . HOH G 3 .  ? -8.620  7.080   -4.361  1.00 34.90 ? 127 HOH C O   1 
HETATM 1426 O O   . HOH H 3 .  ? 7.596   -7.966  -9.137  1.00 33.14 ? 101 HOH D O   1 
HETATM 1427 O O   . HOH H 3 .  ? 6.493   -12.334 -2.579  1.00 43.55 ? 102 HOH D O   1 
HETATM 1428 O O   . HOH H 3 .  ? 8.277   -7.789  -3.356  1.00 37.39 ? 103 HOH D O   1 
HETATM 1429 O O   . HOH H 3 .  ? -2.351  3.549   -14.406 1.00 38.03 ? 104 HOH D O   1 
HETATM 1430 O O   . HOH H 3 .  ? 1.086   -2.365  -10.760 1.00 26.18 ? 105 HOH D O   1 
HETATM 1431 O O   . HOH H 3 .  ? 6.323   -13.653 -0.572  1.00 45.94 ? 106 HOH D O   1 
HETATM 1432 O O   . HOH H 3 .  ? 5.320   -5.769  -12.654 0.50 22.75 ? 107 HOH D O   1 
HETATM 1433 O O   . HOH H 3 .  ? -5.077  0.505   -16.754 1.00 30.10 ? 108 HOH D O   1 
HETATM 1434 O O   . HOH H 3 .  ? 1.658   -7.841  -12.167 1.00 29.59 ? 109 HOH D O   1 
HETATM 1435 O O   . HOH H 3 .  ? 6.066   -14.913 -5.236  1.00 43.07 ? 110 HOH D O   1 
HETATM 1436 O O   . HOH H 3 .  ? 4.549   -8.865  -12.022 1.00 34.79 ? 111 HOH D O   1 
HETATM 1437 O O   . HOH H 3 .  ? -0.832  -11.161 -15.707 1.00 46.21 ? 112 HOH D O   1 
HETATM 1438 O O   . HOH H 3 .  ? -9.728  8.383   -6.402  1.00 37.42 ? 113 HOH D O   1 
HETATM 1439 O O   . HOH H 3 .  ? 6.237   -5.407  -3.819  1.00 31.77 ? 114 HOH D O   1 
HETATM 1440 O O   . HOH H 3 .  ? 7.200   -5.743  -1.740  1.00 35.32 ? 115 HOH D O   1 
# 
